data_2JNG
#
_entry.id   2JNG
#
_entity_poly.entity_id   1
_entity_poly.type   'polypeptide(L)'
_entity_poly.pdbx_seq_one_letter_code
;GSHMRSEFASGNTYALYVRDTLQPGMRVRMLDDYEEISAGDEGEFRQSNNGVPPVQVFWESTGRTYWVHWHMLEILGFEE
DIEDMVEADEYQGAVASRVLGRALP
;
_entity_poly.pdbx_strand_id   A
#
# COMPACT_ATOMS: atom_id res chain seq x y z
N MET A 4 -0.77 14.12 5.68
CA MET A 4 -1.20 12.75 5.82
C MET A 4 -0.22 12.02 6.75
N ARG A 5 -0.41 10.73 6.96
CA ARG A 5 0.48 9.94 7.83
C ARG A 5 1.95 10.00 7.35
N SER A 6 2.15 10.22 6.05
CA SER A 6 3.47 10.41 5.46
C SER A 6 4.10 11.75 5.94
N GLU A 7 3.50 12.33 6.98
CA GLU A 7 3.88 13.61 7.55
C GLU A 7 5.37 13.68 7.88
N PHE A 8 6.00 12.51 8.04
CA PHE A 8 7.43 12.43 8.37
C PHE A 8 8.26 13.25 7.39
N ALA A 9 9.48 13.62 7.80
CA ALA A 9 10.32 14.56 7.03
C ALA A 9 10.45 14.16 5.57
N SER A 10 10.71 12.88 5.33
CA SER A 10 10.80 12.39 3.99
C SER A 10 9.66 11.42 3.69
N GLY A 11 8.94 11.03 4.74
CA GLY A 11 7.83 10.12 4.60
C GLY A 11 8.29 8.68 4.53
N ASN A 12 9.60 8.47 4.57
CA ASN A 12 10.19 7.14 4.51
C ASN A 12 9.90 6.37 5.79
N THR A 13 9.75 7.08 6.91
CA THR A 13 9.41 6.45 8.17
C THR A 13 8.03 5.84 8.11
N TYR A 14 7.16 6.45 7.33
CA TYR A 14 5.83 5.93 7.11
C TYR A 14 5.92 4.59 6.36
N ALA A 15 6.77 4.57 5.34
CA ALA A 15 7.06 3.35 4.61
C ALA A 15 7.56 2.26 5.53
N LEU A 16 8.32 2.65 6.54
CA LEU A 16 8.87 1.71 7.49
C LEU A 16 7.78 1.18 8.43
N TYR A 17 6.98 2.13 8.94
CA TYR A 17 5.88 1.83 9.87
C TYR A 17 4.92 0.84 9.25
N VAL A 18 4.41 1.17 8.08
CA VAL A 18 3.47 0.32 7.38
C VAL A 18 4.09 -1.05 7.04
N ARG A 19 5.34 -1.05 6.53
CA ARG A 19 5.99 -2.29 6.13
C ARG A 19 6.02 -3.35 7.24
N ASP A 20 6.22 -2.90 8.48
CA ASP A 20 6.28 -3.82 9.62
C ASP A 20 4.94 -4.50 9.82
N THR A 21 3.85 -3.76 9.71
CA THR A 21 2.54 -4.31 9.98
C THR A 21 1.92 -4.94 8.73
N LEU A 22 2.28 -4.42 7.57
CA LEU A 22 1.75 -4.94 6.31
C LEU A 22 2.38 -6.27 5.94
N GLN A 23 1.78 -7.35 6.39
CA GLN A 23 2.18 -8.69 6.00
C GLN A 23 1.20 -9.25 4.99
N PRO A 24 1.62 -10.23 4.18
CA PRO A 24 0.74 -10.89 3.23
C PRO A 24 -0.58 -11.31 3.86
N GLY A 25 -1.67 -10.68 3.43
CA GLY A 25 -2.97 -10.95 4.01
C GLY A 25 -3.61 -9.70 4.57
N MET A 26 -2.81 -8.63 4.74
CA MET A 26 -3.35 -7.35 5.15
C MET A 26 -4.01 -6.67 3.95
N ARG A 27 -5.27 -6.28 4.13
CA ARG A 27 -5.99 -5.61 3.08
C ARG A 27 -5.54 -4.15 3.00
N VAL A 28 -5.61 -3.58 1.82
CA VAL A 28 -5.14 -2.21 1.61
C VAL A 28 -6.13 -1.43 0.76
N ARG A 29 -6.08 -0.11 0.92
CA ARG A 29 -6.87 0.78 0.09
C ARG A 29 -5.97 1.79 -0.60
N MET A 30 -6.22 2.05 -1.86
CA MET A 30 -5.45 3.02 -2.64
C MET A 30 -5.91 4.41 -2.28
N LEU A 31 -5.03 5.11 -1.59
CA LEU A 31 -5.35 6.41 -1.00
C LEU A 31 -5.07 7.54 -2.00
N ASP A 32 -4.16 7.28 -2.93
CA ASP A 32 -3.81 8.27 -3.95
C ASP A 32 -4.11 7.70 -5.32
N ASP A 33 -4.35 8.57 -6.30
CA ASP A 33 -4.64 8.11 -7.66
C ASP A 33 -3.36 8.13 -8.49
N TYR A 34 -3.04 7.00 -9.15
CA TYR A 34 -1.76 6.87 -9.79
C TYR A 34 -1.79 5.83 -10.91
N GLU A 35 -1.55 6.29 -12.14
CA GLU A 35 -1.41 5.45 -13.32
C GLU A 35 -2.67 4.66 -13.60
N GLU A 36 -2.54 3.33 -13.69
CA GLU A 36 -3.67 2.45 -13.96
C GLU A 36 -4.61 2.37 -12.75
N ILE A 37 -4.06 2.63 -11.58
CA ILE A 37 -4.80 2.49 -10.34
C ILE A 37 -5.46 3.82 -10.00
N SER A 38 -6.64 3.76 -9.41
CA SER A 38 -7.39 4.95 -9.11
C SER A 38 -7.65 5.07 -7.61
N ALA A 39 -7.75 6.30 -7.11
CA ALA A 39 -8.02 6.52 -5.71
C ALA A 39 -9.35 5.91 -5.29
N GLY A 40 -9.31 5.14 -4.23
CA GLY A 40 -10.51 4.45 -3.76
C GLY A 40 -10.48 2.96 -4.06
N ASP A 41 -9.53 2.53 -4.90
CA ASP A 41 -9.38 1.10 -5.19
C ASP A 41 -9.00 0.37 -3.91
N GLU A 42 -9.50 -0.83 -3.74
CA GLU A 42 -9.17 -1.63 -2.57
C GLU A 42 -8.58 -2.95 -3.02
N GLY A 43 -7.67 -3.47 -2.24
CA GLY A 43 -6.96 -4.66 -2.63
C GLY A 43 -6.30 -5.33 -1.45
N GLU A 44 -5.48 -6.32 -1.72
CA GLU A 44 -4.83 -7.08 -0.67
C GLU A 44 -3.30 -7.03 -0.84
N PHE A 45 -2.59 -7.07 0.26
CA PHE A 45 -1.13 -7.06 0.26
C PHE A 45 -0.61 -8.48 0.11
N ARG A 46 0.03 -8.75 -1.02
CA ARG A 46 0.57 -10.08 -1.30
C ARG A 46 2.00 -10.21 -0.81
N GLN A 47 2.83 -9.25 -1.19
CA GLN A 47 4.25 -9.28 -0.83
C GLN A 47 4.87 -7.92 -1.12
N SER A 48 6.07 -7.69 -0.59
CA SER A 48 6.76 -6.45 -0.83
C SER A 48 8.23 -6.67 -1.02
N ASN A 49 8.93 -5.65 -1.50
CA ASN A 49 10.38 -5.68 -1.54
C ASN A 49 10.90 -4.99 -0.28
N ASN A 50 11.40 -5.79 0.65
CA ASN A 50 11.70 -5.33 2.02
C ASN A 50 12.95 -4.45 2.08
N GLY A 51 12.87 -3.28 1.46
CA GLY A 51 13.92 -2.29 1.60
C GLY A 51 13.75 -1.15 0.63
N VAL A 52 12.96 -1.38 -0.41
CA VAL A 52 12.69 -0.35 -1.42
C VAL A 52 11.19 -0.07 -1.53
N PRO A 53 10.81 1.08 -2.09
CA PRO A 53 9.40 1.51 -2.24
C PRO A 53 8.45 0.49 -2.92
N PRO A 54 8.86 -0.23 -4.01
CA PRO A 54 7.96 -1.16 -4.72
C PRO A 54 7.32 -2.23 -3.82
N VAL A 55 5.99 -2.28 -3.86
CA VAL A 55 5.23 -3.27 -3.10
C VAL A 55 4.23 -3.98 -4.04
N GLN A 56 4.12 -5.28 -3.89
CA GLN A 56 3.26 -6.08 -4.77
C GLN A 56 1.87 -6.22 -4.15
N VAL A 57 0.91 -5.53 -4.72
CA VAL A 57 -0.44 -5.52 -4.20
C VAL A 57 -1.43 -5.94 -5.27
N PHE A 58 -2.41 -6.74 -4.90
CA PHE A 58 -3.45 -7.14 -5.81
C PHE A 58 -4.68 -6.25 -5.62
N TRP A 59 -5.06 -5.53 -6.66
CA TRP A 59 -6.18 -4.61 -6.55
C TRP A 59 -7.45 -5.28 -7.02
N GLU A 60 -8.42 -5.29 -6.10
CA GLU A 60 -9.64 -6.03 -6.28
C GLU A 60 -10.53 -5.42 -7.36
N SER A 61 -10.78 -4.11 -7.28
CA SER A 61 -11.76 -3.49 -8.17
C SER A 61 -11.30 -3.56 -9.63
N THR A 62 -10.00 -3.45 -9.84
CA THR A 62 -9.43 -3.56 -11.18
C THR A 62 -9.22 -5.02 -11.53
N GLY A 63 -8.57 -5.73 -10.62
CA GLY A 63 -8.30 -7.13 -10.82
C GLY A 63 -6.88 -7.31 -11.34
N ARG A 64 -6.04 -6.33 -11.10
CA ARG A 64 -4.67 -6.36 -11.58
C ARG A 64 -3.73 -6.30 -10.39
N THR A 65 -2.64 -7.05 -10.45
CA THR A 65 -1.59 -6.92 -9.47
C THR A 65 -0.63 -5.81 -9.90
N TYR A 66 -0.23 -4.98 -8.96
CA TYR A 66 0.53 -3.78 -9.28
C TYR A 66 1.58 -3.52 -8.21
N TRP A 67 2.73 -2.98 -8.62
CA TRP A 67 3.71 -2.53 -7.65
C TRP A 67 3.41 -1.08 -7.28
N VAL A 68 3.03 -0.87 -6.04
CA VAL A 68 2.54 0.42 -5.58
C VAL A 68 3.62 1.11 -4.76
N HIS A 69 3.22 2.01 -3.88
CA HIS A 69 4.17 2.84 -3.16
C HIS A 69 3.69 2.92 -1.71
N TRP A 70 4.58 2.74 -0.76
CA TRP A 70 4.21 2.74 0.65
C TRP A 70 3.39 3.98 1.06
N HIS A 71 3.85 5.15 0.63
CA HIS A 71 3.24 6.41 1.07
C HIS A 71 1.83 6.62 0.54
N MET A 72 1.39 5.80 -0.42
CA MET A 72 0.06 5.98 -0.99
C MET A 72 -0.87 4.82 -0.63
N LEU A 73 -0.43 4.02 0.34
CA LEU A 73 -1.21 2.87 0.78
C LEU A 73 -1.98 3.17 2.06
N GLU A 74 -3.28 2.91 2.03
CA GLU A 74 -4.12 3.02 3.22
C GLU A 74 -4.33 1.62 3.80
N ILE A 75 -4.02 1.44 5.07
CA ILE A 75 -4.07 0.11 5.68
C ILE A 75 -5.49 -0.25 6.12
N LEU A 76 -5.95 -1.42 5.68
CA LEU A 76 -7.26 -1.95 6.08
C LEU A 76 -7.05 -3.36 6.60
N GLY A 77 -5.89 -3.58 7.19
CA GLY A 77 -5.49 -4.91 7.61
C GLY A 77 -6.24 -5.39 8.83
N PHE A 78 -5.86 -6.56 9.33
CA PHE A 78 -6.51 -7.19 10.47
C PHE A 78 -7.95 -7.55 10.12
N GLU A 79 -8.20 -7.83 8.84
CA GLU A 79 -9.52 -8.17 8.35
C GLU A 79 -10.01 -9.50 8.95
N GLU A 80 -9.06 -10.33 9.33
CA GLU A 80 -9.37 -11.63 9.92
C GLU A 80 -9.68 -11.45 11.41
N MET A 4 -2.80 14.27 6.88
CA MET A 4 -2.64 13.01 6.20
C MET A 4 -1.18 12.61 6.03
N ARG A 5 -0.95 11.60 5.20
CA ARG A 5 0.37 11.03 4.92
C ARG A 5 1.45 12.12 4.69
N SER A 6 1.04 13.23 4.10
CA SER A 6 1.98 14.25 3.66
C SER A 6 2.50 15.13 4.81
N GLU A 7 2.13 14.81 6.05
CA GLU A 7 2.62 15.55 7.22
C GLU A 7 4.13 15.43 7.34
N PHE A 8 4.67 14.35 6.84
CA PHE A 8 6.10 14.12 6.90
C PHE A 8 6.81 14.83 5.76
N ALA A 9 8.14 14.72 5.73
CA ALA A 9 8.93 15.39 4.70
C ALA A 9 8.50 14.98 3.30
N SER A 10 8.34 13.68 3.12
CA SER A 10 7.82 13.14 1.86
C SER A 10 6.71 12.14 2.16
N GLY A 11 6.42 11.97 3.44
CA GLY A 11 5.44 10.99 3.86
C GLY A 11 6.03 9.61 3.92
N ASN A 12 7.36 9.54 4.03
CA ASN A 12 8.07 8.27 3.96
C ASN A 12 7.97 7.47 5.26
N THR A 13 7.80 8.13 6.40
CA THR A 13 7.64 7.44 7.67
C THR A 13 6.39 6.56 7.64
N TYR A 14 5.40 6.95 6.83
CA TYR A 14 4.21 6.14 6.63
C TYR A 14 4.60 4.79 6.07
N ALA A 15 5.58 4.81 5.18
CA ALA A 15 6.10 3.58 4.56
C ALA A 15 6.72 2.65 5.59
N LEU A 16 7.27 3.22 6.66
CA LEU A 16 7.93 2.47 7.70
C LEU A 16 6.90 1.70 8.51
N TYR A 17 5.83 2.40 8.84
CA TYR A 17 4.72 1.80 9.58
C TYR A 17 4.05 0.72 8.75
N VAL A 18 3.65 1.05 7.54
CA VAL A 18 2.91 0.12 6.71
C VAL A 18 3.73 -1.13 6.37
N ARG A 19 4.99 -0.98 5.99
CA ARG A 19 5.83 -2.10 5.63
C ARG A 19 5.96 -3.11 6.76
N ASP A 20 5.80 -2.64 7.99
CA ASP A 20 5.96 -3.51 9.16
C ASP A 20 4.66 -4.20 9.53
N THR A 21 3.58 -3.46 9.50
CA THR A 21 2.28 -3.96 9.96
C THR A 21 1.57 -4.75 8.89
N LEU A 22 1.91 -4.47 7.62
CA LEU A 22 1.25 -5.09 6.49
C LEU A 22 1.65 -6.57 6.35
N GLN A 23 0.83 -7.44 6.93
CA GLN A 23 1.05 -8.87 6.88
C GLN A 23 0.57 -9.45 5.55
N PRO A 24 1.18 -10.56 5.10
CA PRO A 24 0.76 -11.25 3.88
C PRO A 24 -0.72 -11.66 3.94
N GLY A 25 -1.52 -11.00 3.13
CA GLY A 25 -2.95 -11.28 3.10
C GLY A 25 -3.78 -10.11 3.60
N MET A 26 -3.09 -9.13 4.16
CA MET A 26 -3.75 -7.96 4.71
C MET A 26 -4.20 -7.03 3.61
N ARG A 27 -5.44 -6.54 3.74
CA ARG A 27 -6.02 -5.63 2.75
C ARG A 27 -5.45 -4.23 2.87
N VAL A 28 -5.40 -3.53 1.75
CA VAL A 28 -4.83 -2.20 1.65
C VAL A 28 -5.74 -1.26 0.87
N ARG A 29 -5.57 0.04 1.11
CA ARG A 29 -6.34 1.06 0.39
C ARG A 29 -5.41 2.09 -0.24
N MET A 30 -5.79 2.55 -1.42
CA MET A 30 -5.02 3.58 -2.13
C MET A 30 -5.45 4.98 -1.67
N LEU A 31 -4.50 5.90 -1.52
CA LEU A 31 -4.79 7.23 -1.01
C LEU A 31 -5.02 8.22 -2.13
N ASP A 32 -4.16 8.14 -3.14
CA ASP A 32 -4.22 9.08 -4.25
C ASP A 32 -4.09 8.37 -5.59
N ASP A 33 -4.60 8.98 -6.65
CA ASP A 33 -4.64 8.36 -7.98
C ASP A 33 -3.26 8.36 -8.60
N TYR A 34 -2.84 7.25 -9.18
CA TYR A 34 -1.47 7.11 -9.64
C TYR A 34 -1.32 6.09 -10.77
N GLU A 35 -1.27 6.58 -12.02
CA GLU A 35 -0.82 5.79 -13.19
C GLU A 35 -1.79 4.69 -13.61
N GLU A 36 -2.50 4.13 -12.66
CA GLU A 36 -3.28 2.92 -12.88
C GLU A 36 -4.29 2.74 -11.76
N ILE A 37 -3.87 3.08 -10.55
CA ILE A 37 -4.71 2.90 -9.38
C ILE A 37 -5.30 4.24 -9.00
N SER A 38 -6.49 4.21 -8.42
CA SER A 38 -7.21 5.43 -8.10
C SER A 38 -7.42 5.54 -6.59
N ALA A 39 -7.61 6.77 -6.13
CA ALA A 39 -7.90 7.02 -4.73
C ALA A 39 -9.21 6.34 -4.34
N GLY A 40 -9.17 5.49 -3.32
CA GLY A 40 -10.34 4.74 -2.94
C GLY A 40 -10.28 3.29 -3.36
N ASP A 41 -9.36 2.95 -4.23
CA ASP A 41 -9.15 1.56 -4.63
C ASP A 41 -8.66 0.75 -3.46
N GLU A 42 -9.01 -0.53 -3.45
CA GLU A 42 -8.64 -1.44 -2.37
C GLU A 42 -8.01 -2.69 -2.95
N GLY A 43 -7.11 -3.31 -2.20
CA GLY A 43 -6.42 -4.49 -2.68
C GLY A 43 -5.87 -5.31 -1.56
N GLU A 44 -5.08 -6.32 -1.90
CA GLU A 44 -4.53 -7.21 -0.90
C GLU A 44 -3.00 -7.28 -1.08
N PHE A 45 -2.31 -7.53 0.03
CA PHE A 45 -0.86 -7.61 0.04
C PHE A 45 -0.45 -9.06 -0.08
N ARG A 46 0.27 -9.39 -1.16
CA ARG A 46 0.66 -10.78 -1.40
C ARG A 46 2.14 -10.99 -1.16
N GLN A 47 2.97 -10.15 -1.79
CA GLN A 47 4.40 -10.30 -1.72
C GLN A 47 5.08 -9.00 -2.07
N SER A 48 6.25 -8.74 -1.48
CA SER A 48 6.92 -7.49 -1.67
C SER A 48 8.37 -7.55 -1.21
N ASN A 49 9.03 -6.39 -1.25
CA ASN A 49 10.41 -6.25 -0.81
C ASN A 49 10.45 -5.16 0.23
N ASN A 50 11.11 -5.40 1.34
CA ASN A 50 11.11 -4.43 2.44
C ASN A 50 12.08 -3.31 2.14
N GLY A 51 13.38 -3.67 2.02
CA GLY A 51 14.42 -2.71 1.71
C GLY A 51 14.08 -1.77 0.57
N VAL A 52 13.75 -2.32 -0.58
CA VAL A 52 13.44 -1.52 -1.76
C VAL A 52 11.93 -1.22 -1.86
N PRO A 53 11.59 -0.05 -2.39
CA PRO A 53 10.20 0.45 -2.48
C PRO A 53 9.16 -0.48 -3.16
N PRO A 54 9.48 -1.21 -4.27
CA PRO A 54 8.49 -2.01 -5.00
C PRO A 54 7.71 -2.99 -4.11
N VAL A 55 6.42 -2.74 -3.98
CA VAL A 55 5.52 -3.60 -3.25
C VAL A 55 4.46 -4.12 -4.20
N GLN A 56 4.27 -5.43 -4.24
CA GLN A 56 3.31 -6.00 -5.16
C GLN A 56 1.95 -6.16 -4.50
N VAL A 57 0.99 -5.41 -4.95
CA VAL A 57 -0.34 -5.43 -4.37
C VAL A 57 -1.37 -5.81 -5.41
N PHE A 58 -2.23 -6.75 -5.05
CA PHE A 58 -3.32 -7.14 -5.93
C PHE A 58 -4.51 -6.26 -5.64
N TRP A 59 -4.87 -5.44 -6.62
CA TRP A 59 -5.95 -4.50 -6.44
C TRP A 59 -7.24 -5.15 -6.89
N GLU A 60 -8.12 -5.41 -5.94
CA GLU A 60 -9.30 -6.21 -6.19
C GLU A 60 -10.43 -5.38 -6.75
N SER A 61 -10.39 -4.09 -6.45
CA SER A 61 -11.37 -3.16 -6.96
C SER A 61 -11.19 -2.96 -8.46
N THR A 62 -9.93 -3.02 -8.90
CA THR A 62 -9.63 -2.96 -10.32
C THR A 62 -9.61 -4.37 -10.92
N GLY A 63 -8.82 -5.23 -10.32
CA GLY A 63 -8.73 -6.61 -10.74
C GLY A 63 -7.38 -6.94 -11.38
N ARG A 64 -6.39 -6.15 -11.06
CA ARG A 64 -5.04 -6.38 -11.59
C ARG A 64 -4.01 -6.19 -10.48
N THR A 65 -2.91 -6.92 -10.56
CA THR A 65 -1.82 -6.77 -9.63
C THR A 65 -0.89 -5.63 -10.09
N TYR A 66 -0.33 -4.91 -9.15
CA TYR A 66 0.51 -3.77 -9.46
C TYR A 66 1.59 -3.61 -8.41
N TRP A 67 2.76 -3.11 -8.82
CA TRP A 67 3.82 -2.80 -7.91
C TRP A 67 3.75 -1.33 -7.56
N VAL A 68 3.49 -1.05 -6.30
CA VAL A 68 3.29 0.32 -5.85
C VAL A 68 4.50 0.73 -5.00
N HIS A 69 4.48 1.94 -4.46
CA HIS A 69 5.48 2.37 -3.48
C HIS A 69 4.90 2.26 -2.07
N TRP A 70 5.71 1.73 -1.14
CA TRP A 70 5.27 1.53 0.23
C TRP A 70 4.61 2.76 0.83
N HIS A 71 5.21 3.93 0.63
CA HIS A 71 4.76 5.16 1.30
C HIS A 71 3.38 5.63 0.84
N MET A 72 2.79 4.96 -0.14
CA MET A 72 1.49 5.40 -0.65
C MET A 72 0.43 4.33 -0.44
N LEU A 73 0.67 3.42 0.49
CA LEU A 73 -0.29 2.36 0.80
C LEU A 73 -0.94 2.60 2.15
N GLU A 74 -2.24 2.42 2.22
CA GLU A 74 -2.98 2.56 3.47
C GLU A 74 -3.40 1.19 3.99
N ILE A 75 -3.19 0.96 5.28
CA ILE A 75 -3.46 -0.35 5.88
C ILE A 75 -4.84 -0.42 6.52
N LEU A 76 -5.54 -1.53 6.26
CA LEU A 76 -6.81 -1.82 6.95
C LEU A 76 -6.55 -2.85 8.04
N GLY A 77 -6.21 -4.05 7.60
CA GLY A 77 -5.89 -5.13 8.52
C GLY A 77 -7.05 -5.50 9.38
N PHE A 78 -6.76 -6.09 10.54
CA PHE A 78 -7.78 -6.42 11.51
C PHE A 78 -7.34 -5.93 12.88
N GLU A 79 -6.37 -5.02 12.87
CA GLU A 79 -5.92 -4.36 14.08
C GLU A 79 -7.09 -3.64 14.74
N GLU A 80 -7.92 -3.05 13.89
CA GLU A 80 -9.14 -2.40 14.33
C GLU A 80 -10.23 -2.66 13.31
N MET A 4 -0.04 13.23 9.83
CA MET A 4 -0.17 13.27 8.38
C MET A 4 0.88 12.38 7.73
N ARG A 5 0.54 11.87 6.55
CA ARG A 5 1.32 10.86 5.86
C ARG A 5 2.77 11.26 5.69
N SER A 6 3.00 12.42 5.08
CA SER A 6 4.34 12.86 4.75
C SER A 6 4.95 13.73 5.84
N GLU A 7 4.29 13.80 6.98
CA GLU A 7 4.74 14.67 8.05
C GLU A 7 5.64 13.95 9.03
N PHE A 8 6.06 12.76 8.67
CA PHE A 8 7.02 12.02 9.48
C PHE A 8 8.41 12.63 9.32
N ALA A 9 9.35 12.21 10.17
CA ALA A 9 10.69 12.81 10.22
C ALA A 9 11.34 12.92 8.84
N SER A 10 11.27 11.87 8.06
CA SER A 10 11.83 11.88 6.72
C SER A 10 10.73 11.68 5.69
N GLY A 11 9.48 11.74 6.16
CA GLY A 11 8.33 11.56 5.27
C GLY A 11 8.11 10.10 4.92
N ASN A 12 9.12 9.49 4.32
CA ASN A 12 9.10 8.08 3.95
C ASN A 12 8.89 7.18 5.16
N THR A 13 9.22 7.71 6.35
CA THR A 13 9.15 6.97 7.61
C THR A 13 7.78 6.29 7.80
N TYR A 14 6.74 6.91 7.28
CA TYR A 14 5.40 6.35 7.33
C TYR A 14 5.36 5.03 6.58
N ALA A 15 5.96 5.02 5.40
CA ALA A 15 5.99 3.84 4.54
C ALA A 15 6.81 2.72 5.18
N LEU A 16 7.86 3.09 5.89
CA LEU A 16 8.70 2.09 6.52
C LEU A 16 8.03 1.53 7.76
N TYR A 17 7.16 2.32 8.36
CA TYR A 17 6.35 1.89 9.47
C TYR A 17 5.26 0.93 9.02
N VAL A 18 4.48 1.37 8.03
CA VAL A 18 3.34 0.58 7.56
C VAL A 18 3.76 -0.82 7.10
N ARG A 19 4.96 -0.96 6.55
CA ARG A 19 5.43 -2.27 6.09
C ARG A 19 5.60 -3.25 7.24
N ASP A 20 5.65 -2.73 8.45
CA ASP A 20 5.81 -3.55 9.64
C ASP A 20 4.45 -4.08 10.10
N THR A 21 3.45 -3.22 10.03
CA THR A 21 2.13 -3.57 10.46
C THR A 21 1.37 -4.36 9.39
N LEU A 22 1.51 -3.96 8.15
CA LEU A 22 0.80 -4.61 7.05
C LEU A 22 1.55 -5.84 6.60
N GLN A 23 1.09 -6.99 7.08
CA GLN A 23 1.70 -8.27 6.74
C GLN A 23 1.07 -8.87 5.50
N PRO A 24 1.76 -9.83 4.86
CA PRO A 24 1.26 -10.55 3.67
C PRO A 24 -0.13 -11.13 3.92
N GLY A 25 -1.07 -10.72 3.09
CA GLY A 25 -2.42 -11.20 3.23
C GLY A 25 -3.39 -10.09 3.64
N MET A 26 -2.85 -9.03 4.25
CA MET A 26 -3.70 -7.94 4.73
C MET A 26 -4.15 -7.05 3.58
N ARG A 27 -5.33 -6.47 3.75
CA ARG A 27 -5.92 -5.59 2.74
C ARG A 27 -5.39 -4.17 2.84
N VAL A 28 -5.54 -3.45 1.73
CA VAL A 28 -5.08 -2.08 1.63
C VAL A 28 -6.05 -1.22 0.82
N ARG A 29 -6.04 0.07 1.06
CA ARG A 29 -6.85 1.02 0.30
C ARG A 29 -5.98 2.13 -0.30
N MET A 30 -6.18 2.39 -1.58
CA MET A 30 -5.39 3.42 -2.27
C MET A 30 -5.94 4.81 -1.99
N LEU A 31 -5.09 5.70 -1.51
CA LEU A 31 -5.52 7.03 -1.13
C LEU A 31 -5.35 8.07 -2.24
N ASP A 32 -4.55 7.74 -3.25
CA ASP A 32 -4.26 8.68 -4.32
C ASP A 32 -4.51 8.06 -5.69
N ASP A 33 -4.58 8.91 -6.71
CA ASP A 33 -4.70 8.45 -8.09
C ASP A 33 -3.31 8.15 -8.63
N TYR A 34 -3.10 6.94 -9.12
CA TYR A 34 -1.78 6.52 -9.56
C TYR A 34 -1.90 5.55 -10.73
N GLU A 35 -1.84 6.12 -11.94
CA GLU A 35 -1.89 5.34 -13.17
C GLU A 35 -3.18 4.54 -13.28
N GLU A 36 -3.05 3.22 -13.22
CA GLU A 36 -4.19 2.32 -13.39
C GLU A 36 -5.05 2.29 -12.15
N ILE A 37 -4.48 2.67 -11.03
CA ILE A 37 -5.19 2.66 -9.77
C ILE A 37 -5.75 4.03 -9.46
N SER A 38 -6.93 4.06 -8.87
CA SER A 38 -7.60 5.31 -8.55
C SER A 38 -7.78 5.43 -7.04
N ALA A 39 -7.94 6.65 -6.56
CA ALA A 39 -8.19 6.87 -5.16
C ALA A 39 -9.47 6.20 -4.76
N GLY A 40 -9.41 5.34 -3.73
CA GLY A 40 -10.57 4.60 -3.31
C GLY A 40 -10.52 3.13 -3.68
N ASP A 41 -9.58 2.76 -4.55
CA ASP A 41 -9.38 1.36 -4.92
C ASP A 41 -8.92 0.56 -3.70
N GLU A 42 -9.31 -0.69 -3.63
CA GLU A 42 -8.93 -1.56 -2.51
C GLU A 42 -8.36 -2.88 -3.04
N GLY A 43 -7.48 -3.48 -2.28
CA GLY A 43 -6.86 -4.71 -2.68
C GLY A 43 -6.19 -5.43 -1.54
N GLU A 44 -5.46 -6.46 -1.86
CA GLU A 44 -4.78 -7.28 -0.86
C GLU A 44 -3.27 -7.26 -1.08
N PHE A 45 -2.51 -7.27 -0.01
CA PHE A 45 -1.06 -7.24 -0.11
C PHE A 45 -0.53 -8.66 -0.28
N ARG A 46 0.07 -8.93 -1.42
CA ARG A 46 0.58 -10.28 -1.73
C ARG A 46 1.96 -10.51 -1.14
N GLN A 47 2.91 -9.63 -1.48
CA GLN A 47 4.29 -9.80 -1.06
C GLN A 47 5.11 -8.57 -1.45
N SER A 48 6.33 -8.50 -0.94
CA SER A 48 7.22 -7.37 -1.21
C SER A 48 8.66 -7.85 -1.12
N ASN A 49 9.60 -6.97 -1.46
CA ASN A 49 11.01 -7.36 -1.51
C ASN A 49 11.83 -6.53 -0.52
N ASN A 50 12.23 -7.17 0.57
CA ASN A 50 13.12 -6.56 1.57
C ASN A 50 12.52 -5.28 2.17
N GLY A 51 12.89 -4.15 1.59
CA GLY A 51 12.34 -2.88 2.04
C GLY A 51 12.36 -1.86 0.92
N VAL A 52 12.04 -2.30 -0.28
CA VAL A 52 12.08 -1.44 -1.45
C VAL A 52 10.80 -0.64 -1.57
N PRO A 53 10.91 0.62 -2.04
CA PRO A 53 9.76 1.50 -2.26
C PRO A 53 8.62 0.83 -3.06
N PRO A 54 8.91 0.15 -4.18
CA PRO A 54 7.89 -0.57 -4.93
C PRO A 54 7.32 -1.74 -4.13
N VAL A 55 6.00 -1.88 -4.15
CA VAL A 55 5.31 -2.91 -3.40
C VAL A 55 4.36 -3.67 -4.31
N GLN A 56 4.27 -4.98 -4.13
CA GLN A 56 3.44 -5.80 -4.98
C GLN A 56 2.08 -6.01 -4.34
N VAL A 57 1.08 -5.34 -4.88
CA VAL A 57 -0.27 -5.38 -4.33
C VAL A 57 -1.25 -5.89 -5.37
N PHE A 58 -2.17 -6.73 -4.93
CA PHE A 58 -3.24 -7.19 -5.79
C PHE A 58 -4.45 -6.31 -5.61
N TRP A 59 -4.78 -5.56 -6.63
CA TRP A 59 -5.91 -4.66 -6.54
C TRP A 59 -7.15 -5.37 -7.02
N GLU A 60 -8.07 -5.60 -6.10
CA GLU A 60 -9.24 -6.44 -6.32
C GLU A 60 -10.28 -5.74 -7.18
N SER A 61 -10.35 -4.43 -7.05
CA SER A 61 -11.28 -3.63 -7.83
C SER A 61 -10.90 -3.63 -9.31
N THR A 62 -9.61 -3.65 -9.58
CA THR A 62 -9.12 -3.77 -10.95
C THR A 62 -9.07 -5.23 -11.37
N GLY A 63 -8.45 -6.05 -10.54
CA GLY A 63 -8.40 -7.47 -10.76
C GLY A 63 -7.02 -7.94 -11.17
N ARG A 64 -6.04 -7.06 -11.04
CA ARG A 64 -4.67 -7.39 -11.41
C ARG A 64 -3.71 -6.92 -10.34
N THR A 65 -2.49 -7.44 -10.37
CA THR A 65 -1.46 -7.03 -9.44
C THR A 65 -0.72 -5.80 -10.00
N TYR A 66 -0.24 -4.96 -9.12
CA TYR A 66 0.45 -3.75 -9.54
C TYR A 66 1.53 -3.38 -8.52
N TRP A 67 2.60 -2.79 -9.01
CA TRP A 67 3.66 -2.30 -8.15
C TRP A 67 3.38 -0.85 -7.83
N VAL A 68 3.14 -0.58 -6.54
CA VAL A 68 2.88 0.77 -6.09
C VAL A 68 4.01 1.22 -5.19
N HIS A 69 3.96 2.43 -4.66
CA HIS A 69 4.89 2.83 -3.61
C HIS A 69 4.15 2.79 -2.27
N TRP A 70 4.81 2.25 -1.26
CA TRP A 70 4.18 2.02 0.06
C TRP A 70 3.36 3.20 0.55
N HIS A 71 3.91 4.41 0.46
CA HIS A 71 3.25 5.56 1.06
C HIS A 71 2.02 6.02 0.29
N MET A 72 1.69 5.34 -0.81
CA MET A 72 0.52 5.68 -1.60
C MET A 72 -0.74 5.03 -1.04
N LEU A 73 -0.57 3.94 -0.31
CA LEU A 73 -1.70 3.14 0.13
C LEU A 73 -1.87 3.23 1.65
N GLU A 74 -3.13 3.06 2.05
CA GLU A 74 -3.51 3.03 3.47
C GLU A 74 -3.67 1.56 3.89
N ILE A 75 -3.22 1.23 5.09
CA ILE A 75 -3.29 -0.12 5.55
C ILE A 75 -4.70 -0.41 6.07
N LEU A 76 -5.41 -1.28 5.37
CA LEU A 76 -6.79 -1.55 5.70
C LEU A 76 -6.87 -2.65 6.76
N GLY A 77 -5.93 -3.58 6.71
CA GLY A 77 -5.83 -4.60 7.74
C GLY A 77 -6.46 -5.91 7.32
N PHE A 78 -6.46 -6.86 8.25
CA PHE A 78 -6.99 -8.19 8.02
C PHE A 78 -6.92 -8.99 9.30
N GLU A 79 -7.98 -9.74 9.60
CA GLU A 79 -8.00 -10.57 10.80
C GLU A 79 -7.10 -11.79 10.63
N GLU A 80 -5.81 -11.50 10.35
CA GLU A 80 -4.78 -12.53 10.14
C GLU A 80 -4.94 -13.25 8.81
N MET A 4 -1.37 12.80 6.00
CA MET A 4 -0.41 13.09 4.95
C MET A 4 0.92 12.46 5.31
N ARG A 5 1.72 12.09 4.33
CA ARG A 5 2.96 11.36 4.56
C ARG A 5 3.96 12.20 5.35
N SER A 6 4.12 13.44 4.91
CA SER A 6 5.12 14.34 5.47
C SER A 6 4.70 14.86 6.86
N GLU A 7 3.59 14.36 7.38
CA GLU A 7 3.14 14.72 8.73
C GLU A 7 3.92 13.93 9.77
N PHE A 8 4.52 12.82 9.33
CA PHE A 8 5.34 11.98 10.20
C PHE A 8 6.71 12.61 10.38
N ALA A 9 7.48 12.11 11.35
CA ALA A 9 8.78 12.65 11.70
C ALA A 9 9.69 12.82 10.50
N SER A 10 9.75 11.79 9.67
CA SER A 10 10.62 11.79 8.51
C SER A 10 9.79 11.70 7.22
N GLY A 11 8.46 11.64 7.36
CA GLY A 11 7.58 11.45 6.20
C GLY A 11 7.57 10.02 5.71
N ASN A 12 8.76 9.51 5.42
CA ASN A 12 8.96 8.12 5.02
C ASN A 12 8.45 7.20 6.12
N THR A 13 8.43 7.74 7.34
CA THR A 13 7.99 7.02 8.54
C THR A 13 6.64 6.34 8.34
N TYR A 14 5.80 6.94 7.49
CA TYR A 14 4.51 6.36 7.17
C TYR A 14 4.71 5.01 6.45
N ALA A 15 5.49 5.04 5.38
CA ALA A 15 5.81 3.84 4.62
C ALA A 15 6.59 2.84 5.45
N LEU A 16 7.35 3.36 6.40
CA LEU A 16 8.17 2.54 7.27
C LEU A 16 7.28 1.84 8.29
N TYR A 17 6.27 2.56 8.78
CA TYR A 17 5.33 2.02 9.73
C TYR A 17 4.50 0.91 9.09
N VAL A 18 3.90 1.22 7.95
CA VAL A 18 3.03 0.28 7.28
C VAL A 18 3.76 -1.00 6.90
N ARG A 19 5.02 -0.89 6.49
CA ARG A 19 5.83 -2.04 6.10
C ARG A 19 5.93 -3.04 7.25
N ASP A 20 5.84 -2.55 8.48
CA ASP A 20 5.95 -3.38 9.66
C ASP A 20 4.69 -4.20 9.89
N THR A 21 3.55 -3.52 9.92
CA THR A 21 2.28 -4.15 10.28
C THR A 21 1.64 -4.85 9.09
N LEU A 22 1.85 -4.32 7.90
CA LEU A 22 1.23 -4.83 6.69
C LEU A 22 1.79 -6.21 6.35
N GLN A 23 1.08 -7.24 6.76
CA GLN A 23 1.43 -8.61 6.46
C GLN A 23 0.71 -9.07 5.20
N PRO A 24 1.12 -10.21 4.62
CA PRO A 24 0.44 -10.80 3.46
C PRO A 24 -0.98 -11.18 3.80
N GLY A 25 -1.91 -10.76 2.95
CA GLY A 25 -3.31 -11.05 3.20
C GLY A 25 -4.02 -9.86 3.82
N MET A 26 -3.24 -8.86 4.22
CA MET A 26 -3.80 -7.67 4.84
C MET A 26 -4.26 -6.69 3.77
N ARG A 27 -5.47 -6.17 3.93
CA ARG A 27 -6.08 -5.29 2.94
C ARG A 27 -5.59 -3.86 3.07
N VAL A 28 -5.55 -3.19 1.93
CA VAL A 28 -5.07 -1.81 1.85
C VAL A 28 -6.04 -0.97 1.02
N ARG A 29 -5.97 0.34 1.20
CA ARG A 29 -6.75 1.27 0.39
C ARG A 29 -5.84 2.24 -0.37
N MET A 30 -6.05 2.35 -1.66
CA MET A 30 -5.28 3.26 -2.51
C MET A 30 -5.74 4.69 -2.28
N LEU A 31 -4.82 5.55 -1.86
CA LEU A 31 -5.17 6.92 -1.50
C LEU A 31 -5.04 7.90 -2.65
N ASP A 32 -4.46 7.49 -3.78
CA ASP A 32 -4.26 8.40 -4.90
C ASP A 32 -4.37 7.65 -6.23
N ASP A 33 -4.70 8.38 -7.29
CA ASP A 33 -4.79 7.79 -8.62
C ASP A 33 -3.42 7.81 -9.30
N TYR A 34 -3.01 6.67 -9.84
CA TYR A 34 -1.65 6.52 -10.34
C TYR A 34 -1.55 5.45 -11.44
N GLU A 35 -1.54 5.91 -12.70
CA GLU A 35 -1.19 5.13 -13.88
C GLU A 35 -2.00 3.85 -14.12
N GLU A 36 -2.95 3.54 -13.23
CA GLU A 36 -3.81 2.37 -13.42
C GLU A 36 -4.74 2.25 -12.23
N ILE A 37 -4.18 2.46 -11.04
CA ILE A 37 -4.96 2.34 -9.82
C ILE A 37 -5.45 3.70 -9.40
N SER A 38 -6.63 3.75 -8.80
CA SER A 38 -7.26 5.02 -8.47
C SER A 38 -7.56 5.13 -6.99
N ALA A 39 -7.75 6.35 -6.52
CA ALA A 39 -8.07 6.60 -5.14
C ALA A 39 -9.38 5.94 -4.76
N GLY A 40 -9.34 5.09 -3.72
CA GLY A 40 -10.53 4.37 -3.32
C GLY A 40 -10.48 2.92 -3.71
N ASP A 41 -9.56 2.55 -4.58
CA ASP A 41 -9.36 1.15 -4.94
C ASP A 41 -8.88 0.38 -3.70
N GLU A 42 -9.40 -0.83 -3.53
CA GLU A 42 -9.04 -1.64 -2.39
C GLU A 42 -8.20 -2.83 -2.84
N GLY A 43 -7.26 -3.24 -2.01
CA GLY A 43 -6.35 -4.26 -2.43
C GLY A 43 -5.86 -5.10 -1.28
N GLU A 44 -5.11 -6.14 -1.61
CA GLU A 44 -4.52 -7.04 -0.62
C GLU A 44 -3.01 -7.06 -0.80
N PHE A 45 -2.28 -7.12 0.30
CA PHE A 45 -0.83 -7.12 0.25
C PHE A 45 -0.32 -8.53 0.03
N ARG A 46 0.34 -8.74 -1.10
CA ARG A 46 0.89 -10.05 -1.41
C ARG A 46 2.33 -10.18 -0.93
N GLN A 47 3.17 -9.24 -1.32
CA GLN A 47 4.59 -9.31 -0.97
C GLN A 47 5.29 -8.00 -1.31
N SER A 48 6.45 -7.80 -0.75
CA SER A 48 7.23 -6.61 -0.96
C SER A 48 8.62 -6.99 -1.47
N ASN A 49 9.24 -6.12 -2.25
CA ASN A 49 10.59 -6.37 -2.72
C ASN A 49 11.58 -5.85 -1.67
N ASN A 50 12.44 -6.74 -1.23
CA ASN A 50 13.33 -6.48 -0.09
C ASN A 50 14.28 -5.33 -0.39
N GLY A 51 14.23 -4.31 0.44
CA GLY A 51 15.16 -3.22 0.34
C GLY A 51 14.66 -2.09 -0.54
N VAL A 52 13.94 -2.45 -1.60
CA VAL A 52 13.56 -1.47 -2.60
C VAL A 52 12.08 -1.06 -2.50
N PRO A 53 11.74 0.11 -3.01
CA PRO A 53 10.38 0.68 -2.97
C PRO A 53 9.26 -0.22 -3.53
N PRO A 54 9.42 -0.86 -4.71
CA PRO A 54 8.33 -1.64 -5.35
C PRO A 54 7.66 -2.65 -4.42
N VAL A 55 6.33 -2.57 -4.36
CA VAL A 55 5.55 -3.47 -3.52
C VAL A 55 4.45 -4.10 -4.35
N GLN A 56 4.21 -5.40 -4.15
CA GLN A 56 3.25 -6.13 -4.97
C GLN A 56 1.93 -6.25 -4.23
N VAL A 57 0.93 -5.55 -4.73
CA VAL A 57 -0.36 -5.50 -4.11
C VAL A 57 -1.44 -5.94 -5.12
N PHE A 58 -2.31 -6.82 -4.69
CA PHE A 58 -3.41 -7.26 -5.52
C PHE A 58 -4.63 -6.38 -5.31
N TRP A 59 -5.00 -5.64 -6.32
CA TRP A 59 -6.13 -4.69 -6.20
C TRP A 59 -7.41 -5.34 -6.72
N GLU A 60 -8.43 -5.39 -5.87
CA GLU A 60 -9.65 -6.14 -6.18
C GLU A 60 -10.63 -5.34 -7.04
N SER A 61 -10.55 -4.01 -6.97
CA SER A 61 -11.46 -3.17 -7.72
C SER A 61 -11.12 -3.25 -9.21
N THR A 62 -9.84 -3.36 -9.50
CA THR A 62 -9.39 -3.53 -10.89
C THR A 62 -9.26 -5.02 -11.22
N GLY A 63 -8.75 -5.77 -10.26
CA GLY A 63 -8.63 -7.21 -10.41
C GLY A 63 -7.26 -7.61 -10.95
N ARG A 64 -6.26 -6.81 -10.62
CA ARG A 64 -4.89 -7.04 -11.09
C ARG A 64 -3.90 -6.80 -9.97
N THR A 65 -2.75 -7.43 -10.04
CA THR A 65 -1.65 -7.12 -9.17
C THR A 65 -0.88 -5.93 -9.73
N TYR A 66 -0.33 -5.12 -8.86
CA TYR A 66 0.39 -3.94 -9.29
C TYR A 66 1.45 -3.55 -8.27
N TRP A 67 2.56 -3.02 -8.78
CA TRP A 67 3.63 -2.59 -7.92
C TRP A 67 3.46 -1.08 -7.67
N VAL A 68 3.20 -0.75 -6.43
CA VAL A 68 2.89 0.63 -6.07
C VAL A 68 3.98 1.19 -5.16
N HIS A 69 3.86 2.45 -4.79
CA HIS A 69 4.74 3.05 -3.81
C HIS A 69 4.08 2.91 -2.43
N TRP A 70 4.84 2.49 -1.43
CA TRP A 70 4.34 2.25 -0.08
C TRP A 70 3.50 3.41 0.46
N HIS A 71 4.01 4.63 0.32
CA HIS A 71 3.34 5.79 0.94
C HIS A 71 2.04 6.19 0.24
N MET A 72 1.63 5.41 -0.77
CA MET A 72 0.37 5.68 -1.47
C MET A 72 -0.77 4.82 -0.91
N LEU A 73 -0.43 3.86 -0.06
CA LEU A 73 -1.39 2.91 0.45
C LEU A 73 -1.79 3.26 1.88
N GLU A 74 -3.08 3.15 2.14
CA GLU A 74 -3.60 3.29 3.49
C GLU A 74 -3.76 1.90 4.08
N ILE A 75 -3.34 1.73 5.32
CA ILE A 75 -3.35 0.41 5.93
C ILE A 75 -4.69 0.16 6.61
N LEU A 76 -5.47 -0.73 6.02
CA LEU A 76 -6.74 -1.11 6.59
C LEU A 76 -6.50 -2.14 7.71
N GLY A 77 -5.76 -3.17 7.36
CA GLY A 77 -5.43 -4.20 8.33
C GLY A 77 -6.54 -5.20 8.50
N PHE A 78 -6.97 -5.35 9.74
CA PHE A 78 -8.06 -6.26 10.08
C PHE A 78 -8.92 -5.63 11.16
N GLU A 79 -8.78 -4.30 11.30
CA GLU A 79 -9.48 -3.58 12.35
C GLU A 79 -10.98 -3.56 12.11
N GLU A 80 -11.39 -3.85 10.88
CA GLU A 80 -12.80 -3.96 10.57
C GLU A 80 -13.45 -4.98 11.46
N MET A 4 0.22 16.66 4.92
CA MET A 4 1.19 16.21 3.96
C MET A 4 1.72 14.82 4.31
N ARG A 5 2.13 14.07 3.31
CA ARG A 5 2.68 12.74 3.49
C ARG A 5 4.02 12.82 4.24
N SER A 6 4.74 13.92 3.98
CA SER A 6 6.06 14.15 4.61
C SER A 6 5.90 14.69 6.02
N GLU A 7 4.69 14.61 6.57
CA GLU A 7 4.43 15.12 7.91
C GLU A 7 5.21 14.35 8.96
N PHE A 8 5.54 13.09 8.65
CA PHE A 8 6.26 12.24 9.57
C PHE A 8 7.75 12.51 9.52
N ALA A 9 8.50 11.86 10.39
CA ALA A 9 9.92 12.15 10.62
C ALA A 9 10.74 12.27 9.33
N SER A 10 10.55 11.34 8.42
CA SER A 10 11.25 11.37 7.16
C SER A 10 10.28 11.25 5.98
N GLY A 11 8.99 11.44 6.29
CA GLY A 11 7.95 11.27 5.29
C GLY A 11 7.66 9.81 4.96
N ASN A 12 8.68 9.15 4.39
CA ASN A 12 8.61 7.73 4.09
C ASN A 12 8.28 6.90 5.32
N THR A 13 8.61 7.44 6.49
CA THR A 13 8.33 6.78 7.76
C THR A 13 6.87 6.33 7.88
N TYR A 14 5.96 7.07 7.25
CA TYR A 14 4.56 6.69 7.22
C TYR A 14 4.38 5.40 6.45
N ALA A 15 4.96 5.38 5.25
CA ALA A 15 4.98 4.21 4.40
C ALA A 15 5.67 3.05 5.10
N LEU A 16 6.64 3.38 5.95
CA LEU A 16 7.34 2.39 6.73
C LEU A 16 6.42 1.80 7.79
N TYR A 17 5.55 2.64 8.35
CA TYR A 17 4.63 2.21 9.40
C TYR A 17 3.63 1.21 8.85
N VAL A 18 3.02 1.53 7.72
CA VAL A 18 2.07 0.61 7.10
C VAL A 18 2.79 -0.67 6.68
N ARG A 19 3.98 -0.53 6.10
CA ARG A 19 4.80 -1.68 5.71
C ARG A 19 5.10 -2.58 6.90
N ASP A 20 5.40 -1.95 8.03
CA ASP A 20 5.78 -2.64 9.26
C ASP A 20 4.71 -3.63 9.69
N THR A 21 3.45 -3.28 9.45
CA THR A 21 2.34 -4.10 9.93
C THR A 21 1.62 -4.82 8.78
N LEU A 22 2.03 -4.56 7.53
CA LEU A 22 1.43 -5.25 6.39
C LEU A 22 2.07 -6.64 6.25
N GLN A 23 1.35 -7.62 6.73
CA GLN A 23 1.72 -9.01 6.59
C GLN A 23 1.09 -9.60 5.35
N PRO A 24 1.61 -10.73 4.85
CA PRO A 24 0.99 -11.45 3.73
C PRO A 24 -0.48 -11.75 3.98
N GLY A 25 -1.36 -11.09 3.26
CA GLY A 25 -2.77 -11.24 3.48
C GLY A 25 -3.43 -10.00 4.03
N MET A 26 -2.62 -9.01 4.39
CA MET A 26 -3.14 -7.75 4.91
C MET A 26 -3.77 -6.94 3.78
N ARG A 27 -4.92 -6.37 4.05
CA ARG A 27 -5.63 -5.59 3.05
C ARG A 27 -5.10 -4.17 3.02
N VAL A 28 -5.17 -3.53 1.85
CA VAL A 28 -4.65 -2.18 1.67
C VAL A 28 -5.62 -1.32 0.86
N ARG A 29 -5.49 -0.01 1.03
CA ARG A 29 -6.26 0.94 0.23
C ARG A 29 -5.36 1.99 -0.42
N MET A 30 -5.71 2.38 -1.63
CA MET A 30 -4.94 3.35 -2.39
C MET A 30 -5.27 4.79 -1.93
N LEU A 31 -4.27 5.51 -1.44
CA LEU A 31 -4.47 6.86 -0.92
C LEU A 31 -4.29 7.92 -2.00
N ASP A 32 -3.49 7.61 -3.00
CA ASP A 32 -3.15 8.60 -4.03
C ASP A 32 -3.72 8.19 -5.38
N ASP A 33 -3.69 9.12 -6.34
CA ASP A 33 -4.15 8.82 -7.68
C ASP A 33 -2.97 8.49 -8.58
N TYR A 34 -3.03 7.34 -9.23
CA TYR A 34 -1.92 6.82 -9.99
C TYR A 34 -2.27 6.62 -11.46
N GLU A 35 -1.29 6.18 -12.23
CA GLU A 35 -1.42 6.04 -13.66
C GLU A 35 -2.06 4.70 -14.02
N GLU A 36 -2.90 4.18 -13.12
CA GLU A 36 -3.51 2.87 -13.28
C GLU A 36 -4.54 2.64 -12.17
N ILE A 37 -4.13 3.07 -10.98
CA ILE A 37 -4.96 2.93 -9.79
C ILE A 37 -5.37 4.32 -9.30
N SER A 38 -6.44 4.41 -8.57
CA SER A 38 -6.94 5.71 -8.12
C SER A 38 -7.21 5.68 -6.63
N ALA A 39 -7.34 6.84 -6.01
CA ALA A 39 -7.58 6.94 -4.60
C ALA A 39 -8.90 6.27 -4.24
N GLY A 40 -8.85 5.38 -3.25
CA GLY A 40 -10.04 4.68 -2.79
C GLY A 40 -10.10 3.23 -3.24
N ASP A 41 -9.32 2.88 -4.26
CA ASP A 41 -9.22 1.50 -4.69
C ASP A 41 -8.64 0.65 -3.57
N GLU A 42 -9.20 -0.54 -3.36
CA GLU A 42 -8.69 -1.42 -2.31
C GLU A 42 -8.12 -2.69 -2.91
N GLY A 43 -7.25 -3.34 -2.17
CA GLY A 43 -6.65 -4.59 -2.59
C GLY A 43 -6.04 -5.35 -1.44
N GLU A 44 -5.32 -6.41 -1.75
CA GLU A 44 -4.69 -7.23 -0.74
C GLU A 44 -3.18 -7.29 -0.96
N PHE A 45 -2.44 -7.41 0.13
CA PHE A 45 -0.98 -7.44 0.07
C PHE A 45 -0.50 -8.88 -0.03
N ARG A 46 0.21 -9.20 -1.09
CA ARG A 46 0.74 -10.54 -1.29
C ARG A 46 2.20 -10.63 -0.88
N GLN A 47 3.02 -9.71 -1.39
CA GLN A 47 4.44 -9.73 -1.15
C GLN A 47 5.07 -8.41 -1.54
N SER A 48 6.24 -8.15 -1.00
CA SER A 48 6.91 -6.89 -1.25
C SER A 48 8.41 -7.06 -1.31
N ASN A 49 9.09 -5.97 -1.58
CA ASN A 49 10.51 -5.91 -1.40
C ASN A 49 10.78 -4.97 -0.25
N ASN A 50 11.13 -5.56 0.88
CA ASN A 50 11.21 -4.79 2.12
C ASN A 50 12.52 -4.04 2.24
N GLY A 51 12.59 -2.91 1.55
CA GLY A 51 13.74 -2.05 1.59
C GLY A 51 13.66 -1.02 0.47
N VAL A 52 12.99 -1.39 -0.60
CA VAL A 52 12.78 -0.52 -1.74
C VAL A 52 11.29 -0.25 -1.96
N PRO A 53 10.94 0.77 -2.77
CA PRO A 53 9.54 1.15 -3.05
C PRO A 53 8.64 0.02 -3.62
N PRO A 54 9.08 -0.74 -4.66
CA PRO A 54 8.23 -1.74 -5.32
C PRO A 54 7.57 -2.74 -4.37
N VAL A 55 6.23 -2.71 -4.33
CA VAL A 55 5.46 -3.67 -3.56
C VAL A 55 4.36 -4.27 -4.44
N GLN A 56 4.19 -5.58 -4.34
CA GLN A 56 3.23 -6.28 -5.19
C GLN A 56 1.90 -6.46 -4.48
N VAL A 57 0.89 -5.77 -4.98
CA VAL A 57 -0.42 -5.77 -4.37
C VAL A 57 -1.47 -6.24 -5.40
N PHE A 58 -2.44 -7.02 -4.94
CA PHE A 58 -3.54 -7.43 -5.79
C PHE A 58 -4.71 -6.48 -5.57
N TRP A 59 -4.99 -5.68 -6.57
CA TRP A 59 -6.07 -4.71 -6.49
C TRP A 59 -7.39 -5.37 -6.82
N GLU A 60 -8.27 -5.47 -5.84
CA GLU A 60 -9.53 -6.16 -6.00
C GLU A 60 -10.51 -5.30 -6.77
N SER A 61 -10.26 -3.99 -6.77
CA SER A 61 -11.08 -3.05 -7.51
C SER A 61 -10.98 -3.30 -9.02
N THR A 62 -9.76 -3.53 -9.48
CA THR A 62 -9.51 -3.76 -10.89
C THR A 62 -9.44 -5.26 -11.18
N GLY A 63 -8.95 -6.01 -10.21
CA GLY A 63 -8.87 -7.45 -10.33
C GLY A 63 -7.52 -7.91 -10.88
N ARG A 64 -6.51 -7.07 -10.69
CA ARG A 64 -5.19 -7.38 -11.24
C ARG A 64 -4.09 -7.14 -10.18
N THR A 65 -3.02 -7.89 -10.31
CA THR A 65 -1.84 -7.70 -9.50
C THR A 65 -1.02 -6.55 -10.06
N TYR A 66 -0.48 -5.70 -9.19
CA TYR A 66 0.28 -4.54 -9.62
C TYR A 66 1.32 -4.13 -8.57
N TRP A 67 2.43 -3.57 -9.04
CA TRP A 67 3.49 -3.11 -8.16
C TRP A 67 3.34 -1.61 -7.91
N VAL A 68 3.13 -1.24 -6.68
CA VAL A 68 2.84 0.15 -6.32
C VAL A 68 3.95 0.70 -5.43
N HIS A 69 3.83 1.94 -5.01
CA HIS A 69 4.77 2.52 -4.07
C HIS A 69 4.14 2.59 -2.67
N TRP A 70 4.92 2.22 -1.66
CA TRP A 70 4.45 2.22 -0.27
C TRP A 70 3.82 3.54 0.16
N HIS A 71 4.37 4.67 -0.32
CA HIS A 71 3.97 5.98 0.17
C HIS A 71 2.49 6.30 -0.12
N MET A 72 1.86 5.53 -1.00
CA MET A 72 0.49 5.83 -1.38
C MET A 72 -0.45 4.71 -0.94
N LEU A 73 0.04 3.83 -0.08
CA LEU A 73 -0.76 2.71 0.39
C LEU A 73 -1.24 2.89 1.84
N GLU A 74 -2.51 2.63 2.06
CA GLU A 74 -3.08 2.69 3.40
C GLU A 74 -3.20 1.29 3.97
N ILE A 75 -2.81 1.13 5.23
CA ILE A 75 -2.93 -0.14 5.91
C ILE A 75 -4.37 -0.43 6.34
N LEU A 76 -4.89 -1.56 5.91
CA LEU A 76 -6.20 -2.02 6.37
C LEU A 76 -6.05 -3.37 7.08
N GLY A 77 -5.62 -3.33 8.33
CA GLY A 77 -5.43 -4.55 9.08
C GLY A 77 -6.71 -5.02 9.73
N PHE A 78 -7.36 -6.00 9.14
CA PHE A 78 -8.58 -6.55 9.70
C PHE A 78 -8.26 -7.62 10.75
N GLU A 79 -6.99 -7.75 11.04
CA GLU A 79 -6.57 -8.63 12.12
C GLU A 79 -6.69 -7.89 13.46
N GLU A 80 -7.86 -8.00 14.06
CA GLU A 80 -8.21 -7.33 15.33
C GLU A 80 -7.57 -5.93 15.43
N MET A 4 -5.22 11.94 5.51
CA MET A 4 -4.95 10.50 5.62
C MET A 4 -3.68 10.25 6.41
N ARG A 5 -3.51 9.01 6.85
CA ARG A 5 -2.37 8.63 7.69
C ARG A 5 -1.05 8.68 6.93
N SER A 6 -1.11 8.32 5.64
CA SER A 6 0.07 8.14 4.81
C SER A 6 0.80 9.46 4.49
N GLU A 7 0.31 10.57 5.01
CA GLU A 7 0.90 11.88 4.68
C GLU A 7 2.22 12.11 5.39
N PHE A 8 2.18 12.30 6.71
CA PHE A 8 3.37 12.61 7.49
C PHE A 8 4.10 13.82 6.92
N ALA A 9 5.38 13.94 7.24
CA ALA A 9 6.22 14.97 6.67
C ALA A 9 6.53 14.66 5.22
N SER A 10 6.92 13.43 4.95
CA SER A 10 7.22 12.98 3.60
C SER A 10 6.57 11.64 3.30
N GLY A 11 5.84 11.13 4.28
CA GLY A 11 5.17 9.86 4.15
C GLY A 11 6.12 8.71 4.29
N ASN A 12 7.40 9.04 4.40
CA ASN A 12 8.45 8.05 4.49
C ASN A 12 8.42 7.33 5.83
N THR A 13 7.91 8.03 6.84
CA THR A 13 7.78 7.44 8.16
C THR A 13 6.67 6.39 8.14
N TYR A 14 5.63 6.67 7.36
CA TYR A 14 4.55 5.74 7.19
C TYR A 14 5.04 4.50 6.42
N ALA A 15 5.86 4.75 5.40
CA ALA A 15 6.49 3.69 4.63
C ALA A 15 7.32 2.77 5.54
N LEU A 16 7.91 3.35 6.57
CA LEU A 16 8.66 2.60 7.56
C LEU A 16 7.71 1.81 8.46
N TYR A 17 6.63 2.46 8.86
CA TYR A 17 5.63 1.84 9.72
C TYR A 17 5.01 0.63 9.06
N VAL A 18 4.46 0.83 7.87
CA VAL A 18 3.78 -0.24 7.16
C VAL A 18 4.67 -1.48 6.92
N ARG A 19 5.97 -1.25 6.81
CA ARG A 19 6.93 -2.34 6.60
C ARG A 19 6.71 -3.51 7.56
N ASP A 20 6.58 -3.22 8.84
CA ASP A 20 6.41 -4.30 9.83
C ASP A 20 4.93 -4.65 10.00
N THR A 21 4.06 -3.73 9.64
CA THR A 21 2.62 -3.89 9.88
C THR A 21 1.94 -4.65 8.75
N LEU A 22 2.53 -4.58 7.57
CA LEU A 22 1.98 -5.23 6.39
C LEU A 22 2.29 -6.72 6.40
N GLN A 23 1.29 -7.49 6.80
CA GLN A 23 1.34 -8.93 6.72
C GLN A 23 0.60 -9.38 5.47
N PRO A 24 1.17 -10.35 4.75
CA PRO A 24 0.54 -10.95 3.57
C PRO A 24 -0.91 -11.37 3.86
N GLY A 25 -1.86 -10.57 3.41
CA GLY A 25 -3.25 -10.82 3.70
C GLY A 25 -3.96 -9.61 4.27
N MET A 26 -3.19 -8.56 4.60
CA MET A 26 -3.77 -7.34 5.14
C MET A 26 -4.30 -6.46 4.00
N ARG A 27 -5.55 -6.02 4.12
CA ARG A 27 -6.16 -5.23 3.07
C ARG A 27 -5.72 -3.76 3.13
N VAL A 28 -5.52 -3.17 1.96
CA VAL A 28 -5.04 -1.80 1.85
C VAL A 28 -5.99 -0.94 1.05
N ARG A 29 -5.88 0.36 1.21
CA ARG A 29 -6.65 1.31 0.41
C ARG A 29 -5.72 2.27 -0.30
N MET A 30 -5.97 2.48 -1.59
CA MET A 30 -5.26 3.49 -2.34
C MET A 30 -5.88 4.85 -2.04
N LEU A 31 -5.21 5.66 -1.24
CA LEU A 31 -5.78 6.93 -0.78
C LEU A 31 -5.34 8.09 -1.66
N ASP A 32 -4.36 7.84 -2.52
CA ASP A 32 -3.92 8.85 -3.47
C ASP A 32 -4.15 8.33 -4.88
N ASP A 33 -4.63 9.19 -5.78
CA ASP A 33 -5.03 8.75 -7.12
C ASP A 33 -3.81 8.67 -8.06
N TYR A 34 -3.85 7.72 -8.96
CA TYR A 34 -2.74 7.44 -9.86
C TYR A 34 -3.27 6.83 -11.15
N GLU A 35 -2.53 7.00 -12.25
CA GLU A 35 -2.91 6.42 -13.55
C GLU A 35 -3.50 5.02 -13.45
N GLU A 36 -2.67 4.04 -13.15
CA GLU A 36 -3.08 2.64 -13.15
C GLU A 36 -4.09 2.36 -12.04
N ILE A 37 -3.70 2.69 -10.82
CA ILE A 37 -4.54 2.44 -9.64
C ILE A 37 -5.14 3.74 -9.15
N SER A 38 -6.42 3.74 -8.81
CA SER A 38 -7.13 4.97 -8.57
C SER A 38 -7.44 5.13 -7.09
N ALA A 39 -7.62 6.37 -6.66
CA ALA A 39 -8.01 6.67 -5.30
C ALA A 39 -9.34 6.01 -5.00
N GLY A 40 -9.38 5.24 -3.91
CA GLY A 40 -10.58 4.52 -3.58
C GLY A 40 -10.45 3.03 -3.87
N ASP A 41 -9.43 2.64 -4.63
CA ASP A 41 -9.20 1.22 -4.92
C ASP A 41 -8.72 0.53 -3.66
N GLU A 42 -9.13 -0.70 -3.49
CA GLU A 42 -8.82 -1.46 -2.29
C GLU A 42 -8.31 -2.83 -2.71
N GLY A 43 -7.43 -3.42 -1.92
CA GLY A 43 -6.87 -4.68 -2.29
C GLY A 43 -6.15 -5.37 -1.15
N GLU A 44 -5.46 -6.46 -1.49
CA GLU A 44 -4.75 -7.24 -0.50
C GLU A 44 -3.25 -7.11 -0.66
N PHE A 45 -2.52 -7.20 0.44
CA PHE A 45 -1.08 -7.17 0.41
C PHE A 45 -0.55 -8.58 0.19
N ARG A 46 0.15 -8.78 -0.92
CA ARG A 46 0.69 -10.10 -1.22
C ARG A 46 2.09 -10.28 -0.66
N GLN A 47 2.99 -9.38 -1.04
CA GLN A 47 4.38 -9.47 -0.61
C GLN A 47 5.17 -8.23 -1.02
N SER A 48 6.39 -8.11 -0.47
CA SER A 48 7.26 -6.98 -0.80
C SER A 48 8.61 -7.51 -1.28
N ASN A 49 9.26 -6.75 -2.14
CA ASN A 49 10.54 -7.17 -2.69
C ASN A 49 11.68 -6.77 -1.75
N ASN A 50 12.22 -7.75 -1.06
CA ASN A 50 13.34 -7.54 -0.12
C ASN A 50 13.10 -6.34 0.80
N GLY A 51 13.81 -5.25 0.55
CA GLY A 51 13.62 -4.05 1.34
C GLY A 51 13.74 -2.79 0.50
N VAL A 52 13.11 -2.82 -0.66
CA VAL A 52 13.15 -1.69 -1.58
C VAL A 52 11.74 -1.10 -1.79
N PRO A 53 11.63 0.03 -2.54
CA PRO A 53 10.33 0.68 -2.82
C PRO A 53 9.25 -0.25 -3.41
N PRO A 54 9.55 -1.03 -4.46
CA PRO A 54 8.55 -1.89 -5.09
C PRO A 54 7.87 -2.85 -4.11
N VAL A 55 6.57 -2.71 -4.01
CA VAL A 55 5.75 -3.51 -3.13
C VAL A 55 4.61 -4.11 -3.96
N GLN A 56 4.36 -5.40 -3.79
CA GLN A 56 3.42 -6.08 -4.67
C GLN A 56 2.07 -6.22 -3.99
N VAL A 57 1.11 -5.46 -4.48
CA VAL A 57 -0.22 -5.42 -3.92
C VAL A 57 -1.24 -5.77 -4.99
N PHE A 58 -2.24 -6.57 -4.64
CA PHE A 58 -3.29 -6.93 -5.57
C PHE A 58 -4.51 -6.04 -5.34
N TRP A 59 -4.88 -5.31 -6.38
CA TRP A 59 -5.98 -4.35 -6.27
C TRP A 59 -7.27 -4.94 -6.86
N GLU A 60 -8.34 -4.89 -6.07
CA GLU A 60 -9.58 -5.58 -6.39
C GLU A 60 -10.30 -4.91 -7.58
N SER A 61 -10.31 -3.58 -7.62
CA SER A 61 -11.05 -2.87 -8.65
C SER A 61 -10.43 -3.10 -10.02
N THR A 62 -9.11 -3.13 -10.07
CA THR A 62 -8.40 -3.40 -11.31
C THR A 62 -8.29 -4.91 -11.56
N GLY A 63 -8.23 -5.65 -10.47
CA GLY A 63 -8.14 -7.09 -10.52
C GLY A 63 -6.77 -7.56 -11.01
N ARG A 64 -5.78 -6.70 -10.81
CA ARG A 64 -4.41 -6.98 -11.23
C ARG A 64 -3.46 -6.68 -10.09
N THR A 65 -2.36 -7.40 -10.02
CA THR A 65 -1.34 -7.10 -9.05
C THR A 65 -0.47 -5.98 -9.57
N TYR A 66 -0.02 -5.11 -8.67
CA TYR A 66 0.71 -3.94 -9.06
C TYR A 66 1.74 -3.57 -7.99
N TRP A 67 2.86 -3.01 -8.44
CA TRP A 67 3.90 -2.56 -7.51
C TRP A 67 3.74 -1.07 -7.25
N VAL A 68 3.43 -0.74 -6.01
CA VAL A 68 3.14 0.62 -5.64
C VAL A 68 4.32 1.21 -4.88
N HIS A 69 4.32 2.52 -4.65
CA HIS A 69 5.27 3.11 -3.71
C HIS A 69 4.65 3.08 -2.32
N TRP A 70 5.41 2.70 -1.31
CA TRP A 70 4.90 2.47 0.04
C TRP A 70 3.92 3.55 0.53
N HIS A 71 4.31 4.81 0.40
CA HIS A 71 3.52 5.92 0.94
C HIS A 71 2.25 6.16 0.10
N MET A 72 2.02 5.35 -0.93
CA MET A 72 0.86 5.52 -1.79
C MET A 72 -0.31 4.69 -1.30
N LEU A 73 -0.03 3.69 -0.47
CA LEU A 73 -1.07 2.79 0.01
C LEU A 73 -1.26 2.92 1.50
N GLU A 74 -2.52 3.00 1.91
CA GLU A 74 -2.86 3.12 3.31
C GLU A 74 -3.73 1.96 3.75
N ILE A 75 -3.14 1.07 4.55
CA ILE A 75 -3.86 -0.09 5.08
C ILE A 75 -5.18 0.26 5.72
N LEU A 76 -6.20 -0.51 5.34
CA LEU A 76 -7.51 -0.39 5.92
C LEU A 76 -7.71 -1.57 6.88
N GLY A 77 -7.07 -2.70 6.56
CA GLY A 77 -7.05 -3.86 7.42
C GLY A 77 -8.42 -4.34 7.84
N PHE A 78 -8.52 -4.88 9.05
CA PHE A 78 -9.78 -5.32 9.59
C PHE A 78 -10.44 -4.17 10.34
N GLU A 79 -9.99 -2.96 10.06
CA GLU A 79 -10.53 -1.76 10.67
C GLU A 79 -11.70 -1.21 9.87
N GLU A 80 -12.13 -1.97 8.88
CA GLU A 80 -13.27 -1.59 8.06
C GLU A 80 -14.54 -1.59 8.89
N MET A 4 -2.34 12.13 7.78
CA MET A 4 -1.50 12.64 6.70
C MET A 4 -0.18 11.90 6.67
N ARG A 5 0.19 11.41 5.48
CA ARG A 5 1.46 10.75 5.28
C ARG A 5 2.62 11.70 5.48
N SER A 6 2.39 12.97 5.13
CA SER A 6 3.42 13.99 5.24
C SER A 6 3.36 14.69 6.59
N GLU A 7 2.62 14.12 7.52
CA GLU A 7 2.54 14.67 8.88
C GLU A 7 3.79 14.28 9.67
N PHE A 8 4.42 13.21 9.24
CA PHE A 8 5.62 12.69 9.89
C PHE A 8 6.82 13.58 9.58
N ALA A 9 7.96 13.30 10.23
CA ALA A 9 9.14 14.15 10.12
C ALA A 9 9.66 14.20 8.69
N SER A 10 9.76 13.05 8.07
CA SER A 10 10.23 12.96 6.68
C SER A 10 9.14 12.44 5.76
N GLY A 11 8.05 11.94 6.34
CA GLY A 11 7.00 11.35 5.53
C GLY A 11 7.31 9.92 5.16
N ASN A 12 8.58 9.62 4.93
CA ASN A 12 9.03 8.26 4.66
C ASN A 12 8.69 7.33 5.82
N THR A 13 8.56 7.93 7.00
CA THR A 13 8.13 7.22 8.19
C THR A 13 6.81 6.49 7.95
N TYR A 14 5.95 7.09 7.13
CA TYR A 14 4.68 6.48 6.79
C TYR A 14 4.90 5.20 6.01
N ALA A 15 5.74 5.29 4.98
CA ALA A 15 6.12 4.13 4.19
C ALA A 15 6.74 3.04 5.02
N LEU A 16 7.47 3.44 6.07
CA LEU A 16 8.09 2.48 6.98
C LEU A 16 7.03 1.83 7.84
N TYR A 17 6.08 2.64 8.30
CA TYR A 17 4.98 2.16 9.12
C TYR A 17 4.16 1.10 8.38
N VAL A 18 3.73 1.45 7.17
CA VAL A 18 2.92 0.53 6.35
C VAL A 18 3.69 -0.74 6.00
N ARG A 19 4.99 -0.61 5.73
CA ARG A 19 5.86 -1.75 5.43
C ARG A 19 5.76 -2.83 6.50
N ASP A 20 5.93 -2.44 7.76
CA ASP A 20 5.97 -3.39 8.86
C ASP A 20 4.59 -3.85 9.27
N THR A 21 3.59 -3.02 9.05
CA THR A 21 2.23 -3.34 9.48
C THR A 21 1.53 -4.25 8.50
N LEU A 22 1.79 -4.06 7.21
CA LEU A 22 1.15 -4.87 6.19
C LEU A 22 1.85 -6.20 5.99
N GLN A 23 1.22 -7.24 6.54
CA GLN A 23 1.64 -8.60 6.30
C GLN A 23 0.91 -9.19 5.07
N PRO A 24 1.51 -10.22 4.45
CA PRO A 24 0.88 -10.93 3.33
C PRO A 24 -0.54 -11.39 3.68
N GLY A 25 -1.50 -10.96 2.89
CA GLY A 25 -2.87 -11.34 3.14
C GLY A 25 -3.68 -10.20 3.76
N MET A 26 -3.00 -9.15 4.19
CA MET A 26 -3.68 -8.00 4.76
C MET A 26 -4.17 -7.05 3.68
N ARG A 27 -5.37 -6.54 3.86
CA ARG A 27 -6.02 -5.69 2.86
C ARG A 27 -5.54 -4.25 2.95
N VAL A 28 -5.53 -3.61 1.79
CA VAL A 28 -4.94 -2.29 1.64
C VAL A 28 -5.90 -1.34 0.92
N ARG A 29 -5.68 -0.06 1.12
CA ARG A 29 -6.43 0.98 0.42
C ARG A 29 -5.45 1.91 -0.31
N MET A 30 -5.78 2.25 -1.53
CA MET A 30 -4.98 3.18 -2.33
C MET A 30 -5.26 4.60 -1.91
N LEU A 31 -4.29 5.20 -1.26
CA LEU A 31 -4.42 6.51 -0.66
C LEU A 31 -3.99 7.61 -1.63
N ASP A 32 -3.45 7.22 -2.77
CA ASP A 32 -2.98 8.16 -3.77
C ASP A 32 -3.37 7.70 -5.16
N ASP A 33 -3.58 8.61 -6.08
CA ASP A 33 -3.87 8.22 -7.46
C ASP A 33 -2.54 8.01 -8.20
N TYR A 34 -2.39 6.86 -8.82
CA TYR A 34 -1.10 6.49 -9.41
C TYR A 34 -1.30 5.55 -10.58
N GLU A 35 -1.24 6.14 -11.78
CA GLU A 35 -1.31 5.38 -13.02
C GLU A 35 -2.62 4.59 -13.14
N GLU A 36 -2.52 3.25 -13.07
CA GLU A 36 -3.66 2.39 -13.26
C GLU A 36 -4.60 2.44 -12.06
N ILE A 37 -4.07 2.77 -10.90
CA ILE A 37 -4.83 2.74 -9.68
C ILE A 37 -5.14 4.17 -9.22
N SER A 38 -6.25 4.34 -8.53
CA SER A 38 -6.68 5.67 -8.10
C SER A 38 -7.06 5.64 -6.64
N ALA A 39 -7.13 6.83 -6.01
CA ALA A 39 -7.46 6.91 -4.60
C ALA A 39 -8.85 6.33 -4.33
N GLY A 40 -8.90 5.41 -3.37
CA GLY A 40 -10.15 4.77 -3.02
C GLY A 40 -10.21 3.33 -3.49
N ASP A 41 -9.34 2.98 -4.44
CA ASP A 41 -9.19 1.59 -4.85
C ASP A 41 -8.67 0.77 -3.69
N GLU A 42 -9.20 -0.44 -3.52
CA GLU A 42 -8.76 -1.29 -2.43
C GLU A 42 -8.37 -2.66 -2.94
N GLY A 43 -7.50 -3.32 -2.18
CA GLY A 43 -6.94 -4.56 -2.62
C GLY A 43 -6.32 -5.35 -1.50
N GLU A 44 -5.57 -6.39 -1.84
CA GLU A 44 -4.93 -7.24 -0.86
C GLU A 44 -3.42 -7.20 -1.07
N PHE A 45 -2.68 -7.31 0.04
CA PHE A 45 -1.22 -7.28 0.00
C PHE A 45 -0.69 -8.68 -0.27
N ARG A 46 -0.06 -8.87 -1.41
CA ARG A 46 0.47 -10.19 -1.81
C ARG A 46 1.91 -10.40 -1.28
N GLN A 47 2.81 -9.49 -1.68
CA GLN A 47 4.23 -9.62 -1.35
C GLN A 47 4.87 -8.25 -1.32
N SER A 48 5.97 -8.16 -0.57
CA SER A 48 6.70 -6.92 -0.47
C SER A 48 8.16 -7.11 -0.84
N ASN A 49 8.81 -6.03 -1.29
CA ASN A 49 10.24 -6.01 -1.45
C ASN A 49 10.86 -5.71 -0.10
N ASN A 50 12.07 -6.14 0.13
CA ASN A 50 12.68 -6.11 1.46
C ASN A 50 13.15 -4.73 1.87
N GLY A 51 13.43 -3.84 0.93
CA GLY A 51 13.93 -2.55 1.32
C GLY A 51 13.68 -1.44 0.30
N VAL A 52 12.98 -1.76 -0.78
CA VAL A 52 12.71 -0.74 -1.81
C VAL A 52 11.22 -0.45 -1.94
N PRO A 53 10.87 0.73 -2.49
CA PRO A 53 9.48 1.20 -2.64
C PRO A 53 8.49 0.20 -3.31
N PRO A 54 8.88 -0.52 -4.41
CA PRO A 54 7.96 -1.43 -5.10
C PRO A 54 7.36 -2.50 -4.17
N VAL A 55 6.03 -2.58 -4.19
CA VAL A 55 5.28 -3.55 -3.42
C VAL A 55 4.25 -4.26 -4.32
N GLN A 56 4.08 -5.54 -4.13
CA GLN A 56 3.17 -6.32 -4.97
C GLN A 56 1.79 -6.40 -4.29
N VAL A 57 0.83 -5.69 -4.84
CA VAL A 57 -0.52 -5.64 -4.28
C VAL A 57 -1.54 -6.07 -5.33
N PHE A 58 -2.45 -6.94 -4.92
CA PHE A 58 -3.53 -7.38 -5.78
C PHE A 58 -4.74 -6.47 -5.57
N TRP A 59 -5.09 -5.70 -6.58
CA TRP A 59 -6.20 -4.78 -6.44
C TRP A 59 -7.50 -5.45 -6.87
N GLU A 60 -8.43 -5.55 -5.93
CA GLU A 60 -9.67 -6.31 -6.13
C GLU A 60 -10.59 -5.59 -7.11
N SER A 61 -10.59 -4.28 -7.06
CA SER A 61 -11.44 -3.47 -7.90
C SER A 61 -11.10 -3.65 -9.38
N THR A 62 -9.80 -3.76 -9.66
CA THR A 62 -9.36 -3.95 -11.02
C THR A 62 -9.34 -5.45 -11.36
N GLY A 63 -8.92 -6.24 -10.38
CA GLY A 63 -8.91 -7.67 -10.53
C GLY A 63 -7.57 -8.19 -11.00
N ARG A 64 -6.51 -7.44 -10.72
CA ARG A 64 -5.18 -7.82 -11.15
C ARG A 64 -4.15 -7.26 -10.20
N THR A 65 -2.94 -7.77 -10.26
CA THR A 65 -1.89 -7.34 -9.37
C THR A 65 -1.10 -6.18 -9.98
N TYR A 66 -0.59 -5.32 -9.10
CA TYR A 66 0.14 -4.13 -9.52
C TYR A 66 1.19 -3.78 -8.49
N TRP A 67 2.33 -3.25 -8.94
CA TRP A 67 3.40 -2.86 -8.05
C TRP A 67 3.26 -1.38 -7.72
N VAL A 68 3.00 -1.11 -6.46
CA VAL A 68 2.76 0.23 -5.99
C VAL A 68 3.93 0.68 -5.11
N HIS A 69 3.91 1.91 -4.65
CA HIS A 69 4.92 2.39 -3.69
C HIS A 69 4.33 2.59 -2.30
N TRP A 70 5.14 2.35 -1.28
CA TRP A 70 4.68 2.35 0.11
C TRP A 70 4.00 3.65 0.53
N HIS A 71 4.52 4.80 0.12
CA HIS A 71 4.05 6.09 0.65
C HIS A 71 2.62 6.43 0.22
N MET A 72 2.06 5.64 -0.66
CA MET A 72 0.68 5.85 -1.13
C MET A 72 -0.22 4.70 -0.70
N LEU A 73 0.25 3.89 0.25
CA LEU A 73 -0.53 2.77 0.74
C LEU A 73 -1.20 3.07 2.05
N GLU A 74 -2.49 2.81 2.12
CA GLU A 74 -3.24 2.92 3.34
C GLU A 74 -3.56 1.51 3.83
N ILE A 75 -3.38 1.25 5.12
CA ILE A 75 -3.53 -0.07 5.65
C ILE A 75 -4.93 -0.27 6.25
N LEU A 76 -5.55 -1.39 5.92
CA LEU A 76 -6.86 -1.73 6.43
C LEU A 76 -6.77 -2.95 7.35
N GLY A 77 -5.56 -3.45 7.53
CA GLY A 77 -5.41 -4.66 8.31
C GLY A 77 -6.04 -5.85 7.63
N PHE A 78 -7.03 -6.43 8.25
CA PHE A 78 -7.83 -7.48 7.61
C PHE A 78 -9.19 -6.93 7.29
N GLU A 79 -9.72 -6.11 8.20
CA GLU A 79 -10.98 -5.37 7.99
C GLU A 79 -12.15 -6.29 7.69
N GLU A 80 -12.01 -7.57 8.04
CA GLU A 80 -13.05 -8.55 7.77
C GLU A 80 -12.87 -9.75 8.69
N MET A 4 -0.04 14.53 3.94
CA MET A 4 0.70 13.91 2.88
C MET A 4 1.92 13.17 3.40
N ARG A 5 2.77 12.67 2.49
CA ARG A 5 3.90 11.82 2.84
C ARG A 5 4.83 12.47 3.87
N SER A 6 4.98 13.79 3.80
CA SER A 6 5.86 14.50 4.70
C SER A 6 5.21 14.77 6.06
N GLU A 7 4.08 14.10 6.32
CA GLU A 7 3.36 14.22 7.59
C GLU A 7 4.27 13.82 8.74
N PHE A 8 4.92 12.67 8.58
CA PHE A 8 5.89 12.19 9.55
C PHE A 8 7.23 12.89 9.29
N ALA A 9 8.10 12.85 10.31
CA ALA A 9 9.36 13.57 10.27
C ALA A 9 10.27 13.09 9.15
N SER A 10 10.20 11.82 8.83
CA SER A 10 11.03 11.27 7.77
C SER A 10 10.21 11.02 6.51
N GLY A 11 8.90 10.82 6.66
CA GLY A 11 8.07 10.48 5.52
C GLY A 11 8.15 9.01 5.18
N ASN A 12 9.37 8.47 5.14
CA ASN A 12 9.61 7.03 4.97
C ASN A 12 8.91 6.24 6.08
N THR A 13 8.62 6.93 7.18
CA THR A 13 7.96 6.37 8.33
C THR A 13 6.67 5.63 7.95
N TYR A 14 6.01 6.07 6.87
CA TYR A 14 4.85 5.37 6.37
C TYR A 14 5.24 3.94 5.98
N ALA A 15 6.23 3.86 5.10
CA ALA A 15 6.73 2.59 4.60
C ALA A 15 7.24 1.69 5.72
N LEU A 16 7.77 2.33 6.76
CA LEU A 16 8.34 1.61 7.88
C LEU A 16 7.22 1.00 8.74
N TYR A 17 6.18 1.80 8.97
CA TYR A 17 5.01 1.34 9.69
C TYR A 17 4.30 0.22 8.96
N VAL A 18 3.94 0.47 7.71
CA VAL A 18 3.18 -0.51 6.94
C VAL A 18 3.95 -1.83 6.79
N ARG A 19 5.24 -1.77 6.49
CA ARG A 19 6.04 -2.99 6.35
C ARG A 19 6.00 -3.85 7.61
N ASP A 20 5.84 -3.19 8.77
CA ASP A 20 5.86 -3.88 10.04
C ASP A 20 4.51 -4.51 10.33
N THR A 21 3.45 -3.72 10.27
CA THR A 21 2.14 -4.16 10.68
C THR A 21 1.37 -4.88 9.56
N LEU A 22 1.51 -4.36 8.35
CA LEU A 22 0.77 -4.86 7.18
C LEU A 22 1.30 -6.23 6.74
N GLN A 23 0.64 -7.27 7.21
CA GLN A 23 0.98 -8.64 6.87
C GLN A 23 0.37 -9.00 5.54
N PRO A 24 1.01 -9.96 4.83
CA PRO A 24 0.45 -10.53 3.59
C PRO A 24 -0.95 -11.10 3.80
N GLY A 25 -1.92 -10.51 3.14
CA GLY A 25 -3.29 -10.91 3.35
C GLY A 25 -4.11 -9.79 3.93
N MET A 26 -3.43 -8.76 4.42
CA MET A 26 -4.12 -7.59 4.93
C MET A 26 -4.57 -6.68 3.78
N ARG A 27 -5.75 -6.12 3.92
CA ARG A 27 -6.32 -5.27 2.90
C ARG A 27 -5.74 -3.87 2.94
N VAL A 28 -5.64 -3.26 1.78
CA VAL A 28 -5.08 -1.91 1.65
C VAL A 28 -6.02 -1.01 0.85
N ARG A 29 -5.89 0.29 1.05
CA ARG A 29 -6.74 1.26 0.37
C ARG A 29 -5.88 2.30 -0.34
N MET A 30 -6.21 2.56 -1.59
CA MET A 30 -5.49 3.54 -2.40
C MET A 30 -6.07 4.93 -2.19
N LEU A 31 -5.23 5.90 -1.88
CA LEU A 31 -5.71 7.24 -1.66
C LEU A 31 -5.18 8.20 -2.72
N ASP A 32 -4.64 7.65 -3.80
CA ASP A 32 -4.06 8.49 -4.86
C ASP A 32 -4.41 7.91 -6.23
N ASP A 33 -4.39 8.76 -7.25
CA ASP A 33 -4.69 8.34 -8.61
C ASP A 33 -3.39 8.05 -9.34
N TYR A 34 -3.24 6.85 -9.88
CA TYR A 34 -1.98 6.45 -10.51
C TYR A 34 -2.12 5.29 -11.49
N GLU A 35 -2.12 5.62 -12.79
CA GLU A 35 -1.82 4.68 -13.88
C GLU A 35 -2.94 3.68 -14.16
N GLU A 36 -3.75 3.39 -13.17
CA GLU A 36 -4.72 2.29 -13.24
C GLU A 36 -5.57 2.29 -11.98
N ILE A 37 -4.92 2.58 -10.86
CA ILE A 37 -5.61 2.62 -9.58
C ILE A 37 -6.03 4.04 -9.25
N SER A 38 -7.15 4.19 -8.58
CA SER A 38 -7.68 5.50 -8.28
C SER A 38 -7.89 5.65 -6.78
N ALA A 39 -8.11 6.89 -6.35
CA ALA A 39 -8.36 7.16 -4.94
C ALA A 39 -9.68 6.57 -4.51
N GLY A 40 -9.64 5.75 -3.47
CA GLY A 40 -10.86 5.10 -2.98
C GLY A 40 -10.89 3.63 -3.33
N ASP A 41 -10.05 3.22 -4.28
CA ASP A 41 -9.95 1.82 -4.65
C ASP A 41 -9.21 1.05 -3.55
N GLU A 42 -9.51 -0.24 -3.46
CA GLU A 42 -8.92 -1.09 -2.41
C GLU A 42 -8.39 -2.39 -3.02
N GLY A 43 -7.50 -3.03 -2.26
CA GLY A 43 -6.93 -4.30 -2.68
C GLY A 43 -6.30 -5.03 -1.51
N GLU A 44 -5.60 -6.11 -1.79
CA GLU A 44 -4.97 -6.92 -0.74
C GLU A 44 -3.46 -6.89 -0.89
N PHE A 45 -2.77 -6.84 0.24
CA PHE A 45 -1.33 -6.77 0.23
C PHE A 45 -0.72 -8.17 0.20
N ARG A 46 0.14 -8.44 -0.79
CA ARG A 46 0.75 -9.75 -0.90
C ARG A 46 2.23 -9.73 -0.51
N GLN A 47 3.01 -8.87 -1.13
CA GLN A 47 4.46 -8.95 -0.98
C GLN A 47 5.12 -7.56 -1.08
N SER A 48 6.26 -7.43 -0.42
CA SER A 48 7.09 -6.24 -0.55
C SER A 48 8.51 -6.64 -0.93
N ASN A 49 9.24 -5.73 -1.57
CA ASN A 49 10.64 -5.98 -1.89
C ASN A 49 11.51 -5.65 -0.69
N ASN A 50 12.82 -5.84 -0.84
CA ASN A 50 13.74 -5.67 0.30
C ASN A 50 13.72 -4.23 0.80
N GLY A 51 14.12 -3.29 -0.04
CA GLY A 51 14.19 -1.91 0.41
C GLY A 51 14.02 -0.91 -0.70
N VAL A 52 13.28 -1.28 -1.74
CA VAL A 52 13.03 -0.38 -2.85
C VAL A 52 11.58 0.13 -2.84
N PRO A 53 11.31 1.23 -3.57
CA PRO A 53 9.97 1.81 -3.67
C PRO A 53 8.86 0.82 -4.06
N PRO A 54 9.07 -0.05 -5.09
CA PRO A 54 8.03 -0.99 -5.52
C PRO A 54 7.49 -1.89 -4.38
N VAL A 55 6.18 -1.95 -4.29
CA VAL A 55 5.49 -2.84 -3.39
C VAL A 55 4.41 -3.60 -4.15
N GLN A 56 4.30 -4.89 -3.90
CA GLN A 56 3.43 -5.73 -4.72
C GLN A 56 2.08 -5.94 -4.03
N VAL A 57 1.07 -5.32 -4.60
CA VAL A 57 -0.28 -5.37 -4.06
C VAL A 57 -1.25 -5.96 -5.08
N PHE A 58 -2.15 -6.81 -4.62
CA PHE A 58 -3.18 -7.38 -5.49
C PHE A 58 -4.42 -6.50 -5.43
N TRP A 59 -4.69 -5.81 -6.50
CA TRP A 59 -5.80 -4.88 -6.52
C TRP A 59 -7.05 -5.60 -6.97
N GLU A 60 -8.03 -5.67 -6.07
CA GLU A 60 -9.25 -6.40 -6.32
C GLU A 60 -10.10 -5.65 -7.34
N SER A 61 -9.82 -4.38 -7.49
CA SER A 61 -10.52 -3.52 -8.45
C SER A 61 -10.19 -3.94 -9.88
N THR A 62 -8.91 -4.17 -10.15
CA THR A 62 -8.46 -4.55 -11.48
C THR A 62 -8.38 -6.07 -11.60
N GLY A 63 -8.18 -6.74 -10.48
CA GLY A 63 -8.00 -8.17 -10.50
C GLY A 63 -6.60 -8.56 -10.90
N ARG A 64 -5.68 -7.68 -10.63
CA ARG A 64 -4.27 -7.87 -11.04
C ARG A 64 -3.31 -7.51 -9.93
N THR A 65 -2.12 -8.08 -9.98
CA THR A 65 -1.04 -7.69 -9.09
C THR A 65 -0.33 -6.45 -9.65
N TYR A 66 -0.04 -5.51 -8.79
CA TYR A 66 0.55 -4.25 -9.22
C TYR A 66 1.59 -3.77 -8.22
N TRP A 67 2.62 -3.11 -8.72
CA TRP A 67 3.65 -2.53 -7.88
C TRP A 67 3.40 -1.05 -7.66
N VAL A 68 3.12 -0.68 -6.43
CA VAL A 68 2.81 0.69 -6.08
C VAL A 68 3.90 1.26 -5.18
N HIS A 69 3.76 2.50 -4.74
CA HIS A 69 4.70 3.04 -3.75
C HIS A 69 4.10 2.95 -2.35
N TRP A 70 4.91 2.53 -1.39
CA TRP A 70 4.50 2.40 0.02
C TRP A 70 3.71 3.64 0.51
N HIS A 71 4.29 4.81 0.30
CA HIS A 71 3.76 6.04 0.89
C HIS A 71 2.44 6.51 0.25
N MET A 72 2.01 5.86 -0.83
CA MET A 72 0.81 6.30 -1.53
C MET A 72 -0.36 5.36 -1.29
N LEU A 73 -0.27 4.56 -0.22
CA LEU A 73 -1.36 3.65 0.10
C LEU A 73 -1.66 3.67 1.60
N GLU A 74 -2.90 3.32 1.94
CA GLU A 74 -3.35 3.25 3.32
C GLU A 74 -3.39 1.81 3.81
N ILE A 75 -2.98 1.59 5.04
CA ILE A 75 -3.00 0.26 5.63
C ILE A 75 -4.28 0.05 6.41
N LEU A 76 -5.05 -0.96 6.03
CA LEU A 76 -6.28 -1.30 6.73
C LEU A 76 -6.03 -2.39 7.75
N GLY A 77 -5.48 -3.51 7.27
CA GLY A 77 -5.25 -4.63 8.16
C GLY A 77 -6.47 -5.52 8.28
N PHE A 78 -6.97 -5.68 9.48
CA PHE A 78 -8.19 -6.44 9.76
C PHE A 78 -9.05 -5.71 10.78
N GLU A 79 -8.86 -6.09 12.07
CA GLU A 79 -9.52 -5.45 13.19
C GLU A 79 -11.04 -5.64 13.19
N GLU A 80 -11.69 -5.10 12.15
CA GLU A 80 -13.12 -5.21 12.01
C GLU A 80 -13.54 -6.67 11.88
N MET A 4 -1.53 14.21 1.09
CA MET A 4 -1.72 12.91 1.69
C MET A 4 -1.33 12.95 3.17
N ARG A 5 -1.67 11.90 3.91
CA ARG A 5 -1.25 11.79 5.30
C ARG A 5 0.27 11.66 5.36
N SER A 6 0.84 11.09 4.30
CA SER A 6 2.27 10.84 4.19
C SER A 6 3.08 12.12 4.01
N GLU A 7 2.45 13.29 4.25
CA GLU A 7 3.12 14.57 4.07
C GLU A 7 4.16 14.86 5.14
N PHE A 8 4.61 13.83 5.83
CA PHE A 8 5.68 13.97 6.83
C PHE A 8 6.95 14.53 6.21
N ALA A 9 8.00 14.67 7.03
CA ALA A 9 9.26 15.27 6.58
C ALA A 9 9.73 14.73 5.23
N SER A 10 9.72 13.42 5.09
CA SER A 10 10.03 12.78 3.82
C SER A 10 8.95 11.71 3.51
N GLY A 11 7.90 11.72 4.31
CA GLY A 11 6.88 10.70 4.20
C GLY A 11 7.35 9.37 4.76
N ASN A 12 8.51 9.41 5.41
CA ASN A 12 9.18 8.20 5.88
C ASN A 12 8.41 7.54 7.02
N THR A 13 7.91 8.31 7.98
CA THR A 13 7.12 7.76 9.09
C THR A 13 5.97 6.87 8.58
N TYR A 14 5.31 7.32 7.52
CA TYR A 14 4.21 6.56 6.94
C TYR A 14 4.74 5.28 6.32
N ALA A 15 5.78 5.41 5.51
CA ALA A 15 6.47 4.26 4.93
C ALA A 15 6.92 3.26 5.99
N LEU A 16 7.40 3.77 7.11
CA LEU A 16 7.89 2.95 8.19
C LEU A 16 6.75 2.15 8.82
N TYR A 17 5.67 2.86 9.07
CA TYR A 17 4.48 2.28 9.69
C TYR A 17 3.94 1.12 8.85
N VAL A 18 3.70 1.39 7.58
CA VAL A 18 3.08 0.42 6.69
C VAL A 18 3.92 -0.86 6.55
N ARG A 19 5.24 -0.74 6.42
CA ARG A 19 6.10 -1.92 6.29
C ARG A 19 5.90 -2.88 7.46
N ASP A 20 5.78 -2.34 8.67
CA ASP A 20 5.70 -3.15 9.87
C ASP A 20 4.26 -3.62 10.12
N THR A 21 3.31 -2.72 9.99
CA THR A 21 1.93 -3.00 10.36
C THR A 21 1.19 -3.76 9.26
N LEU A 22 1.53 -3.48 8.02
CA LEU A 22 0.81 -4.10 6.91
C LEU A 22 1.55 -5.34 6.45
N GLN A 23 1.12 -6.48 6.96
CA GLN A 23 1.74 -7.76 6.62
C GLN A 23 1.04 -8.41 5.43
N PRO A 24 1.73 -9.32 4.74
CA PRO A 24 1.14 -10.10 3.63
C PRO A 24 -0.17 -10.75 4.05
N GLY A 25 -1.24 -10.47 3.31
CA GLY A 25 -2.54 -10.98 3.66
C GLY A 25 -3.49 -9.85 4.00
N MET A 26 -2.93 -8.73 4.45
CA MET A 26 -3.73 -7.56 4.78
C MET A 26 -4.24 -6.85 3.52
N ARG A 27 -5.50 -6.44 3.56
CA ARG A 27 -6.07 -5.64 2.49
C ARG A 27 -5.56 -4.20 2.59
N VAL A 28 -5.42 -3.56 1.44
CA VAL A 28 -4.88 -2.21 1.36
C VAL A 28 -5.89 -1.27 0.69
N ARG A 29 -5.78 0.01 0.97
CA ARG A 29 -6.56 0.99 0.23
C ARG A 29 -5.63 2.08 -0.35
N MET A 30 -5.92 2.48 -1.58
CA MET A 30 -5.11 3.45 -2.29
C MET A 30 -5.52 4.86 -1.93
N LEU A 31 -4.56 5.65 -1.44
CA LEU A 31 -4.83 7.00 -0.97
C LEU A 31 -4.94 7.99 -2.11
N ASP A 32 -4.09 7.85 -3.11
CA ASP A 32 -4.00 8.81 -4.19
C ASP A 32 -4.08 8.14 -5.56
N ASP A 33 -4.42 8.90 -6.58
CA ASP A 33 -4.53 8.39 -7.93
C ASP A 33 -3.12 8.26 -8.55
N TYR A 34 -2.79 7.09 -9.03
CA TYR A 34 -1.41 6.84 -9.41
C TYR A 34 -1.30 5.80 -10.54
N GLU A 35 -1.09 6.30 -11.76
CA GLU A 35 -0.62 5.51 -12.92
C GLU A 35 -1.64 4.49 -13.45
N GLU A 36 -2.54 4.05 -12.60
CA GLU A 36 -3.41 2.91 -12.90
C GLU A 36 -4.52 2.83 -11.86
N ILE A 37 -4.13 3.08 -10.65
CA ILE A 37 -5.05 2.95 -9.51
C ILE A 37 -5.52 4.33 -9.11
N SER A 38 -6.70 4.39 -8.52
CA SER A 38 -7.28 5.67 -8.14
C SER A 38 -7.54 5.72 -6.65
N ALA A 39 -7.75 6.92 -6.12
CA ALA A 39 -8.03 7.08 -4.72
C ALA A 39 -9.33 6.38 -4.35
N GLY A 40 -9.29 5.58 -3.31
CA GLY A 40 -10.49 4.88 -2.88
C GLY A 40 -10.44 3.39 -3.22
N ASP A 41 -9.56 3.02 -4.14
CA ASP A 41 -9.43 1.63 -4.55
C ASP A 41 -8.80 0.79 -3.44
N GLU A 42 -9.09 -0.50 -3.47
CA GLU A 42 -8.56 -1.40 -2.46
C GLU A 42 -8.08 -2.70 -3.07
N GLY A 43 -7.23 -3.39 -2.33
CA GLY A 43 -6.66 -4.62 -2.82
C GLY A 43 -6.07 -5.43 -1.70
N GLU A 44 -5.35 -6.48 -2.01
CA GLU A 44 -4.76 -7.32 -1.00
C GLU A 44 -3.25 -7.34 -1.15
N PHE A 45 -2.53 -7.33 -0.04
CA PHE A 45 -1.09 -7.24 -0.05
C PHE A 45 -0.52 -8.66 -0.17
N ARG A 46 0.26 -8.90 -1.21
CA ARG A 46 0.82 -10.23 -1.42
C ARG A 46 2.29 -10.29 -1.05
N GLN A 47 3.09 -9.44 -1.67
CA GLN A 47 4.52 -9.57 -1.60
C GLN A 47 5.20 -8.21 -1.65
N SER A 48 6.34 -8.10 -1.01
CA SER A 48 7.19 -6.94 -1.13
C SER A 48 8.51 -7.37 -1.74
N ASN A 49 8.94 -6.70 -2.79
CA ASN A 49 10.07 -7.19 -3.57
C ASN A 49 11.38 -6.79 -2.94
N ASN A 50 12.04 -7.79 -2.32
CA ASN A 50 13.41 -7.67 -1.81
C ASN A 50 13.50 -6.81 -0.55
N GLY A 51 12.74 -5.72 -0.50
CA GLY A 51 12.85 -4.82 0.62
C GLY A 51 13.10 -3.39 0.15
N VAL A 52 12.18 -2.88 -0.66
CA VAL A 52 12.31 -1.59 -1.27
C VAL A 52 10.93 -1.00 -1.53
N PRO A 53 10.86 0.31 -1.86
CA PRO A 53 9.62 1.02 -2.17
C PRO A 53 8.61 0.22 -3.03
N PRO A 54 9.02 -0.38 -4.18
CA PRO A 54 8.12 -1.19 -5.00
C PRO A 54 7.52 -2.37 -4.25
N VAL A 55 6.21 -2.45 -4.29
CA VAL A 55 5.47 -3.48 -3.56
C VAL A 55 4.47 -4.15 -4.50
N GLN A 56 4.32 -5.47 -4.36
CA GLN A 56 3.43 -6.23 -5.23
C GLN A 56 2.07 -6.41 -4.57
N VAL A 57 1.07 -5.71 -5.08
CA VAL A 57 -0.26 -5.73 -4.51
C VAL A 57 -1.28 -6.21 -5.53
N PHE A 58 -2.14 -7.13 -5.14
CA PHE A 58 -3.23 -7.56 -5.99
C PHE A 58 -4.44 -6.65 -5.73
N TRP A 59 -4.87 -5.94 -6.75
CA TRP A 59 -5.96 -4.99 -6.59
C TRP A 59 -7.29 -5.68 -6.90
N GLU A 60 -8.12 -5.84 -5.87
CA GLU A 60 -9.39 -6.53 -5.98
C GLU A 60 -10.36 -5.74 -6.84
N SER A 61 -10.30 -4.42 -6.69
CA SER A 61 -11.13 -3.52 -7.46
C SER A 61 -10.84 -3.63 -8.98
N THR A 62 -9.59 -3.79 -9.33
CA THR A 62 -9.19 -3.87 -10.72
C THR A 62 -9.20 -5.31 -11.23
N GLY A 63 -8.48 -6.16 -10.51
CA GLY A 63 -8.41 -7.56 -10.86
C GLY A 63 -7.02 -7.95 -11.35
N ARG A 64 -6.03 -7.15 -11.00
CA ARG A 64 -4.66 -7.38 -11.42
C ARG A 64 -3.71 -7.04 -10.30
N THR A 65 -2.50 -7.56 -10.42
CA THR A 65 -1.41 -7.19 -9.55
C THR A 65 -0.72 -5.94 -10.11
N TYR A 66 -0.05 -5.20 -9.23
CA TYR A 66 0.65 -4.00 -9.63
C TYR A 66 1.72 -3.65 -8.61
N TRP A 67 2.83 -3.08 -9.06
CA TRP A 67 3.87 -2.66 -8.15
C TRP A 67 3.60 -1.23 -7.72
N VAL A 68 3.33 -1.06 -6.43
CA VAL A 68 2.94 0.23 -5.89
C VAL A 68 4.05 0.76 -4.98
N HIS A 69 3.66 1.63 -4.03
CA HIS A 69 4.64 2.31 -3.20
C HIS A 69 4.14 2.36 -1.76
N TRP A 70 5.02 2.06 -0.81
CA TRP A 70 4.66 2.05 0.62
C TRP A 70 3.96 3.35 1.06
N HIS A 71 4.54 4.49 0.71
CA HIS A 71 4.05 5.76 1.24
C HIS A 71 2.70 6.16 0.67
N MET A 72 2.09 5.37 -0.22
CA MET A 72 0.78 5.71 -0.77
C MET A 72 -0.27 4.63 -0.52
N LEU A 73 0.01 3.70 0.39
CA LEU A 73 -0.90 2.60 0.68
C LEU A 73 -1.47 2.74 2.08
N GLU A 74 -2.79 2.56 2.21
CA GLU A 74 -3.43 2.61 3.52
C GLU A 74 -3.54 1.20 4.08
N ILE A 75 -3.13 1.03 5.32
CA ILE A 75 -3.25 -0.26 5.97
C ILE A 75 -4.70 -0.44 6.45
N LEU A 76 -5.34 -1.45 5.93
CA LEU A 76 -6.72 -1.74 6.30
C LEU A 76 -6.77 -2.99 7.14
N GLY A 77 -6.18 -4.06 6.62
CA GLY A 77 -6.15 -5.32 7.35
C GLY A 77 -7.17 -6.28 6.83
N PHE A 78 -7.89 -6.93 7.73
CA PHE A 78 -8.94 -7.85 7.33
C PHE A 78 -9.80 -8.20 8.55
N GLU A 79 -9.16 -8.32 9.70
CA GLU A 79 -9.87 -8.62 10.94
C GLU A 79 -10.79 -7.46 11.29
N GLU A 80 -10.34 -6.26 11.02
CA GLU A 80 -11.08 -5.06 11.36
C GLU A 80 -12.05 -4.65 10.25
N MET A 4 1.47 16.87 2.63
CA MET A 4 1.62 15.68 1.82
C MET A 4 1.79 14.46 2.73
N ARG A 5 1.49 13.29 2.20
CA ARG A 5 1.62 12.05 2.96
C ARG A 5 3.03 11.85 3.52
N SER A 6 4.02 12.42 2.82
CA SER A 6 5.41 12.29 3.19
C SER A 6 5.81 13.23 4.33
N GLU A 7 4.81 13.82 5.00
CA GLU A 7 5.05 14.78 6.11
C GLU A 7 5.49 14.08 7.39
N PHE A 8 5.75 12.78 7.32
CA PHE A 8 6.19 12.03 8.49
C PHE A 8 7.65 12.39 8.85
N ALA A 9 8.14 11.82 9.94
CA ALA A 9 9.42 12.22 10.53
C ALA A 9 10.54 12.38 9.49
N SER A 10 10.68 11.38 8.64
CA SER A 10 11.70 11.45 7.59
C SER A 10 11.07 11.13 6.24
N GLY A 11 9.74 11.24 6.18
CA GLY A 11 9.01 10.94 4.95
C GLY A 11 8.91 9.45 4.69
N ASN A 12 10.07 8.81 4.55
CA ASN A 12 10.14 7.36 4.34
C ASN A 12 9.56 6.61 5.53
N THR A 13 9.57 7.23 6.70
CA THR A 13 9.09 6.61 7.92
C THR A 13 7.69 6.03 7.75
N TYR A 14 6.88 6.68 6.91
CA TYR A 14 5.54 6.21 6.64
C TYR A 14 5.57 4.86 5.94
N ALA A 15 6.35 4.79 4.88
CA ALA A 15 6.53 3.56 4.12
C ALA A 15 7.06 2.44 4.99
N LEU A 16 7.88 2.81 5.97
CA LEU A 16 8.45 1.86 6.90
C LEU A 16 7.38 1.39 7.87
N TYR A 17 6.63 2.34 8.40
CA TYR A 17 5.59 2.05 9.39
C TYR A 17 4.56 1.09 8.82
N VAL A 18 4.01 1.44 7.67
CA VAL A 18 3.04 0.58 7.00
C VAL A 18 3.68 -0.77 6.64
N ARG A 19 4.92 -0.75 6.19
CA ARG A 19 5.65 -1.98 5.83
C ARG A 19 5.74 -2.94 7.03
N ASP A 20 6.11 -2.40 8.16
CA ASP A 20 6.35 -3.22 9.37
C ASP A 20 5.05 -3.71 10.01
N THR A 21 3.94 -3.04 9.70
CA THR A 21 2.67 -3.35 10.30
C THR A 21 1.80 -4.20 9.38
N LEU A 22 1.99 -4.02 8.09
CA LEU A 22 1.18 -4.70 7.07
C LEU A 22 1.66 -6.14 6.89
N GLN A 23 0.89 -7.08 7.40
CA GLN A 23 1.18 -8.50 7.25
C GLN A 23 0.62 -9.04 5.94
N PRO A 24 1.27 -10.08 5.38
CA PRO A 24 0.79 -10.75 4.18
C PRO A 24 -0.65 -11.27 4.35
N GLY A 25 -1.51 -10.88 3.42
CA GLY A 25 -2.90 -11.26 3.51
C GLY A 25 -3.80 -10.11 3.91
N MET A 26 -3.18 -9.06 4.47
CA MET A 26 -3.93 -7.88 4.90
C MET A 26 -4.44 -7.08 3.70
N ARG A 27 -5.61 -6.52 3.89
CA ARG A 27 -6.21 -5.67 2.88
C ARG A 27 -5.68 -4.24 2.97
N VAL A 28 -5.51 -3.63 1.84
CA VAL A 28 -5.03 -2.28 1.73
C VAL A 28 -5.98 -1.47 0.86
N ARG A 29 -5.94 -0.17 1.00
CA ARG A 29 -6.71 0.69 0.12
C ARG A 29 -5.85 1.80 -0.49
N MET A 30 -6.06 2.03 -1.78
CA MET A 30 -5.33 3.06 -2.52
C MET A 30 -5.82 4.40 -2.08
N LEU A 31 -4.88 5.26 -1.77
CA LEU A 31 -5.22 6.52 -1.17
C LEU A 31 -4.87 7.66 -2.14
N ASP A 32 -4.00 7.37 -3.08
CA ASP A 32 -3.60 8.35 -4.10
C ASP A 32 -4.07 7.87 -5.46
N ASP A 33 -4.37 8.81 -6.37
CA ASP A 33 -4.89 8.44 -7.68
C ASP A 33 -3.77 8.37 -8.70
N TYR A 34 -3.88 7.44 -9.63
CA TYR A 34 -2.84 7.17 -10.60
C TYR A 34 -3.42 6.45 -11.82
N GLU A 35 -2.78 6.57 -12.96
CA GLU A 35 -3.23 5.93 -14.19
C GLU A 35 -3.58 4.45 -14.00
N GLU A 36 -2.77 3.72 -13.26
CA GLU A 36 -3.01 2.31 -13.04
C GLU A 36 -4.12 2.09 -12.02
N ILE A 37 -3.88 2.55 -10.81
CA ILE A 37 -4.79 2.32 -9.71
C ILE A 37 -5.34 3.64 -9.22
N SER A 38 -6.56 3.64 -8.71
CA SER A 38 -7.24 4.87 -8.36
C SER A 38 -7.63 4.84 -6.89
N ALA A 39 -7.71 6.00 -6.27
CA ALA A 39 -8.00 6.10 -4.85
C ALA A 39 -9.34 5.45 -4.54
N GLY A 40 -9.36 4.67 -3.47
CA GLY A 40 -10.57 3.99 -3.08
C GLY A 40 -10.54 2.51 -3.43
N ASP A 41 -9.66 2.12 -4.34
CA ASP A 41 -9.51 0.72 -4.70
C ASP A 41 -8.90 -0.04 -3.53
N GLU A 42 -9.43 -1.24 -3.31
CA GLU A 42 -8.95 -2.06 -2.19
C GLU A 42 -8.22 -3.29 -2.75
N GLY A 43 -7.24 -3.75 -2.01
CA GLY A 43 -6.46 -4.87 -2.48
C GLY A 43 -5.87 -5.68 -1.37
N GLU A 44 -5.20 -6.77 -1.74
CA GLU A 44 -4.55 -7.63 -0.76
C GLU A 44 -3.03 -7.45 -0.87
N PHE A 45 -2.37 -7.49 0.27
CA PHE A 45 -0.93 -7.43 0.30
C PHE A 45 -0.37 -8.85 0.22
N ARG A 46 0.33 -9.13 -0.86
CA ARG A 46 0.83 -10.47 -1.09
C ARG A 46 2.31 -10.56 -0.70
N GLN A 47 3.11 -9.68 -1.27
CA GLN A 47 4.54 -9.66 -1.02
C GLN A 47 5.14 -8.40 -1.64
N SER A 48 6.36 -8.08 -1.26
CA SER A 48 7.06 -6.91 -1.80
C SER A 48 8.55 -7.07 -1.74
N ASN A 49 9.25 -6.03 -2.15
CA ASN A 49 10.70 -5.99 -2.01
C ASN A 49 10.97 -5.40 -0.64
N ASN A 50 11.42 -6.24 0.28
CA ASN A 50 11.38 -5.91 1.70
C ASN A 50 12.50 -4.93 2.07
N GLY A 51 12.36 -3.70 1.61
CA GLY A 51 13.28 -2.65 1.99
C GLY A 51 13.23 -1.43 1.07
N VAL A 52 12.40 -1.49 0.02
CA VAL A 52 12.27 -0.40 -0.94
C VAL A 52 10.81 -0.11 -1.27
N PRO A 53 10.54 1.04 -1.93
CA PRO A 53 9.18 1.50 -2.30
C PRO A 53 8.27 0.48 -2.98
N PRO A 54 8.75 -0.32 -3.98
CA PRO A 54 7.86 -1.26 -4.71
C PRO A 54 7.12 -2.24 -3.80
N VAL A 55 5.80 -2.12 -3.80
CA VAL A 55 4.92 -3.03 -3.09
C VAL A 55 3.99 -3.71 -4.07
N GLN A 56 3.94 -5.03 -4.02
CA GLN A 56 3.13 -5.81 -4.96
C GLN A 56 1.77 -6.09 -4.35
N VAL A 57 0.75 -5.45 -4.91
CA VAL A 57 -0.58 -5.51 -4.35
C VAL A 57 -1.57 -6.02 -5.40
N PHE A 58 -2.52 -6.85 -4.98
CA PHE A 58 -3.58 -7.29 -5.86
C PHE A 58 -4.80 -6.39 -5.69
N TRP A 59 -5.08 -5.60 -6.70
CA TRP A 59 -6.16 -4.61 -6.62
C TRP A 59 -7.44 -5.20 -7.22
N GLU A 60 -8.51 -5.18 -6.46
CA GLU A 60 -9.74 -5.87 -6.84
C GLU A 60 -10.46 -5.18 -8.00
N SER A 61 -10.57 -3.84 -7.98
CA SER A 61 -11.33 -3.13 -8.99
C SER A 61 -10.70 -3.29 -10.37
N THR A 62 -9.37 -3.23 -10.42
CA THR A 62 -8.64 -3.44 -11.67
C THR A 62 -8.47 -4.94 -11.93
N GLY A 63 -8.55 -5.70 -10.84
CA GLY A 63 -8.40 -7.15 -10.91
C GLY A 63 -7.03 -7.53 -11.42
N ARG A 64 -6.03 -6.73 -11.08
CA ARG A 64 -4.65 -6.92 -11.53
C ARG A 64 -3.67 -6.65 -10.39
N THR A 65 -2.52 -7.31 -10.44
CA THR A 65 -1.43 -7.00 -9.54
C THR A 65 -0.61 -5.84 -10.08
N TYR A 66 -0.12 -5.02 -9.18
CA TYR A 66 0.64 -3.85 -9.58
C TYR A 66 1.63 -3.48 -8.48
N TRP A 67 2.79 -3.01 -8.88
CA TRP A 67 3.81 -2.58 -7.92
C TRP A 67 3.59 -1.09 -7.64
N VAL A 68 3.22 -0.78 -6.41
CA VAL A 68 2.91 0.58 -6.04
C VAL A 68 3.96 1.09 -5.09
N HIS A 69 3.85 2.34 -4.65
CA HIS A 69 4.74 2.87 -3.62
C HIS A 69 4.02 2.90 -2.28
N TRP A 70 4.71 2.48 -1.22
CA TRP A 70 4.11 2.37 0.12
C TRP A 70 3.40 3.66 0.55
N HIS A 71 3.98 4.81 0.21
CA HIS A 71 3.49 6.09 0.74
C HIS A 71 2.10 6.45 0.20
N MET A 72 1.63 5.79 -0.84
CA MET A 72 0.35 6.17 -1.45
C MET A 72 -0.72 5.14 -1.14
N LEU A 73 -0.44 4.24 -0.20
CA LEU A 73 -1.41 3.25 0.23
C LEU A 73 -1.84 3.47 1.67
N GLU A 74 -3.12 3.33 1.92
CA GLU A 74 -3.65 3.42 3.28
C GLU A 74 -3.78 2.01 3.82
N ILE A 75 -3.27 1.80 5.03
CA ILE A 75 -3.26 0.48 5.62
C ILE A 75 -4.54 0.25 6.42
N LEU A 76 -5.21 -0.85 6.10
CA LEU A 76 -6.43 -1.20 6.78
C LEU A 76 -6.17 -2.28 7.82
N GLY A 77 -5.90 -3.47 7.34
CA GLY A 77 -5.70 -4.62 8.20
C GLY A 77 -6.38 -5.84 7.63
N PHE A 78 -6.98 -6.64 8.47
CA PHE A 78 -7.72 -7.80 7.99
C PHE A 78 -9.09 -7.88 8.63
N GLU A 79 -10.03 -7.11 8.09
CA GLU A 79 -11.42 -7.08 8.56
C GLU A 79 -11.55 -6.36 9.90
N GLU A 80 -10.85 -6.87 10.90
CA GLU A 80 -10.80 -6.23 12.21
C GLU A 80 -9.56 -5.33 12.27
N MET A 4 -2.00 15.02 9.33
CA MET A 4 -1.78 14.72 7.94
C MET A 4 -0.56 13.81 7.78
N ARG A 5 -0.57 12.99 6.73
CA ARG A 5 0.52 12.07 6.46
C ARG A 5 1.85 12.80 6.25
N SER A 6 1.76 14.01 5.74
CA SER A 6 2.96 14.82 5.50
C SER A 6 3.46 15.46 6.79
N GLU A 7 2.79 15.19 7.90
CA GLU A 7 3.22 15.73 9.20
C GLU A 7 4.20 14.81 9.89
N PHE A 8 4.44 13.64 9.29
CA PHE A 8 5.46 12.72 9.82
C PHE A 8 6.83 13.34 9.67
N ALA A 9 7.83 12.76 10.33
CA ALA A 9 9.18 13.27 10.33
C ALA A 9 9.68 13.59 8.93
N SER A 10 9.41 12.67 8.01
CA SER A 10 9.79 12.86 6.61
C SER A 10 8.62 12.51 5.69
N GLY A 11 7.49 12.11 6.27
CA GLY A 11 6.39 11.60 5.47
C GLY A 11 6.59 10.14 5.13
N ASN A 12 7.82 9.80 4.75
CA ASN A 12 8.22 8.43 4.46
C ASN A 12 8.01 7.54 5.68
N THR A 13 8.00 8.13 6.88
CA THR A 13 7.79 7.42 8.12
C THR A 13 6.49 6.60 8.07
N TYR A 14 5.52 7.08 7.32
CA TYR A 14 4.26 6.36 7.11
C TYR A 14 4.51 5.08 6.31
N ALA A 15 5.27 5.21 5.24
CA ALA A 15 5.66 4.09 4.43
C ALA A 15 6.47 3.07 5.26
N LEU A 16 7.20 3.57 6.24
CA LEU A 16 7.98 2.75 7.11
C LEU A 16 7.06 1.96 8.05
N TYR A 17 5.98 2.60 8.44
CA TYR A 17 4.99 1.99 9.29
C TYR A 17 4.30 0.84 8.58
N VAL A 18 3.80 1.11 7.38
CA VAL A 18 3.13 0.08 6.61
C VAL A 18 4.09 -1.06 6.24
N ARG A 19 5.37 -0.71 6.01
CA ARG A 19 6.40 -1.72 5.80
C ARG A 19 6.43 -2.71 6.96
N ASP A 20 6.33 -2.18 8.16
CA ASP A 20 6.43 -2.97 9.39
C ASP A 20 5.15 -3.74 9.69
N THR A 21 4.05 -3.02 9.76
CA THR A 21 2.80 -3.56 10.31
C THR A 21 1.94 -4.22 9.23
N LEU A 22 1.98 -3.70 8.02
CA LEU A 22 1.14 -4.22 6.96
C LEU A 22 1.75 -5.50 6.40
N GLN A 23 1.26 -6.63 6.87
CA GLN A 23 1.79 -7.93 6.48
C GLN A 23 1.05 -8.52 5.30
N PRO A 24 1.66 -9.51 4.65
CA PRO A 24 1.03 -10.27 3.57
C PRO A 24 -0.30 -10.89 4.01
N GLY A 25 -1.38 -10.54 3.30
CA GLY A 25 -2.68 -11.00 3.67
C GLY A 25 -3.58 -9.85 4.07
N MET A 26 -2.97 -8.76 4.54
CA MET A 26 -3.73 -7.59 4.97
C MET A 26 -4.18 -6.77 3.77
N ARG A 27 -5.44 -6.37 3.82
CA ARG A 27 -6.02 -5.52 2.78
C ARG A 27 -5.39 -4.12 2.81
N VAL A 28 -5.30 -3.50 1.65
CA VAL A 28 -4.71 -2.18 1.53
C VAL A 28 -5.67 -1.20 0.82
N ARG A 29 -5.49 0.07 1.11
CA ARG A 29 -6.31 1.11 0.47
C ARG A 29 -5.41 2.09 -0.28
N MET A 30 -5.68 2.26 -1.56
CA MET A 30 -4.89 3.17 -2.39
C MET A 30 -5.34 4.62 -2.11
N LEU A 31 -4.42 5.43 -1.64
CA LEU A 31 -4.76 6.79 -1.23
C LEU A 31 -4.38 7.84 -2.29
N ASP A 32 -4.12 7.40 -3.52
CA ASP A 32 -3.69 8.32 -4.56
C ASP A 32 -3.91 7.71 -5.95
N ASP A 33 -4.12 8.56 -6.95
CA ASP A 33 -4.28 8.07 -8.33
C ASP A 33 -2.91 8.03 -9.00
N TYR A 34 -2.54 6.87 -9.55
CA TYR A 34 -1.20 6.68 -10.03
C TYR A 34 -1.13 5.65 -11.15
N GLU A 35 -0.97 6.16 -12.39
CA GLU A 35 -0.60 5.38 -13.58
C GLU A 35 -1.70 4.41 -14.08
N GLU A 36 -2.70 4.15 -13.26
CA GLU A 36 -3.74 3.18 -13.59
C GLU A 36 -4.65 2.95 -12.39
N ILE A 37 -4.08 3.06 -11.20
CA ILE A 37 -4.83 2.85 -9.98
C ILE A 37 -5.31 4.21 -9.47
N SER A 38 -6.42 4.25 -8.74
CA SER A 38 -6.97 5.51 -8.32
C SER A 38 -7.16 5.53 -6.81
N ALA A 39 -7.42 6.72 -6.25
CA ALA A 39 -7.65 6.86 -4.85
C ALA A 39 -8.98 6.25 -4.49
N GLY A 40 -8.99 5.36 -3.50
CA GLY A 40 -10.20 4.68 -3.12
C GLY A 40 -10.22 3.24 -3.57
N ASP A 41 -9.31 2.89 -4.46
CA ASP A 41 -9.14 1.50 -4.86
C ASP A 41 -8.63 0.68 -3.68
N GLU A 42 -9.27 -0.43 -3.41
CA GLU A 42 -8.83 -1.28 -2.31
C GLU A 42 -8.36 -2.63 -2.83
N GLY A 43 -7.41 -3.20 -2.14
CA GLY A 43 -6.76 -4.40 -2.62
C GLY A 43 -6.18 -5.21 -1.49
N GLU A 44 -5.40 -6.22 -1.81
CA GLU A 44 -4.81 -7.05 -0.79
C GLU A 44 -3.29 -7.10 -0.98
N PHE A 45 -2.58 -7.23 0.12
CA PHE A 45 -1.14 -7.20 0.14
C PHE A 45 -0.61 -8.62 0.08
N ARG A 46 0.19 -8.95 -0.92
CA ARG A 46 0.64 -10.33 -1.08
C ARG A 46 2.12 -10.49 -0.75
N GLN A 47 2.96 -9.62 -1.28
CA GLN A 47 4.39 -9.77 -1.11
C GLN A 47 5.11 -8.44 -1.29
N SER A 48 6.33 -8.38 -0.78
CA SER A 48 7.16 -7.22 -0.96
C SER A 48 8.53 -7.63 -1.46
N ASN A 49 9.21 -6.74 -2.17
CA ASN A 49 10.57 -7.01 -2.60
C ASN A 49 11.56 -6.52 -1.53
N ASN A 50 12.14 -7.47 -0.79
CA ASN A 50 13.07 -7.20 0.33
C ASN A 50 12.72 -5.92 1.12
N GLY A 51 13.37 -4.80 0.84
CA GLY A 51 13.11 -3.56 1.53
C GLY A 51 13.19 -2.39 0.57
N VAL A 52 12.62 -2.57 -0.60
CA VAL A 52 12.65 -1.54 -1.63
C VAL A 52 11.24 -1.10 -2.00
N PRO A 53 11.09 0.03 -2.74
CA PRO A 53 9.78 0.57 -3.13
C PRO A 53 8.86 -0.46 -3.80
N PRO A 54 9.30 -1.20 -4.84
CA PRO A 54 8.42 -2.14 -5.56
C PRO A 54 7.76 -3.18 -4.65
N VAL A 55 6.44 -3.09 -4.57
CA VAL A 55 5.65 -4.02 -3.79
C VAL A 55 4.51 -4.57 -4.65
N GLN A 56 4.24 -5.85 -4.51
CA GLN A 56 3.23 -6.48 -5.35
C GLN A 56 1.89 -6.54 -4.63
N VAL A 57 0.95 -5.74 -5.08
CA VAL A 57 -0.36 -5.68 -4.46
C VAL A 57 -1.42 -6.09 -5.48
N PHE A 58 -2.36 -6.92 -5.04
CA PHE A 58 -3.48 -7.30 -5.88
C PHE A 58 -4.66 -6.38 -5.60
N TRP A 59 -5.05 -5.62 -6.60
CA TRP A 59 -6.13 -4.67 -6.43
C TRP A 59 -7.47 -5.36 -6.71
N GLU A 60 -8.29 -5.49 -5.67
CA GLU A 60 -9.51 -6.27 -5.76
C GLU A 60 -10.53 -5.56 -6.63
N SER A 61 -10.58 -4.23 -6.52
CA SER A 61 -11.52 -3.41 -7.26
C SER A 61 -11.25 -3.44 -8.76
N THR A 62 -9.99 -3.51 -9.13
CA THR A 62 -9.60 -3.55 -10.53
C THR A 62 -9.52 -4.99 -11.02
N GLY A 63 -8.75 -5.80 -10.29
CA GLY A 63 -8.61 -7.19 -10.64
C GLY A 63 -7.25 -7.51 -11.20
N ARG A 64 -6.31 -6.59 -11.00
CA ARG A 64 -4.95 -6.75 -11.51
C ARG A 64 -3.93 -6.50 -10.42
N THR A 65 -2.75 -7.09 -10.57
CA THR A 65 -1.65 -6.77 -9.69
C THR A 65 -0.86 -5.57 -10.21
N TYR A 66 -0.31 -4.81 -9.30
CA TYR A 66 0.47 -3.63 -9.62
C TYR A 66 1.53 -3.41 -8.55
N TRP A 67 2.69 -2.92 -8.96
CA TRP A 67 3.74 -2.55 -8.00
C TRP A 67 3.53 -1.10 -7.57
N VAL A 68 3.21 -0.90 -6.30
CA VAL A 68 2.89 0.45 -5.82
C VAL A 68 3.99 0.95 -4.86
N HIS A 69 3.84 2.17 -4.38
CA HIS A 69 4.77 2.72 -3.38
C HIS A 69 4.12 2.71 -2.00
N TRP A 70 4.87 2.28 -1.00
CA TRP A 70 4.36 2.09 0.36
C TRP A 70 3.58 3.31 0.90
N HIS A 71 4.12 4.51 0.68
CA HIS A 71 3.56 5.73 1.29
C HIS A 71 2.16 6.08 0.78
N MET A 72 1.68 5.40 -0.25
CA MET A 72 0.37 5.73 -0.81
C MET A 72 -0.67 4.65 -0.50
N LEU A 73 -0.30 3.71 0.37
CA LEU A 73 -1.19 2.64 0.79
C LEU A 73 -1.62 2.84 2.22
N GLU A 74 -2.91 2.63 2.46
CA GLU A 74 -3.44 2.66 3.81
C GLU A 74 -3.68 1.23 4.26
N ILE A 75 -3.39 0.95 5.52
CA ILE A 75 -3.47 -0.41 6.04
C ILE A 75 -4.84 -0.71 6.63
N LEU A 76 -5.42 -1.84 6.24
CA LEU A 76 -6.69 -2.28 6.77
C LEU A 76 -6.49 -3.52 7.65
N GLY A 77 -5.44 -3.46 8.47
CA GLY A 77 -5.11 -4.57 9.33
C GLY A 77 -5.92 -4.54 10.60
N PHE A 78 -7.22 -4.75 10.44
CA PHE A 78 -8.20 -4.81 11.54
C PHE A 78 -8.01 -3.71 12.58
N GLU A 79 -7.59 -2.53 12.13
CA GLU A 79 -7.47 -1.38 13.01
C GLU A 79 -8.73 -0.53 12.89
N GLU A 80 -9.21 -0.40 11.66
CA GLU A 80 -10.46 0.31 11.40
C GLU A 80 -11.62 -0.62 11.70
N MET A 4 2.03 17.72 8.87
CA MET A 4 2.39 17.25 7.54
C MET A 4 2.89 15.80 7.64
N ARG A 5 3.04 15.16 6.48
CA ARG A 5 3.61 13.80 6.41
C ARG A 5 5.03 13.81 7.01
N SER A 6 5.69 14.97 6.91
CA SER A 6 7.05 15.15 7.38
C SER A 6 7.13 15.26 8.91
N GLU A 7 6.04 14.96 9.59
CA GLU A 7 6.03 14.90 11.04
C GLU A 7 6.77 13.65 11.49
N PHE A 8 6.89 12.68 10.60
CA PHE A 8 7.70 11.50 10.86
C PHE A 8 9.18 11.88 10.82
N ALA A 9 10.03 11.02 11.36
CA ALA A 9 11.45 11.30 11.47
C ALA A 9 12.08 11.70 10.13
N SER A 10 11.76 10.93 9.11
CA SER A 10 12.29 11.22 7.78
C SER A 10 11.16 11.27 6.73
N GLY A 11 9.92 11.21 7.21
CA GLY A 11 8.80 11.13 6.29
C GLY A 11 8.62 9.72 5.76
N ASN A 12 9.72 9.13 5.26
CA ASN A 12 9.73 7.73 4.79
C ASN A 12 9.45 6.80 5.95
N THR A 13 9.69 7.29 7.18
CA THR A 13 9.33 6.55 8.37
C THR A 13 7.85 6.12 8.32
N TYR A 14 7.05 6.90 7.58
CA TYR A 14 5.66 6.53 7.33
C TYR A 14 5.61 5.27 6.48
N ALA A 15 6.37 5.28 5.39
CA ALA A 15 6.53 4.12 4.53
C ALA A 15 7.04 2.92 5.32
N LEU A 16 7.83 3.19 6.34
CA LEU A 16 8.33 2.15 7.21
C LEU A 16 7.22 1.62 8.12
N TYR A 17 6.42 2.56 8.64
CA TYR A 17 5.30 2.22 9.52
C TYR A 17 4.28 1.32 8.82
N VAL A 18 3.87 1.72 7.62
CA VAL A 18 2.93 0.93 6.83
C VAL A 18 3.51 -0.44 6.48
N ARG A 19 4.77 -0.49 6.11
CA ARG A 19 5.43 -1.76 5.80
C ARG A 19 5.54 -2.61 7.08
N ASP A 20 5.79 -1.96 8.20
CA ASP A 20 5.95 -2.67 9.47
C ASP A 20 4.63 -3.24 9.97
N THR A 21 3.53 -2.61 9.60
CA THR A 21 2.23 -3.03 10.06
C THR A 21 1.61 -4.05 9.10
N LEU A 22 1.79 -3.84 7.81
CA LEU A 22 1.18 -4.69 6.81
C LEU A 22 1.81 -6.08 6.78
N GLN A 23 1.07 -7.03 7.35
CA GLN A 23 1.40 -8.43 7.28
C GLN A 23 0.95 -8.99 5.93
N PRO A 24 1.73 -9.90 5.34
CA PRO A 24 1.35 -10.59 4.09
C PRO A 24 -0.05 -11.18 4.14
N GLY A 25 -0.97 -10.57 3.43
CA GLY A 25 -2.36 -10.99 3.48
C GLY A 25 -3.27 -9.88 3.95
N MET A 26 -2.71 -8.85 4.55
CA MET A 26 -3.49 -7.69 4.98
C MET A 26 -4.02 -6.90 3.79
N ARG A 27 -5.23 -6.39 3.94
CA ARG A 27 -5.88 -5.65 2.87
C ARG A 27 -5.45 -4.18 2.90
N VAL A 28 -5.38 -3.56 1.73
CA VAL A 28 -4.92 -2.20 1.57
C VAL A 28 -5.92 -1.38 0.76
N ARG A 29 -5.90 -0.06 0.97
CA ARG A 29 -6.74 0.86 0.22
C ARG A 29 -5.89 1.88 -0.53
N MET A 30 -6.25 2.16 -1.76
CA MET A 30 -5.53 3.11 -2.60
C MET A 30 -6.03 4.53 -2.33
N LEU A 31 -5.16 5.40 -1.86
CA LEU A 31 -5.55 6.75 -1.53
C LEU A 31 -5.35 7.72 -2.68
N ASP A 32 -4.53 7.34 -3.66
CA ASP A 32 -4.13 8.26 -4.73
C ASP A 32 -4.51 7.69 -6.09
N ASP A 33 -4.72 8.56 -7.08
CA ASP A 33 -5.00 8.13 -8.45
C ASP A 33 -3.71 8.24 -9.24
N TYR A 34 -3.26 7.15 -9.82
CA TYR A 34 -1.89 7.13 -10.35
C TYR A 34 -1.67 6.01 -11.37
N GLU A 35 -1.54 6.42 -12.65
CA GLU A 35 -0.97 5.58 -13.73
C GLU A 35 -1.84 4.38 -14.13
N GLU A 36 -2.68 3.90 -13.24
CA GLU A 36 -3.34 2.63 -13.41
C GLU A 36 -4.44 2.46 -12.38
N ILE A 37 -4.08 2.75 -11.15
CA ILE A 37 -5.01 2.55 -10.04
C ILE A 37 -5.67 3.88 -9.66
N SER A 38 -6.88 3.82 -9.13
CA SER A 38 -7.65 5.01 -8.83
C SER A 38 -7.85 5.13 -7.32
N ALA A 39 -8.14 6.34 -6.85
CA ALA A 39 -8.39 6.54 -5.44
C ALA A 39 -9.70 5.88 -5.05
N GLY A 40 -9.68 5.12 -3.97
CA GLY A 40 -10.87 4.42 -3.55
C GLY A 40 -10.81 2.94 -3.89
N ASP A 41 -9.83 2.53 -4.70
CA ASP A 41 -9.63 1.14 -5.01
C ASP A 41 -9.10 0.37 -3.79
N GLU A 42 -9.43 -0.90 -3.72
CA GLU A 42 -9.04 -1.71 -2.60
C GLU A 42 -8.24 -2.91 -3.09
N GLY A 43 -7.26 -3.33 -2.33
CA GLY A 43 -6.38 -4.42 -2.74
C GLY A 43 -5.86 -5.19 -1.55
N GLU A 44 -5.01 -6.15 -1.79
CA GLU A 44 -4.45 -6.96 -0.72
C GLU A 44 -2.93 -7.03 -0.85
N PHE A 45 -2.23 -7.05 0.27
CA PHE A 45 -0.79 -7.03 0.26
C PHE A 45 -0.23 -8.44 0.13
N ARG A 46 0.51 -8.67 -0.96
CA ARG A 46 1.16 -9.95 -1.17
C ARG A 46 2.56 -9.96 -0.60
N GLN A 47 3.36 -9.00 -1.07
CA GLN A 47 4.78 -8.90 -0.68
C GLN A 47 5.43 -7.73 -1.40
N SER A 48 6.65 -7.40 -1.02
CA SER A 48 7.37 -6.31 -1.68
C SER A 48 8.69 -6.80 -2.24
N ASN A 49 9.25 -6.07 -3.18
CA ASN A 49 10.52 -6.44 -3.80
C ASN A 49 11.68 -6.03 -2.91
N ASN A 50 12.37 -7.00 -2.36
CA ASN A 50 13.46 -6.79 -1.41
C ASN A 50 12.98 -6.18 -0.10
N GLY A 51 11.72 -5.76 -0.08
CA GLY A 51 11.15 -5.23 1.15
C GLY A 51 11.30 -3.74 1.23
N VAL A 52 11.40 -3.07 0.10
CA VAL A 52 11.58 -1.64 0.05
C VAL A 52 10.39 -0.99 -0.67
N PRO A 53 10.44 0.33 -1.00
CA PRO A 53 9.35 1.03 -1.71
C PRO A 53 8.58 0.19 -2.77
N PRO A 54 9.28 -0.49 -3.72
CA PRO A 54 8.60 -1.38 -4.69
C PRO A 54 7.80 -2.48 -4.02
N VAL A 55 6.49 -2.31 -4.02
CA VAL A 55 5.59 -3.22 -3.31
C VAL A 55 4.58 -3.83 -4.30
N GLN A 56 4.35 -5.13 -4.17
CA GLN A 56 3.47 -5.83 -5.09
C GLN A 56 2.10 -6.05 -4.45
N VAL A 57 1.10 -5.37 -4.99
CA VAL A 57 -0.25 -5.41 -4.46
C VAL A 57 -1.22 -5.90 -5.52
N PHE A 58 -2.10 -6.82 -5.14
CA PHE A 58 -3.16 -7.26 -6.02
C PHE A 58 -4.44 -6.51 -5.66
N TRP A 59 -5.09 -5.94 -6.66
CA TRP A 59 -6.21 -5.07 -6.41
C TRP A 59 -7.52 -5.82 -6.60
N GLU A 60 -8.32 -5.88 -5.56
CA GLU A 60 -9.62 -6.57 -5.56
C GLU A 60 -10.55 -5.99 -6.59
N SER A 61 -10.73 -4.68 -6.52
CA SER A 61 -11.65 -3.96 -7.38
C SER A 61 -11.26 -4.02 -8.86
N THR A 62 -9.97 -3.95 -9.11
CA THR A 62 -9.48 -3.95 -10.48
C THR A 62 -9.25 -5.39 -10.99
N GLY A 63 -8.46 -6.15 -10.26
CA GLY A 63 -8.23 -7.55 -10.59
C GLY A 63 -6.90 -7.77 -11.27
N ARG A 64 -5.98 -6.82 -11.08
CA ARG A 64 -4.66 -6.91 -11.66
C ARG A 64 -3.60 -6.61 -10.60
N THR A 65 -2.47 -7.29 -10.65
CA THR A 65 -1.38 -7.01 -9.75
C THR A 65 -0.58 -5.79 -10.22
N TYR A 66 -0.14 -4.98 -9.29
CA TYR A 66 0.62 -3.79 -9.64
C TYR A 66 1.62 -3.45 -8.55
N TRP A 67 2.76 -2.88 -8.97
CA TRP A 67 3.75 -2.42 -7.98
C TRP A 67 3.43 -0.99 -7.62
N VAL A 68 3.05 -0.77 -6.37
CA VAL A 68 2.56 0.53 -5.90
C VAL A 68 3.62 1.22 -5.03
N HIS A 69 3.19 2.14 -4.16
CA HIS A 69 4.10 2.95 -3.40
C HIS A 69 3.55 3.06 -1.99
N TRP A 70 4.40 2.84 -0.97
CA TRP A 70 3.95 2.81 0.43
C TRP A 70 3.25 4.09 0.86
N HIS A 71 3.75 5.25 0.41
CA HIS A 71 3.23 6.53 0.86
C HIS A 71 1.74 6.74 0.45
N MET A 72 1.27 5.98 -0.52
CA MET A 72 -0.06 6.20 -1.07
C MET A 72 -1.01 5.08 -0.70
N LEU A 73 -0.56 4.18 0.16
CA LEU A 73 -1.36 3.05 0.58
C LEU A 73 -1.91 3.26 1.96
N GLU A 74 -3.20 3.03 2.10
CA GLU A 74 -3.85 3.09 3.40
C GLU A 74 -4.05 1.68 3.92
N ILE A 75 -3.68 1.44 5.16
CA ILE A 75 -3.71 0.08 5.69
C ILE A 75 -5.08 -0.24 6.29
N LEU A 76 -5.67 -1.31 5.81
CA LEU A 76 -6.93 -1.78 6.34
C LEU A 76 -6.68 -2.98 7.19
N GLY A 77 -5.62 -3.72 6.84
CA GLY A 77 -5.30 -4.95 7.55
C GLY A 77 -6.42 -5.94 7.42
N PHE A 78 -7.04 -6.25 8.53
CA PHE A 78 -8.28 -7.01 8.49
C PHE A 78 -9.42 -6.08 8.84
N GLU A 79 -10.49 -6.14 8.04
CA GLU A 79 -11.61 -5.21 8.10
C GLU A 79 -12.17 -5.03 9.52
N GLU A 80 -12.08 -6.05 10.35
CA GLU A 80 -12.60 -5.96 11.71
C GLU A 80 -11.54 -6.38 12.72
N MET A 4 -3.09 15.73 1.97
CA MET A 4 -1.99 15.13 1.23
C MET A 4 -1.35 14.02 2.05
N ARG A 5 -0.73 13.07 1.38
CA ARG A 5 -0.06 11.98 2.06
C ARG A 5 1.10 12.52 2.90
N SER A 6 1.66 13.65 2.46
CA SER A 6 2.79 14.27 3.13
C SER A 6 2.35 15.12 4.34
N GLU A 7 1.11 14.98 4.78
CA GLU A 7 0.65 15.68 5.98
C GLU A 7 1.22 15.02 7.25
N PHE A 8 1.84 13.87 7.08
CA PHE A 8 2.47 13.15 8.19
C PHE A 8 3.79 13.80 8.56
N ALA A 9 4.46 13.25 9.57
CA ALA A 9 5.65 13.87 10.16
C ALA A 9 6.67 14.30 9.11
N SER A 10 6.99 13.41 8.19
CA SER A 10 7.90 13.75 7.10
C SER A 10 7.34 13.25 5.79
N GLY A 11 6.08 12.81 5.79
CA GLY A 11 5.47 12.26 4.58
C GLY A 11 5.85 10.82 4.36
N ASN A 12 7.14 10.54 4.37
CA ASN A 12 7.66 9.20 4.19
C ASN A 12 7.36 8.33 5.41
N THR A 13 7.20 8.99 6.54
CA THR A 13 6.93 8.30 7.81
C THR A 13 5.74 7.35 7.71
N TYR A 14 4.76 7.71 6.87
CA TYR A 14 3.58 6.91 6.68
C TYR A 14 3.95 5.54 6.09
N ALA A 15 4.89 5.55 5.15
CA ALA A 15 5.38 4.34 4.52
C ALA A 15 6.06 3.44 5.53
N LEU A 16 6.68 4.03 6.55
CA LEU A 16 7.37 3.27 7.57
C LEU A 16 6.36 2.49 8.40
N TYR A 17 5.28 3.17 8.75
CA TYR A 17 4.19 2.58 9.52
C TYR A 17 3.58 1.38 8.80
N VAL A 18 3.16 1.59 7.57
CA VAL A 18 2.53 0.52 6.81
C VAL A 18 3.52 -0.59 6.47
N ARG A 19 4.68 -0.24 5.94
CA ARG A 19 5.68 -1.23 5.49
C ARG A 19 6.11 -2.17 6.60
N ASP A 20 6.24 -1.64 7.81
CA ASP A 20 6.68 -2.44 8.95
C ASP A 20 5.60 -3.40 9.41
N THR A 21 4.35 -2.99 9.29
CA THR A 21 3.24 -3.72 9.90
C THR A 21 2.49 -4.59 8.90
N LEU A 22 2.58 -4.23 7.62
CA LEU A 22 1.82 -4.91 6.57
C LEU A 22 2.29 -6.35 6.41
N GLN A 23 1.48 -7.27 6.94
CA GLN A 23 1.72 -8.69 6.82
C GLN A 23 0.98 -9.26 5.62
N PRO A 24 1.55 -10.30 4.97
CA PRO A 24 0.91 -11.02 3.89
C PRO A 24 -0.50 -11.47 4.29
N GLY A 25 -1.51 -10.93 3.61
CA GLY A 25 -2.89 -11.27 3.92
C GLY A 25 -3.65 -10.06 4.43
N MET A 26 -2.93 -8.99 4.67
CA MET A 26 -3.56 -7.73 5.04
C MET A 26 -4.02 -6.95 3.81
N ARG A 27 -5.22 -6.42 3.89
CA ARG A 27 -5.74 -5.56 2.85
C ARG A 27 -4.98 -4.22 2.82
N VAL A 28 -5.09 -3.54 1.68
CA VAL A 28 -4.48 -2.22 1.53
C VAL A 28 -5.46 -1.26 0.88
N ARG A 29 -5.32 0.02 1.21
CA ARG A 29 -6.15 1.08 0.63
C ARG A 29 -5.27 2.15 -0.02
N MET A 30 -5.55 2.46 -1.27
CA MET A 30 -4.77 3.48 -1.97
C MET A 30 -5.23 4.86 -1.54
N LEU A 31 -4.28 5.66 -1.02
CA LEU A 31 -4.62 7.00 -0.56
C LEU A 31 -4.03 8.08 -1.46
N ASP A 32 -3.26 7.65 -2.45
CA ASP A 32 -2.60 8.59 -3.35
C ASP A 32 -3.01 8.31 -4.78
N ASP A 33 -2.43 9.05 -5.70
CA ASP A 33 -2.74 8.88 -7.11
C ASP A 33 -1.47 8.54 -7.88
N TYR A 34 -1.49 7.40 -8.55
CA TYR A 34 -0.29 6.93 -9.24
C TYR A 34 -0.65 6.08 -10.45
N GLU A 35 -0.49 6.68 -11.62
CA GLU A 35 -0.68 6.00 -12.90
C GLU A 35 -2.06 5.36 -13.02
N GLU A 36 -2.10 4.03 -13.02
CA GLU A 36 -3.34 3.30 -13.22
C GLU A 36 -4.14 3.20 -11.93
N ILE A 37 -3.52 3.48 -10.80
CA ILE A 37 -4.20 3.41 -9.52
C ILE A 37 -4.53 4.81 -9.03
N SER A 38 -5.62 4.94 -8.28
CA SER A 38 -6.04 6.24 -7.80
C SER A 38 -6.62 6.10 -6.39
N ALA A 39 -6.85 7.24 -5.74
CA ALA A 39 -7.26 7.27 -4.34
C ALA A 39 -8.59 6.55 -4.11
N GLY A 40 -8.59 5.70 -3.12
CA GLY A 40 -9.82 5.02 -2.69
C GLY A 40 -9.86 3.55 -3.10
N ASP A 41 -9.00 3.17 -4.03
CA ASP A 41 -8.93 1.79 -4.48
C ASP A 41 -8.43 0.91 -3.36
N GLU A 42 -8.87 -0.33 -3.31
CA GLU A 42 -8.47 -1.26 -2.26
C GLU A 42 -7.96 -2.55 -2.87
N GLY A 43 -7.01 -3.18 -2.20
CA GLY A 43 -6.42 -4.37 -2.72
C GLY A 43 -5.97 -5.33 -1.63
N GLU A 44 -5.52 -6.50 -2.06
CA GLU A 44 -5.02 -7.51 -1.16
C GLU A 44 -3.50 -7.56 -1.23
N PHE A 45 -2.83 -7.73 -0.11
CA PHE A 45 -1.38 -7.76 -0.10
C PHE A 45 -0.89 -9.20 -0.14
N ARG A 46 -0.16 -9.54 -1.21
CA ARG A 46 0.30 -10.90 -1.39
C ARG A 46 1.79 -11.04 -1.12
N GLN A 47 2.58 -10.13 -1.67
CA GLN A 47 4.02 -10.18 -1.51
C GLN A 47 4.63 -8.81 -1.78
N SER A 48 5.79 -8.55 -1.24
CA SER A 48 6.47 -7.29 -1.51
C SER A 48 7.95 -7.51 -1.66
N ASN A 49 8.63 -6.45 -2.10
CA ASN A 49 10.07 -6.44 -2.10
C ASN A 49 10.57 -5.89 -0.78
N ASN A 50 11.13 -6.73 0.04
CA ASN A 50 11.52 -6.35 1.40
C ASN A 50 12.81 -5.51 1.40
N GLY A 51 13.03 -4.74 0.37
CA GLY A 51 14.23 -3.93 0.27
C GLY A 51 14.11 -2.85 -0.78
N VAL A 52 13.34 -3.15 -1.83
CA VAL A 52 13.04 -2.19 -2.89
C VAL A 52 11.60 -1.68 -2.75
N PRO A 53 11.35 -0.39 -3.05
CA PRO A 53 10.02 0.22 -2.95
C PRO A 53 8.83 -0.57 -3.55
N PRO A 54 8.97 -1.23 -4.74
CA PRO A 54 7.87 -1.95 -5.38
C PRO A 54 7.22 -3.00 -4.45
N VAL A 55 5.90 -2.92 -4.42
CA VAL A 55 5.10 -3.87 -3.62
C VAL A 55 4.02 -4.50 -4.50
N GLN A 56 3.81 -5.80 -4.36
CA GLN A 56 2.90 -6.52 -5.20
C GLN A 56 1.53 -6.64 -4.53
N VAL A 57 0.56 -5.90 -5.06
CA VAL A 57 -0.78 -5.87 -4.48
C VAL A 57 -1.81 -6.31 -5.51
N PHE A 58 -2.75 -7.13 -5.10
CA PHE A 58 -3.84 -7.51 -5.97
C PHE A 58 -5.01 -6.56 -5.76
N TRP A 59 -5.27 -5.73 -6.76
CA TRP A 59 -6.32 -4.74 -6.63
C TRP A 59 -7.68 -5.36 -6.88
N GLU A 60 -8.50 -5.40 -5.85
CA GLU A 60 -9.82 -6.02 -5.90
C GLU A 60 -10.68 -5.36 -6.98
N SER A 61 -10.67 -4.03 -6.95
CA SER A 61 -11.49 -3.24 -7.87
C SER A 61 -11.18 -3.59 -9.33
N THR A 62 -9.90 -3.77 -9.61
CA THR A 62 -9.45 -4.05 -10.97
C THR A 62 -9.47 -5.54 -11.28
N GLY A 63 -8.94 -6.32 -10.34
CA GLY A 63 -8.87 -7.76 -10.51
C GLY A 63 -7.53 -8.23 -11.02
N ARG A 64 -6.49 -7.40 -10.85
CA ARG A 64 -5.15 -7.75 -11.31
C ARG A 64 -4.12 -7.41 -10.24
N THR A 65 -2.95 -8.01 -10.34
CA THR A 65 -1.82 -7.68 -9.47
C THR A 65 -1.01 -6.55 -10.07
N TYR A 66 -0.49 -5.69 -9.20
CA TYR A 66 0.18 -4.48 -9.62
C TYR A 66 1.28 -4.10 -8.60
N TRP A 67 2.38 -3.55 -9.09
CA TRP A 67 3.43 -3.09 -8.20
C TRP A 67 3.23 -1.62 -7.87
N VAL A 68 3.00 -1.35 -6.60
CA VAL A 68 2.77 0.01 -6.16
C VAL A 68 3.94 0.48 -5.30
N HIS A 69 3.95 1.74 -4.89
CA HIS A 69 4.95 2.24 -3.96
C HIS A 69 4.39 2.29 -2.53
N TRP A 70 5.20 1.87 -1.56
CA TRP A 70 4.78 1.81 -0.15
C TRP A 70 4.10 3.07 0.32
N HIS A 71 4.70 4.23 0.05
CA HIS A 71 4.28 5.50 0.64
C HIS A 71 2.88 5.96 0.23
N MET A 72 2.23 5.25 -0.68
CA MET A 72 0.90 5.65 -1.14
C MET A 72 -0.19 4.66 -0.72
N LEU A 73 0.21 3.67 0.08
CA LEU A 73 -0.72 2.63 0.50
C LEU A 73 -1.02 2.71 1.98
N GLU A 74 -2.29 2.46 2.32
CA GLU A 74 -2.72 2.39 3.70
C GLU A 74 -2.87 0.94 4.09
N ILE A 75 -2.47 0.61 5.31
CA ILE A 75 -2.59 -0.75 5.80
C ILE A 75 -4.00 -1.00 6.32
N LEU A 76 -4.67 -1.99 5.75
CA LEU A 76 -6.02 -2.32 6.18
C LEU A 76 -6.00 -3.69 6.81
N GLY A 77 -5.55 -3.73 8.05
CA GLY A 77 -5.44 -4.99 8.75
C GLY A 77 -6.72 -5.37 9.44
N PHE A 78 -6.83 -6.65 9.77
CA PHE A 78 -8.00 -7.15 10.49
C PHE A 78 -7.54 -7.57 11.89
N GLU A 79 -6.41 -7.03 12.29
CA GLU A 79 -5.81 -7.37 13.57
C GLU A 79 -6.35 -6.47 14.66
N GLU A 80 -7.33 -7.00 15.39
CA GLU A 80 -7.98 -6.30 16.50
C GLU A 80 -8.69 -5.03 16.00
N MET A 4 -0.20 16.03 2.95
CA MET A 4 1.00 15.38 2.46
C MET A 4 1.49 14.29 3.41
N ARG A 5 1.70 13.10 2.89
CA ARG A 5 2.18 11.97 3.67
C ARG A 5 3.57 12.25 4.25
N SER A 6 4.33 13.09 3.55
CA SER A 6 5.67 13.48 4.01
C SER A 6 5.63 14.34 5.28
N GLU A 7 4.43 14.66 5.78
CA GLU A 7 4.28 15.53 6.94
C GLU A 7 4.59 14.79 8.24
N PHE A 8 4.87 13.49 8.15
CA PHE A 8 5.26 12.73 9.33
C PHE A 8 6.63 13.17 9.84
N ALA A 9 7.05 12.59 10.97
CA ALA A 9 8.29 12.98 11.63
C ALA A 9 9.47 12.99 10.67
N SER A 10 9.60 11.95 9.88
CA SER A 10 10.67 11.87 8.90
C SER A 10 10.12 11.66 7.49
N GLY A 11 8.81 11.77 7.36
CA GLY A 11 8.17 11.51 6.07
C GLY A 11 8.09 10.02 5.76
N ASN A 12 9.27 9.39 5.67
CA ASN A 12 9.37 7.94 5.47
C ASN A 12 8.66 7.19 6.60
N THR A 13 8.46 7.87 7.71
CA THR A 13 7.80 7.31 8.89
C THR A 13 6.48 6.62 8.52
N TYR A 14 5.79 7.16 7.51
CA TYR A 14 4.54 6.57 7.06
C TYR A 14 4.80 5.23 6.38
N ALA A 15 5.69 5.23 5.41
CA ALA A 15 6.08 4.01 4.71
C ALA A 15 6.66 2.98 5.67
N LEU A 16 7.27 3.46 6.74
CA LEU A 16 7.78 2.56 7.77
C LEU A 16 6.62 1.99 8.55
N TYR A 17 5.67 2.87 8.90
CA TYR A 17 4.49 2.48 9.65
C TYR A 17 3.67 1.44 8.90
N VAL A 18 3.49 1.66 7.60
CA VAL A 18 2.70 0.73 6.79
C VAL A 18 3.36 -0.66 6.78
N ARG A 19 4.69 -0.68 6.60
CA ARG A 19 5.40 -1.94 6.56
C ARG A 19 5.28 -2.69 7.88
N ASP A 20 5.14 -1.94 8.96
CA ASP A 20 5.05 -2.49 10.29
C ASP A 20 3.81 -3.37 10.44
N THR A 21 2.66 -2.80 10.09
CA THR A 21 1.38 -3.47 10.31
C THR A 21 0.96 -4.28 9.08
N LEU A 22 1.29 -3.80 7.91
CA LEU A 22 0.86 -4.41 6.67
C LEU A 22 1.71 -5.64 6.35
N GLN A 23 1.17 -6.80 6.66
CA GLN A 23 1.82 -8.06 6.40
C GLN A 23 1.20 -8.75 5.19
N PRO A 24 1.83 -9.83 4.67
CA PRO A 24 1.24 -10.62 3.60
C PRO A 24 -0.16 -11.11 3.95
N GLY A 25 -1.11 -10.88 3.06
CA GLY A 25 -2.49 -11.26 3.30
C GLY A 25 -3.31 -10.12 3.87
N MET A 26 -2.62 -9.06 4.28
CA MET A 26 -3.28 -7.90 4.85
C MET A 26 -3.86 -7.00 3.73
N ARG A 27 -5.06 -6.50 3.96
CA ARG A 27 -5.74 -5.68 2.97
C ARG A 27 -5.27 -4.23 3.01
N VAL A 28 -5.16 -3.60 1.82
CA VAL A 28 -4.64 -2.24 1.69
C VAL A 28 -5.63 -1.35 0.97
N ARG A 29 -5.47 -0.04 1.13
CA ARG A 29 -6.28 0.94 0.39
C ARG A 29 -5.37 1.93 -0.36
N MET A 30 -5.69 2.20 -1.60
CA MET A 30 -4.90 3.11 -2.43
C MET A 30 -5.22 4.57 -2.10
N LEU A 31 -4.22 5.33 -1.69
CA LEU A 31 -4.42 6.73 -1.33
C LEU A 31 -4.39 7.65 -2.54
N ASP A 32 -3.76 7.22 -3.63
CA ASP A 32 -3.50 8.12 -4.75
C ASP A 32 -3.83 7.46 -6.08
N ASP A 33 -4.04 8.26 -7.11
CA ASP A 33 -4.28 7.74 -8.45
C ASP A 33 -2.95 7.60 -9.19
N TYR A 34 -2.69 6.43 -9.76
CA TYR A 34 -1.39 6.14 -10.33
C TYR A 34 -1.44 5.09 -11.45
N GLU A 35 -1.44 5.55 -12.71
CA GLU A 35 -1.21 4.72 -13.91
C GLU A 35 -2.28 3.64 -14.17
N GLU A 36 -3.15 3.37 -13.20
CA GLU A 36 -4.11 2.28 -13.33
C GLU A 36 -5.01 2.23 -12.12
N ILE A 37 -4.43 2.46 -10.95
CA ILE A 37 -5.18 2.41 -9.71
C ILE A 37 -5.58 3.81 -9.29
N SER A 38 -6.70 3.94 -8.60
CA SER A 38 -7.20 5.25 -8.21
C SER A 38 -7.36 5.33 -6.70
N ALA A 39 -7.46 6.56 -6.18
CA ALA A 39 -7.66 6.78 -4.77
C ALA A 39 -9.00 6.17 -4.32
N GLY A 40 -8.95 5.36 -3.27
CA GLY A 40 -10.15 4.72 -2.77
C GLY A 40 -10.22 3.26 -3.10
N ASP A 41 -9.43 2.83 -4.07
CA ASP A 41 -9.38 1.43 -4.48
C ASP A 41 -8.79 0.60 -3.35
N GLU A 42 -9.34 -0.61 -3.17
CA GLU A 42 -8.86 -1.49 -2.13
C GLU A 42 -8.34 -2.79 -2.73
N GLY A 43 -7.36 -3.38 -2.05
CA GLY A 43 -6.75 -4.60 -2.54
C GLY A 43 -6.07 -5.35 -1.42
N GLU A 44 -5.34 -6.40 -1.79
CA GLU A 44 -4.66 -7.21 -0.80
C GLU A 44 -3.17 -7.23 -1.10
N PHE A 45 -2.36 -7.29 -0.05
CA PHE A 45 -0.91 -7.33 -0.21
C PHE A 45 -0.42 -8.76 -0.26
N ARG A 46 0.28 -9.09 -1.32
CA ARG A 46 0.80 -10.45 -1.50
C ARG A 46 2.31 -10.51 -1.28
N GLN A 47 3.05 -9.69 -2.02
CA GLN A 47 4.51 -9.76 -2.01
C GLN A 47 5.13 -8.39 -2.28
N SER A 48 6.29 -8.15 -1.69
CA SER A 48 6.98 -6.89 -1.88
C SER A 48 8.48 -7.11 -2.03
N ASN A 49 9.19 -6.05 -2.37
CA ASN A 49 10.65 -6.09 -2.34
C ASN A 49 11.13 -5.64 -0.97
N ASN A 50 12.22 -6.24 -0.51
CA ASN A 50 12.64 -6.11 0.86
C ASN A 50 13.24 -4.75 1.21
N GLY A 51 13.66 -3.96 0.21
CA GLY A 51 14.33 -2.71 0.53
C GLY A 51 14.09 -1.59 -0.45
N VAL A 52 13.22 -1.82 -1.43
CA VAL A 52 12.92 -0.77 -2.42
C VAL A 52 11.41 -0.52 -2.48
N PRO A 53 10.99 0.63 -3.08
CA PRO A 53 9.58 1.03 -3.20
C PRO A 53 8.64 -0.01 -3.83
N PRO A 54 9.02 -0.67 -4.95
CA PRO A 54 8.14 -1.61 -5.66
C PRO A 54 7.46 -2.64 -4.74
N VAL A 55 6.15 -2.58 -4.68
CA VAL A 55 5.35 -3.49 -3.88
C VAL A 55 4.24 -4.07 -4.72
N GLN A 56 4.05 -5.38 -4.62
CA GLN A 56 3.10 -6.07 -5.49
C GLN A 56 1.78 -6.27 -4.75
N VAL A 57 0.75 -5.58 -5.19
CA VAL A 57 -0.54 -5.62 -4.54
C VAL A 57 -1.59 -6.12 -5.51
N PHE A 58 -2.48 -6.98 -5.02
CA PHE A 58 -3.61 -7.43 -5.81
C PHE A 58 -4.79 -6.48 -5.56
N TRP A 59 -5.18 -5.77 -6.58
CA TRP A 59 -6.26 -4.82 -6.44
C TRP A 59 -7.56 -5.46 -6.88
N GLU A 60 -8.50 -5.55 -5.94
CA GLU A 60 -9.72 -6.32 -6.14
C GLU A 60 -10.71 -5.57 -7.01
N SER A 61 -10.75 -4.26 -6.84
CA SER A 61 -11.70 -3.42 -7.53
C SER A 61 -11.45 -3.41 -9.04
N THR A 62 -10.19 -3.54 -9.42
CA THR A 62 -9.83 -3.63 -10.82
C THR A 62 -9.69 -5.10 -11.24
N GLY A 63 -8.98 -5.86 -10.42
CA GLY A 63 -8.82 -7.28 -10.65
C GLY A 63 -7.44 -7.61 -11.19
N ARG A 64 -6.49 -6.71 -10.99
CA ARG A 64 -5.15 -6.90 -11.49
C ARG A 64 -4.13 -6.70 -10.41
N THR A 65 -3.02 -7.41 -10.51
CA THR A 65 -1.88 -7.18 -9.66
C THR A 65 -1.07 -5.97 -10.16
N TYR A 66 -0.63 -5.13 -9.25
CA TYR A 66 0.05 -3.89 -9.63
C TYR A 66 1.15 -3.54 -8.66
N TRP A 67 2.27 -3.04 -9.18
CA TRP A 67 3.37 -2.64 -8.31
C TRP A 67 3.20 -1.19 -7.94
N VAL A 68 3.01 -0.94 -6.66
CA VAL A 68 2.74 0.39 -6.13
C VAL A 68 3.98 0.90 -5.40
N HIS A 69 3.76 1.79 -4.46
CA HIS A 69 4.85 2.42 -3.74
C HIS A 69 4.42 2.41 -2.27
N TRP A 70 5.31 2.02 -1.38
CA TRP A 70 4.98 1.90 0.05
C TRP A 70 4.16 3.08 0.59
N HIS A 71 4.63 4.29 0.37
CA HIS A 71 3.98 5.48 0.94
C HIS A 71 2.69 5.87 0.21
N MET A 72 2.30 5.12 -0.81
CA MET A 72 1.04 5.42 -1.52
C MET A 72 -0.08 4.57 -0.96
N LEU A 73 0.26 3.63 -0.10
CA LEU A 73 -0.68 2.68 0.43
C LEU A 73 -1.12 3.05 1.83
N GLU A 74 -2.41 2.94 2.07
CA GLU A 74 -2.97 3.14 3.41
C GLU A 74 -3.39 1.79 3.96
N ILE A 75 -3.11 1.55 5.23
CA ILE A 75 -3.37 0.27 5.82
C ILE A 75 -4.68 0.25 6.58
N LEU A 76 -5.51 -0.76 6.31
CA LEU A 76 -6.73 -0.97 7.09
C LEU A 76 -6.45 -1.99 8.17
N GLY A 77 -6.35 -3.25 7.77
CA GLY A 77 -6.11 -4.32 8.72
C GLY A 77 -7.23 -5.33 8.72
N PHE A 78 -6.94 -6.55 8.35
CA PHE A 78 -7.93 -7.62 8.32
C PHE A 78 -8.45 -7.87 9.73
N GLU A 79 -7.58 -7.64 10.72
CA GLU A 79 -7.94 -7.81 12.11
C GLU A 79 -8.32 -6.47 12.73
N GLU A 80 -8.29 -5.41 11.93
CA GLU A 80 -8.63 -4.08 12.42
C GLU A 80 -10.13 -3.89 12.40
N MET A 4 0.22 12.06 11.40
CA MET A 4 0.19 12.18 9.93
C MET A 4 1.37 11.47 9.30
N ARG A 5 1.14 10.96 8.09
CA ARG A 5 2.17 10.28 7.35
C ARG A 5 3.38 11.18 7.14
N SER A 6 3.15 12.43 6.79
CA SER A 6 4.23 13.38 6.57
C SER A 6 4.57 14.15 7.84
N GLU A 7 4.04 13.70 8.97
CA GLU A 7 4.39 14.29 10.25
C GLU A 7 5.74 13.74 10.68
N PHE A 8 6.08 12.59 10.13
CA PHE A 8 7.39 11.96 10.35
C PHE A 8 8.50 12.79 9.73
N ALA A 9 9.74 12.33 9.89
CA ALA A 9 10.92 13.05 9.41
C ALA A 9 10.83 13.38 7.92
N SER A 10 10.47 12.40 7.12
CA SER A 10 10.40 12.58 5.68
C SER A 10 9.05 12.14 5.10
N GLY A 11 8.16 11.65 5.97
CA GLY A 11 6.89 11.14 5.51
C GLY A 11 6.99 9.69 5.09
N ASN A 12 8.03 9.40 4.32
CA ASN A 12 8.36 8.04 3.92
C ASN A 12 8.51 7.13 5.14
N THR A 13 8.85 7.74 6.27
CA THR A 13 9.04 7.01 7.52
C THR A 13 7.74 6.28 7.93
N TYR A 14 6.61 6.89 7.58
CA TYR A 14 5.31 6.29 7.87
C TYR A 14 5.13 5.07 7.00
N ALA A 15 5.59 5.18 5.77
CA ALA A 15 5.54 4.10 4.80
C ALA A 15 6.35 2.89 5.26
N LEU A 16 7.50 3.13 5.88
CA LEU A 16 8.34 2.06 6.37
C LEU A 16 7.72 1.45 7.62
N TYR A 17 7.00 2.28 8.34
CA TYR A 17 6.28 1.85 9.54
C TYR A 17 5.19 0.86 9.17
N VAL A 18 4.34 1.26 8.21
CA VAL A 18 3.26 0.40 7.77
C VAL A 18 3.80 -0.80 6.98
N ARG A 19 4.90 -0.61 6.28
CA ARG A 19 5.58 -1.67 5.54
C ARG A 19 5.80 -2.89 6.44
N ASP A 20 6.43 -2.66 7.58
CA ASP A 20 6.81 -3.74 8.49
C ASP A 20 5.61 -4.25 9.26
N THR A 21 4.49 -3.54 9.20
CA THR A 21 3.29 -3.91 9.92
C THR A 21 2.32 -4.62 8.98
N LEU A 22 2.55 -4.46 7.68
CA LEU A 22 1.66 -5.01 6.66
C LEU A 22 2.03 -6.45 6.34
N GLN A 23 1.20 -7.38 6.83
CA GLN A 23 1.39 -8.79 6.55
C GLN A 23 0.61 -9.22 5.32
N PRO A 24 1.10 -10.21 4.59
CA PRO A 24 0.40 -10.79 3.44
C PRO A 24 -1.00 -11.29 3.82
N GLY A 25 -2.01 -10.82 3.09
CA GLY A 25 -3.37 -11.17 3.41
C GLY A 25 -4.14 -9.96 3.92
N MET A 26 -3.40 -8.94 4.36
CA MET A 26 -4.01 -7.72 4.84
C MET A 26 -4.51 -6.87 3.70
N ARG A 27 -5.71 -6.36 3.86
CA ARG A 27 -6.33 -5.52 2.85
C ARG A 27 -5.84 -4.08 2.97
N VAL A 28 -5.68 -3.43 1.81
CA VAL A 28 -5.13 -2.08 1.77
C VAL A 28 -6.02 -1.12 0.98
N ARG A 29 -5.82 0.14 1.23
CA ARG A 29 -6.60 1.20 0.53
C ARG A 29 -5.64 2.14 -0.21
N MET A 30 -5.98 2.43 -1.45
CA MET A 30 -5.20 3.36 -2.24
C MET A 30 -5.65 4.78 -1.96
N LEU A 31 -4.70 5.62 -1.53
CA LEU A 31 -5.02 6.99 -1.13
C LEU A 31 -4.66 7.99 -2.22
N ASP A 32 -4.17 7.51 -3.35
CA ASP A 32 -3.74 8.40 -4.41
C ASP A 32 -4.04 7.81 -5.78
N ASP A 33 -4.15 8.65 -6.79
CA ASP A 33 -4.38 8.19 -8.16
C ASP A 33 -3.03 7.99 -8.85
N TYR A 34 -2.79 6.78 -9.32
CA TYR A 34 -1.46 6.41 -9.80
C TYR A 34 -1.56 5.46 -10.98
N GLU A 35 -1.45 6.02 -12.20
CA GLU A 35 -1.57 5.25 -13.43
C GLU A 35 -2.89 4.52 -13.52
N GLU A 36 -2.84 3.20 -13.51
CA GLU A 36 -4.02 2.37 -13.71
C GLU A 36 -4.89 2.36 -12.45
N ILE A 37 -4.26 2.66 -11.31
CA ILE A 37 -4.93 2.61 -10.03
C ILE A 37 -5.45 4.00 -9.64
N SER A 38 -6.57 4.06 -8.95
CA SER A 38 -7.18 5.32 -8.57
C SER A 38 -7.34 5.37 -7.05
N ALA A 39 -7.59 6.58 -6.54
CA ALA A 39 -7.83 6.77 -5.14
C ALA A 39 -9.14 6.14 -4.71
N GLY A 40 -9.11 5.39 -3.62
CA GLY A 40 -10.31 4.70 -3.18
C GLY A 40 -10.29 3.24 -3.54
N ASP A 41 -9.38 2.90 -4.45
CA ASP A 41 -9.19 1.52 -4.85
C ASP A 41 -8.75 0.70 -3.66
N GLU A 42 -9.17 -0.55 -3.59
CA GLU A 42 -8.83 -1.41 -2.47
C GLU A 42 -8.20 -2.68 -3.00
N GLY A 43 -7.26 -3.22 -2.25
CA GLY A 43 -6.56 -4.41 -2.70
C GLY A 43 -6.04 -5.24 -1.55
N GLU A 44 -5.37 -6.29 -1.89
CA GLU A 44 -4.79 -7.19 -0.89
C GLU A 44 -3.28 -7.20 -1.01
N PHE A 45 -2.58 -7.23 0.12
CA PHE A 45 -1.14 -7.20 0.10
C PHE A 45 -0.63 -8.63 0.11
N ARG A 46 0.19 -8.99 -0.86
CA ARG A 46 0.67 -10.36 -0.96
C ARG A 46 2.18 -10.51 -0.79
N GLN A 47 2.94 -9.62 -1.40
CA GLN A 47 4.41 -9.74 -1.31
C GLN A 47 5.09 -8.39 -1.27
N SER A 48 6.22 -8.33 -0.58
CA SER A 48 7.07 -7.14 -0.56
C SER A 48 8.52 -7.53 -0.84
N ASN A 49 9.26 -6.67 -1.50
CA ASN A 49 10.65 -6.99 -1.86
C ASN A 49 11.66 -6.25 -1.01
N ASN A 50 12.29 -6.97 -0.07
CA ASN A 50 13.46 -6.48 0.70
C ASN A 50 13.13 -5.36 1.67
N GLY A 51 12.48 -4.34 1.18
CA GLY A 51 12.30 -3.10 1.92
C GLY A 51 12.45 -1.90 1.00
N VAL A 52 11.84 -2.01 -0.18
CA VAL A 52 11.98 -1.02 -1.23
C VAL A 52 10.66 -0.33 -1.51
N PRO A 53 10.69 0.82 -2.19
CA PRO A 53 9.46 1.59 -2.53
C PRO A 53 8.38 0.79 -3.23
N PRO A 54 8.69 -0.02 -4.27
CA PRO A 54 7.69 -0.84 -4.94
C PRO A 54 7.12 -1.93 -4.02
N VAL A 55 5.81 -2.07 -4.06
CA VAL A 55 5.09 -3.07 -3.28
C VAL A 55 4.11 -3.85 -4.18
N GLN A 56 4.01 -5.15 -3.98
CA GLN A 56 3.14 -5.97 -4.82
C GLN A 56 1.77 -6.12 -4.18
N VAL A 57 0.78 -5.47 -4.76
CA VAL A 57 -0.57 -5.48 -4.21
C VAL A 57 -1.56 -5.97 -5.27
N PHE A 58 -2.44 -6.85 -4.86
CA PHE A 58 -3.49 -7.32 -5.75
C PHE A 58 -4.70 -6.41 -5.63
N TRP A 59 -4.89 -5.57 -6.61
CA TRP A 59 -5.96 -4.58 -6.57
C TRP A 59 -7.29 -5.19 -7.03
N GLU A 60 -8.24 -5.21 -6.12
CA GLU A 60 -9.51 -5.90 -6.36
C GLU A 60 -10.35 -5.19 -7.42
N SER A 61 -10.27 -3.87 -7.43
CA SER A 61 -11.05 -3.09 -8.40
C SER A 61 -10.62 -3.40 -9.82
N THR A 62 -9.32 -3.53 -10.03
CA THR A 62 -8.80 -3.83 -11.35
C THR A 62 -8.77 -5.32 -11.60
N GLY A 63 -8.46 -6.07 -10.56
CA GLY A 63 -8.43 -7.53 -10.65
C GLY A 63 -7.07 -8.04 -11.10
N ARG A 64 -6.03 -7.27 -10.83
CA ARG A 64 -4.70 -7.65 -11.24
C ARG A 64 -3.66 -7.15 -10.23
N THR A 65 -2.45 -7.68 -10.32
CA THR A 65 -1.36 -7.29 -9.43
C THR A 65 -0.62 -6.07 -9.95
N TYR A 66 -0.22 -5.20 -9.05
CA TYR A 66 0.43 -3.95 -9.43
C TYR A 66 1.47 -3.57 -8.37
N TRP A 67 2.58 -2.99 -8.83
CA TRP A 67 3.61 -2.51 -7.91
C TRP A 67 3.38 -1.04 -7.61
N VAL A 68 3.09 -0.73 -6.35
CA VAL A 68 2.76 0.62 -5.93
C VAL A 68 3.84 1.15 -4.99
N HIS A 69 3.67 2.35 -4.48
CA HIS A 69 4.59 2.87 -3.49
C HIS A 69 3.93 2.95 -2.13
N TRP A 70 4.64 2.53 -1.09
CA TRP A 70 4.11 2.43 0.25
C TRP A 70 3.44 3.69 0.78
N HIS A 71 4.05 4.84 0.54
CA HIS A 71 3.60 6.08 1.18
C HIS A 71 2.27 6.59 0.64
N MET A 72 1.73 5.94 -0.40
CA MET A 72 0.43 6.31 -0.93
C MET A 72 -0.59 5.21 -0.63
N LEU A 73 -0.18 4.26 0.19
CA LEU A 73 -0.98 3.10 0.48
C LEU A 73 -1.30 3.06 1.98
N GLU A 74 -2.55 2.78 2.32
CA GLU A 74 -2.96 2.69 3.71
C GLU A 74 -3.32 1.26 4.09
N ILE A 75 -2.97 0.88 5.31
CA ILE A 75 -3.13 -0.49 5.78
C ILE A 75 -4.41 -0.63 6.60
N LEU A 76 -5.26 -1.57 6.21
CA LEU A 76 -6.50 -1.85 6.92
C LEU A 76 -6.41 -3.17 7.65
N GLY A 77 -5.74 -4.15 7.06
CA GLY A 77 -5.58 -5.43 7.67
C GLY A 77 -6.74 -6.37 7.35
N PHE A 78 -7.01 -7.31 8.24
CA PHE A 78 -8.18 -8.14 8.10
C PHE A 78 -8.88 -8.33 9.45
N GLU A 79 -9.88 -7.48 9.67
CA GLU A 79 -10.70 -7.56 10.86
C GLU A 79 -11.95 -8.36 10.55
N GLU A 80 -12.67 -7.89 9.56
CA GLU A 80 -13.81 -8.62 9.03
C GLU A 80 -13.51 -9.01 7.58
N MET A 4 -1.10 15.18 5.69
CA MET A 4 0.08 15.03 4.86
C MET A 4 0.95 13.89 5.35
N ARG A 5 1.20 12.94 4.46
CA ARG A 5 1.94 11.74 4.78
C ARG A 5 3.40 12.07 5.10
N SER A 6 3.93 13.07 4.41
CA SER A 6 5.34 13.42 4.50
C SER A 6 5.64 14.29 5.72
N GLU A 7 4.70 14.41 6.65
CA GLU A 7 4.88 15.26 7.84
C GLU A 7 5.90 14.66 8.78
N PHE A 8 6.17 13.37 8.65
CA PHE A 8 7.13 12.70 9.51
C PHE A 8 8.52 13.32 9.34
N ALA A 9 9.36 13.16 10.34
CA ALA A 9 10.67 13.81 10.38
C ALA A 9 11.53 13.39 9.19
N SER A 10 11.46 12.11 8.86
CA SER A 10 12.20 11.59 7.71
C SER A 10 11.28 11.48 6.49
N GLY A 11 9.98 11.68 6.73
CA GLY A 11 8.98 11.49 5.68
C GLY A 11 8.74 10.03 5.37
N ASN A 12 9.82 9.34 5.02
CA ASN A 12 9.80 7.92 4.71
C ASN A 12 9.28 7.09 5.86
N THR A 13 9.41 7.62 7.10
CA THR A 13 8.93 6.95 8.29
C THR A 13 7.47 6.53 8.15
N TYR A 14 6.69 7.29 7.35
CA TYR A 14 5.31 6.93 7.07
C TYR A 14 5.27 5.60 6.37
N ALA A 15 6.01 5.51 5.27
CA ALA A 15 6.08 4.30 4.48
C ALA A 15 6.63 3.14 5.29
N LEU A 16 7.49 3.44 6.24
CA LEU A 16 8.11 2.43 7.07
C LEU A 16 7.11 1.86 8.08
N TYR A 17 6.32 2.75 8.64
CA TYR A 17 5.31 2.37 9.61
C TYR A 17 4.20 1.53 8.97
N VAL A 18 3.63 2.04 7.88
CA VAL A 18 2.54 1.35 7.20
C VAL A 18 2.94 -0.06 6.76
N ARG A 19 4.16 -0.20 6.21
CA ARG A 19 4.64 -1.49 5.72
C ARG A 19 4.95 -2.44 6.87
N ASP A 20 5.16 -1.87 8.06
CA ASP A 20 5.44 -2.66 9.26
C ASP A 20 4.15 -3.30 9.76
N THR A 21 3.04 -2.60 9.63
CA THR A 21 1.75 -3.11 10.05
C THR A 21 1.16 -4.01 8.97
N LEU A 22 1.43 -3.65 7.71
CA LEU A 22 0.89 -4.38 6.56
C LEU A 22 1.55 -5.74 6.41
N GLN A 23 0.90 -6.77 6.93
CA GLN A 23 1.36 -8.14 6.84
C GLN A 23 0.89 -8.79 5.55
N PRO A 24 1.51 -9.91 5.14
CA PRO A 24 1.11 -10.67 3.95
C PRO A 24 -0.33 -11.13 4.05
N GLY A 25 -1.12 -10.76 3.04
CA GLY A 25 -2.51 -11.17 2.98
C GLY A 25 -3.43 -10.09 3.49
N MET A 26 -2.85 -9.03 4.00
CA MET A 26 -3.60 -7.90 4.52
C MET A 26 -4.18 -7.08 3.37
N ARG A 27 -5.45 -6.72 3.51
CA ARG A 27 -6.12 -5.92 2.50
C ARG A 27 -5.67 -4.46 2.63
N VAL A 28 -5.51 -3.81 1.48
CA VAL A 28 -4.96 -2.46 1.43
C VAL A 28 -5.92 -1.47 0.83
N ARG A 29 -5.66 -0.21 1.08
CA ARG A 29 -6.49 0.87 0.55
C ARG A 29 -5.64 1.81 -0.28
N MET A 30 -6.01 2.00 -1.54
CA MET A 30 -5.32 2.92 -2.40
C MET A 30 -5.69 4.34 -2.01
N LEU A 31 -4.73 5.01 -1.41
CA LEU A 31 -4.95 6.31 -0.81
C LEU A 31 -4.73 7.43 -1.81
N ASP A 32 -3.90 7.20 -2.77
CA ASP A 32 -3.57 8.20 -3.77
C ASP A 32 -3.59 7.54 -5.14
N ASP A 33 -4.13 8.22 -6.14
CA ASP A 33 -4.31 7.58 -7.46
C ASP A 33 -2.97 7.51 -8.20
N TYR A 34 -2.80 6.44 -8.97
CA TYR A 34 -1.55 6.21 -9.67
C TYR A 34 -1.77 5.33 -10.90
N GLU A 35 -1.65 5.96 -12.07
CA GLU A 35 -1.74 5.26 -13.35
C GLU A 35 -3.04 4.43 -13.49
N GLU A 36 -2.93 3.12 -13.48
CA GLU A 36 -4.09 2.24 -13.63
C GLU A 36 -4.97 2.24 -12.40
N ILE A 37 -4.37 2.47 -11.24
CA ILE A 37 -5.12 2.39 -10.00
C ILE A 37 -5.55 3.79 -9.56
N SER A 38 -6.70 3.88 -8.91
CA SER A 38 -7.23 5.16 -8.48
C SER A 38 -7.51 5.10 -6.99
N ALA A 39 -7.74 6.27 -6.37
CA ALA A 39 -7.96 6.34 -4.95
C ALA A 39 -9.30 5.70 -4.57
N GLY A 40 -9.31 4.93 -3.51
CA GLY A 40 -10.52 4.27 -3.07
C GLY A 40 -10.55 2.80 -3.45
N ASP A 41 -9.67 2.42 -4.36
CA ASP A 41 -9.58 1.03 -4.77
C ASP A 41 -9.03 0.20 -3.62
N GLU A 42 -9.55 -1.01 -3.48
CA GLU A 42 -9.15 -1.90 -2.41
C GLU A 42 -8.53 -3.15 -2.98
N GLY A 43 -7.58 -3.73 -2.26
CA GLY A 43 -6.89 -4.89 -2.76
C GLY A 43 -6.23 -5.68 -1.65
N GLU A 44 -5.43 -6.66 -2.02
CA GLU A 44 -4.79 -7.50 -1.01
C GLU A 44 -3.27 -7.51 -1.25
N PHE A 45 -2.51 -7.54 -0.17
CA PHE A 45 -1.06 -7.44 -0.24
C PHE A 45 -0.44 -8.81 -0.46
N ARG A 46 0.25 -8.99 -1.58
CA ARG A 46 0.86 -10.27 -1.93
C ARG A 46 2.24 -10.42 -1.29
N GLN A 47 3.11 -9.47 -1.55
CA GLN A 47 4.49 -9.57 -1.11
C GLN A 47 5.28 -8.32 -1.49
N SER A 48 6.49 -8.23 -0.98
CA SER A 48 7.37 -7.11 -1.24
C SER A 48 8.79 -7.61 -1.40
N ASN A 49 9.73 -6.77 -1.80
CA ASN A 49 11.09 -7.19 -1.96
C ASN A 49 11.99 -6.50 -0.98
N ASN A 50 12.41 -7.23 0.04
CA ASN A 50 13.37 -6.76 1.05
C ASN A 50 12.90 -5.46 1.71
N GLY A 51 13.32 -4.34 1.17
CA GLY A 51 12.93 -3.07 1.71
C GLY A 51 12.86 -1.99 0.65
N VAL A 52 12.38 -2.37 -0.54
CA VAL A 52 12.28 -1.44 -1.66
C VAL A 52 10.91 -0.77 -1.70
N PRO A 53 10.84 0.46 -2.27
CA PRO A 53 9.58 1.17 -2.45
C PRO A 53 8.52 0.40 -3.22
N PRO A 54 8.85 -0.24 -4.38
CA PRO A 54 7.85 -1.02 -5.15
C PRO A 54 7.30 -2.20 -4.36
N VAL A 55 6.00 -2.31 -4.36
CA VAL A 55 5.30 -3.37 -3.64
C VAL A 55 4.29 -4.03 -4.57
N GLN A 56 4.18 -5.35 -4.50
CA GLN A 56 3.29 -6.06 -5.37
C GLN A 56 1.95 -6.30 -4.70
N VAL A 57 0.92 -5.58 -5.17
CA VAL A 57 -0.39 -5.63 -4.58
C VAL A 57 -1.41 -6.01 -5.64
N PHE A 58 -2.35 -6.88 -5.28
CA PHE A 58 -3.42 -7.25 -6.18
C PHE A 58 -4.64 -6.41 -5.84
N TRP A 59 -5.15 -5.69 -6.81
CA TRP A 59 -6.27 -4.80 -6.57
C TRP A 59 -7.57 -5.50 -6.93
N GLU A 60 -8.37 -5.75 -5.91
CA GLU A 60 -9.54 -6.60 -6.03
C GLU A 60 -10.68 -5.88 -6.74
N SER A 61 -10.59 -4.56 -6.80
CA SER A 61 -11.61 -3.76 -7.42
C SER A 61 -11.45 -3.77 -8.95
N THR A 62 -10.23 -3.99 -9.39
CA THR A 62 -9.95 -4.06 -10.83
C THR A 62 -9.71 -5.50 -11.28
N GLY A 63 -8.86 -6.21 -10.55
CA GLY A 63 -8.45 -7.54 -10.96
C GLY A 63 -7.04 -7.54 -11.49
N ARG A 64 -6.31 -6.46 -11.21
CA ARG A 64 -4.95 -6.31 -11.69
C ARG A 64 -3.96 -6.32 -10.53
N THR A 65 -2.82 -6.96 -10.72
CA THR A 65 -1.70 -6.80 -9.81
C THR A 65 -0.83 -5.65 -10.29
N TYR A 66 -0.36 -4.85 -9.35
CA TYR A 66 0.40 -3.65 -9.70
C TYR A 66 1.38 -3.30 -8.59
N TRP A 67 2.52 -2.72 -8.97
CA TRP A 67 3.53 -2.32 -8.01
C TRP A 67 3.31 -0.88 -7.62
N VAL A 68 3.02 -0.66 -6.34
CA VAL A 68 2.72 0.69 -5.84
C VAL A 68 3.87 1.17 -4.96
N HIS A 69 3.81 2.40 -4.48
CA HIS A 69 4.76 2.89 -3.50
C HIS A 69 4.11 3.02 -2.13
N TRP A 70 4.84 2.58 -1.10
CA TRP A 70 4.32 2.48 0.27
C TRP A 70 3.72 3.80 0.78
N HIS A 71 4.33 4.93 0.39
CA HIS A 71 3.95 6.21 0.98
C HIS A 71 2.66 6.77 0.37
N MET A 72 2.03 6.04 -0.54
CA MET A 72 0.76 6.50 -1.11
C MET A 72 -0.36 5.48 -0.88
N LEU A 73 -0.15 4.53 0.01
CA LEU A 73 -1.17 3.54 0.34
C LEU A 73 -1.58 3.60 1.79
N GLU A 74 -2.83 3.27 2.06
CA GLU A 74 -3.35 3.19 3.40
C GLU A 74 -3.52 1.74 3.81
N ILE A 75 -3.20 1.44 5.04
CA ILE A 75 -3.26 0.10 5.56
C ILE A 75 -4.59 -0.14 6.26
N LEU A 76 -5.35 -1.11 5.77
CA LEU A 76 -6.63 -1.48 6.35
C LEU A 76 -6.46 -2.65 7.29
N GLY A 77 -6.42 -3.85 6.74
CA GLY A 77 -6.25 -5.03 7.55
C GLY A 77 -6.97 -6.23 6.98
N PHE A 78 -7.14 -7.27 7.81
CA PHE A 78 -7.90 -8.43 7.41
C PHE A 78 -8.49 -9.06 8.68
N GLU A 79 -8.99 -8.18 9.53
CA GLU A 79 -9.41 -8.56 10.88
C GLU A 79 -10.80 -9.20 10.85
N GLU A 80 -10.97 -10.21 9.99
CA GLU A 80 -12.22 -10.92 9.84
C GLU A 80 -13.29 -10.04 9.19
N MET A 4 2.87 17.90 2.00
CA MET A 4 2.28 16.58 1.72
C MET A 4 2.71 15.58 2.80
N ARG A 5 2.38 14.31 2.59
CA ARG A 5 2.72 13.28 3.56
C ARG A 5 4.24 13.19 3.76
N SER A 6 4.99 13.53 2.72
CA SER A 6 6.45 13.45 2.77
C SER A 6 7.04 14.60 3.60
N GLU A 7 6.20 15.30 4.33
CA GLU A 7 6.63 16.42 5.19
C GLU A 7 7.47 15.97 6.37
N PHE A 8 7.56 14.65 6.58
CA PHE A 8 8.41 14.11 7.61
C PHE A 8 9.87 14.23 7.21
N ALA A 9 10.78 13.60 7.97
CA ALA A 9 12.21 13.69 7.71
C ALA A 9 12.55 13.34 6.27
N SER A 10 11.96 12.26 5.80
CA SER A 10 12.05 11.91 4.39
C SER A 10 10.66 11.60 3.84
N GLY A 11 9.68 11.48 4.74
CA GLY A 11 8.33 11.08 4.36
C GLY A 11 8.19 9.57 4.30
N ASN A 12 9.33 8.90 4.35
CA ASN A 12 9.40 7.45 4.24
C ASN A 12 8.84 6.77 5.48
N THR A 13 8.83 7.47 6.61
CA THR A 13 8.38 6.90 7.86
C THR A 13 7.01 6.25 7.74
N TYR A 14 6.13 6.80 6.92
CA TYR A 14 4.84 6.20 6.66
C TYR A 14 5.04 4.80 6.11
N ALA A 15 5.82 4.76 5.03
CA ALA A 15 6.13 3.52 4.32
C ALA A 15 6.86 2.52 5.20
N LEU A 16 7.66 3.05 6.11
CA LEU A 16 8.39 2.20 7.04
C LEU A 16 7.46 1.62 8.10
N TYR A 17 6.64 2.50 8.71
CA TYR A 17 5.75 2.10 9.79
C TYR A 17 4.77 1.05 9.33
N VAL A 18 4.06 1.35 8.23
CA VAL A 18 3.03 0.44 7.72
C VAL A 18 3.57 -0.97 7.46
N ARG A 19 4.86 -1.08 7.13
CA ARG A 19 5.49 -2.36 6.90
C ARG A 19 5.33 -3.30 8.09
N ASP A 20 5.40 -2.77 9.29
CA ASP A 20 5.35 -3.59 10.50
C ASP A 20 3.96 -4.16 10.74
N THR A 21 2.94 -3.51 10.21
CA THR A 21 1.56 -3.98 10.37
C THR A 21 1.06 -4.63 9.09
N LEU A 22 1.73 -4.37 7.97
CA LEU A 22 1.35 -4.93 6.68
C LEU A 22 1.79 -6.39 6.54
N GLN A 23 1.20 -7.27 7.34
CA GLN A 23 1.47 -8.68 7.23
C GLN A 23 0.77 -9.27 6.03
N PRO A 24 1.22 -10.45 5.59
CA PRO A 24 0.52 -11.21 4.56
C PRO A 24 -0.95 -11.47 4.94
N GLY A 25 -1.86 -10.74 4.35
CA GLY A 25 -3.27 -10.86 4.69
C GLY A 25 -3.89 -9.51 4.96
N MET A 26 -3.07 -8.46 4.94
CA MET A 26 -3.56 -7.11 5.17
C MET A 26 -3.98 -6.44 3.87
N ARG A 27 -5.28 -6.24 3.72
CA ARG A 27 -5.79 -5.50 2.58
C ARG A 27 -5.47 -4.02 2.71
N VAL A 28 -5.27 -3.38 1.56
CA VAL A 28 -4.88 -1.99 1.50
C VAL A 28 -5.85 -1.17 0.65
N ARG A 29 -5.88 0.12 0.89
CA ARG A 29 -6.70 1.01 0.09
C ARG A 29 -5.87 2.17 -0.45
N MET A 30 -5.99 2.40 -1.76
CA MET A 30 -5.22 3.42 -2.44
C MET A 30 -5.73 4.82 -2.06
N LEU A 31 -4.86 5.63 -1.48
CA LEU A 31 -5.26 6.95 -1.00
C LEU A 31 -5.22 7.99 -2.13
N ASP A 32 -4.28 7.82 -3.04
CA ASP A 32 -4.09 8.79 -4.13
C ASP A 32 -4.21 8.11 -5.48
N ASP A 33 -4.51 8.85 -6.53
CA ASP A 33 -4.63 8.29 -7.87
C ASP A 33 -3.25 8.15 -8.50
N TYR A 34 -3.00 7.01 -9.11
CA TYR A 34 -1.69 6.75 -9.68
C TYR A 34 -1.76 5.69 -10.77
N GLU A 35 -1.60 6.12 -12.00
CA GLU A 35 -1.56 5.24 -13.17
C GLU A 35 -2.88 4.49 -13.34
N GLU A 36 -2.83 3.17 -13.27
CA GLU A 36 -4.01 2.34 -13.42
C GLU A 36 -4.91 2.40 -12.18
N ILE A 37 -4.31 2.72 -11.05
CA ILE A 37 -5.04 2.68 -9.79
C ILE A 37 -5.46 4.07 -9.36
N SER A 38 -6.55 4.18 -8.63
CA SER A 38 -7.09 5.47 -8.23
C SER A 38 -7.42 5.45 -6.75
N ALA A 39 -7.77 6.61 -6.21
CA ALA A 39 -8.10 6.73 -4.81
C ALA A 39 -9.37 5.94 -4.49
N GLY A 40 -9.30 5.09 -3.47
CA GLY A 40 -10.44 4.29 -3.10
C GLY A 40 -10.30 2.84 -3.49
N ASP A 41 -9.43 2.54 -4.45
CA ASP A 41 -9.19 1.17 -4.89
C ASP A 41 -8.66 0.33 -3.74
N GLU A 42 -9.19 -0.89 -3.60
CA GLU A 42 -8.76 -1.78 -2.53
C GLU A 42 -7.95 -2.94 -3.10
N GLY A 43 -6.99 -3.42 -2.34
CA GLY A 43 -6.17 -4.52 -2.81
C GLY A 43 -5.59 -5.35 -1.68
N GLU A 44 -4.99 -6.47 -2.04
CA GLU A 44 -4.35 -7.37 -1.10
C GLU A 44 -2.82 -7.23 -1.24
N PHE A 45 -2.12 -7.23 -0.13
CA PHE A 45 -0.67 -7.09 -0.14
C PHE A 45 -0.02 -8.46 -0.36
N ARG A 46 0.71 -8.63 -1.47
CA ARG A 46 1.36 -9.91 -1.73
C ARG A 46 2.78 -9.90 -1.15
N GLN A 47 3.55 -8.89 -1.49
CA GLN A 47 4.94 -8.70 -0.98
C GLN A 47 5.55 -7.50 -1.65
N SER A 48 6.73 -7.11 -1.18
CA SER A 48 7.45 -5.96 -1.69
C SER A 48 8.78 -6.41 -2.31
N ASN A 49 9.32 -5.63 -3.23
CA ASN A 49 10.58 -6.00 -3.85
C ASN A 49 11.74 -5.52 -2.99
N ASN A 50 12.52 -6.48 -2.47
CA ASN A 50 13.67 -6.22 -1.59
C ASN A 50 13.21 -5.72 -0.23
N GLY A 51 11.93 -5.43 -0.12
CA GLY A 51 11.39 -4.99 1.15
C GLY A 51 11.52 -3.48 1.32
N VAL A 52 11.56 -2.78 0.18
CA VAL A 52 11.70 -1.33 0.18
C VAL A 52 10.47 -0.69 -0.45
N PRO A 53 10.45 0.66 -0.62
CA PRO A 53 9.33 1.42 -1.22
C PRO A 53 8.52 0.68 -2.32
N PRO A 54 9.17 0.08 -3.35
CA PRO A 54 8.44 -0.72 -4.35
C PRO A 54 7.72 -1.91 -3.73
N VAL A 55 6.40 -1.90 -3.83
CA VAL A 55 5.59 -2.95 -3.21
C VAL A 55 4.62 -3.51 -4.25
N GLN A 56 4.43 -4.82 -4.25
CA GLN A 56 3.56 -5.46 -5.21
C GLN A 56 2.20 -5.75 -4.57
N VAL A 57 1.18 -5.12 -5.09
CA VAL A 57 -0.15 -5.18 -4.51
C VAL A 57 -1.17 -5.67 -5.53
N PHE A 58 -1.96 -6.63 -5.13
CA PHE A 58 -3.03 -7.15 -5.98
C PHE A 58 -4.29 -6.33 -5.75
N TRP A 59 -4.74 -5.68 -6.79
CA TRP A 59 -5.88 -4.78 -6.65
C TRP A 59 -7.19 -5.48 -6.99
N GLU A 60 -8.06 -5.53 -5.99
CA GLU A 60 -9.31 -6.30 -6.10
C GLU A 60 -10.26 -5.67 -7.11
N SER A 61 -10.41 -4.36 -6.97
CA SER A 61 -11.34 -3.60 -7.79
C SER A 61 -10.98 -3.68 -9.25
N THR A 62 -9.69 -3.75 -9.55
CA THR A 62 -9.22 -3.91 -10.92
C THR A 62 -9.21 -5.39 -11.31
N GLY A 63 -8.42 -6.15 -10.58
CA GLY A 63 -8.26 -7.57 -10.86
C GLY A 63 -6.86 -7.90 -11.31
N ARG A 64 -5.96 -6.94 -11.16
CA ARG A 64 -4.57 -7.13 -11.58
C ARG A 64 -3.63 -6.70 -10.47
N THR A 65 -2.42 -7.26 -10.47
CA THR A 65 -1.41 -6.89 -9.50
C THR A 65 -0.51 -5.77 -10.05
N TYR A 66 -0.01 -4.91 -9.18
CA TYR A 66 0.74 -3.74 -9.58
C TYR A 66 1.77 -3.37 -8.53
N TRP A 67 2.91 -2.81 -8.94
CA TRP A 67 3.92 -2.33 -8.00
C TRP A 67 3.64 -0.88 -7.68
N VAL A 68 3.36 -0.56 -6.41
CA VAL A 68 3.10 0.80 -5.99
C VAL A 68 4.14 1.19 -4.95
N HIS A 69 4.00 2.37 -4.39
CA HIS A 69 4.82 2.75 -3.24
C HIS A 69 3.98 2.71 -1.97
N TRP A 70 4.57 2.21 -0.89
CA TRP A 70 3.87 2.02 0.39
C TRP A 70 3.04 3.23 0.82
N HIS A 71 3.55 4.43 0.61
CA HIS A 71 2.87 5.63 1.12
C HIS A 71 1.65 5.99 0.28
N MET A 72 1.36 5.20 -0.76
CA MET A 72 0.16 5.37 -1.56
C MET A 72 -1.04 4.67 -0.91
N LEU A 73 -0.76 3.60 -0.15
CA LEU A 73 -1.83 2.76 0.34
C LEU A 73 -2.09 2.98 1.83
N GLU A 74 -3.37 2.84 2.19
CA GLU A 74 -3.78 2.91 3.58
C GLU A 74 -4.09 1.50 4.06
N ILE A 75 -3.77 1.21 5.31
CA ILE A 75 -3.94 -0.12 5.83
C ILE A 75 -5.31 -0.29 6.49
N LEU A 76 -6.16 -1.07 5.84
CA LEU A 76 -7.43 -1.44 6.41
C LEU A 76 -7.26 -2.80 7.09
N GLY A 77 -6.39 -3.62 6.49
CA GLY A 77 -6.02 -4.89 7.06
C GLY A 77 -7.12 -5.92 7.04
N PHE A 78 -6.87 -7.05 7.66
CA PHE A 78 -7.88 -8.09 7.79
C PHE A 78 -7.63 -8.83 9.10
N GLU A 79 -8.67 -8.92 9.93
CA GLU A 79 -8.60 -9.58 11.24
C GLU A 79 -7.82 -8.74 12.25
N GLU A 80 -7.02 -7.79 11.76
CA GLU A 80 -6.33 -6.85 12.60
C GLU A 80 -7.34 -5.85 13.14
N MET A 4 -0.35 12.45 3.89
CA MET A 4 0.98 13.01 3.67
C MET A 4 2.04 12.18 4.35
N ARG A 5 3.20 12.09 3.72
CA ARG A 5 4.37 11.42 4.31
C ARG A 5 4.80 12.18 5.56
N SER A 6 4.63 13.50 5.49
CA SER A 6 5.07 14.39 6.55
C SER A 6 4.17 14.32 7.80
N GLU A 7 3.23 13.37 7.79
CA GLU A 7 2.34 13.17 8.95
C GLU A 7 3.10 12.46 10.07
N PHE A 8 4.27 11.95 9.72
CA PHE A 8 5.19 11.38 10.70
C PHE A 8 6.40 12.31 10.85
N ALA A 9 7.26 11.99 11.79
CA ALA A 9 8.35 12.90 12.16
C ALA A 9 9.33 13.16 11.01
N SER A 10 9.76 12.10 10.35
CA SER A 10 10.81 12.22 9.35
C SER A 10 10.29 12.05 7.92
N GLY A 11 8.98 11.90 7.78
CA GLY A 11 8.40 11.73 6.47
C GLY A 11 8.49 10.30 5.95
N ASN A 12 9.70 9.77 5.86
CA ASN A 12 9.93 8.38 5.48
C ASN A 12 9.31 7.46 6.51
N THR A 13 9.19 7.96 7.74
CA THR A 13 8.55 7.24 8.83
C THR A 13 7.15 6.76 8.43
N TYR A 14 6.54 7.49 7.49
CA TYR A 14 5.25 7.12 6.93
C TYR A 14 5.38 5.79 6.19
N ALA A 15 6.30 5.71 5.25
CA ALA A 15 6.59 4.50 4.51
C ALA A 15 7.15 3.41 5.43
N LEU A 16 7.72 3.80 6.55
CA LEU A 16 8.22 2.86 7.52
C LEU A 16 7.05 2.18 8.22
N TYR A 17 6.07 2.97 8.59
CA TYR A 17 4.88 2.48 9.31
C TYR A 17 4.14 1.44 8.48
N VAL A 18 3.89 1.77 7.22
CA VAL A 18 3.19 0.85 6.33
C VAL A 18 3.96 -0.46 6.17
N ARG A 19 5.28 -0.38 6.08
CA ARG A 19 6.13 -1.58 6.01
C ARG A 19 6.00 -2.37 7.31
N ASP A 20 6.00 -1.63 8.43
CA ASP A 20 5.97 -2.22 9.76
C ASP A 20 4.66 -2.98 10.02
N THR A 21 3.56 -2.32 9.84
CA THR A 21 2.26 -2.85 10.24
C THR A 21 1.58 -3.63 9.11
N LEU A 22 1.68 -3.16 7.88
CA LEU A 22 1.00 -3.81 6.75
C LEU A 22 1.79 -5.03 6.30
N GLN A 23 1.35 -6.19 6.74
CA GLN A 23 2.03 -7.44 6.45
C GLN A 23 1.52 -8.04 5.12
N PRO A 24 2.28 -8.99 4.57
CA PRO A 24 1.91 -9.66 3.33
C PRO A 24 0.72 -10.60 3.51
N GLY A 25 -0.45 -10.11 3.12
CA GLY A 25 -1.67 -10.91 3.25
C GLY A 25 -2.88 -10.05 3.52
N MET A 26 -2.67 -8.95 4.23
CA MET A 26 -3.76 -8.06 4.63
C MET A 26 -4.23 -7.18 3.48
N ARG A 27 -5.44 -6.65 3.63
CA ARG A 27 -6.06 -5.80 2.63
C ARG A 27 -5.55 -4.37 2.71
N VAL A 28 -5.48 -3.71 1.54
CA VAL A 28 -4.96 -2.33 1.46
C VAL A 28 -6.00 -1.45 0.78
N ARG A 29 -5.99 -0.18 1.15
CA ARG A 29 -6.89 0.81 0.56
C ARG A 29 -6.10 1.89 -0.18
N MET A 30 -6.46 2.12 -1.44
CA MET A 30 -5.79 3.12 -2.26
C MET A 30 -6.33 4.50 -1.93
N LEU A 31 -5.51 5.33 -1.28
CA LEU A 31 -5.93 6.65 -0.83
C LEU A 31 -5.53 7.74 -1.81
N ASP A 32 -4.98 7.37 -2.95
CA ASP A 32 -4.51 8.34 -3.92
C ASP A 32 -4.71 7.84 -5.36
N ASP A 33 -4.51 8.72 -6.31
CA ASP A 33 -4.65 8.39 -7.72
C ASP A 33 -3.24 8.21 -8.32
N TYR A 34 -3.03 7.07 -8.96
CA TYR A 34 -1.70 6.77 -9.50
C TYR A 34 -1.77 5.78 -10.67
N GLU A 35 -1.72 6.32 -11.87
CA GLU A 35 -1.60 5.53 -13.10
C GLU A 35 -2.74 4.48 -13.23
N GLU A 36 -2.38 3.22 -13.01
CA GLU A 36 -3.31 2.11 -13.15
C GLU A 36 -4.45 2.19 -12.15
N ILE A 37 -4.14 2.65 -10.95
CA ILE A 37 -5.09 2.61 -9.85
C ILE A 37 -5.56 4.03 -9.51
N SER A 38 -6.75 4.13 -8.95
CA SER A 38 -7.35 5.42 -8.64
C SER A 38 -7.74 5.47 -7.17
N ALA A 39 -8.01 6.65 -6.65
CA ALA A 39 -8.38 6.79 -5.25
C ALA A 39 -9.71 6.10 -5.00
N GLY A 40 -9.76 5.26 -3.96
CA GLY A 40 -10.97 4.57 -3.62
C GLY A 40 -10.90 3.10 -3.97
N ASP A 41 -9.92 2.72 -4.77
CA ASP A 41 -9.73 1.32 -5.11
C ASP A 41 -9.19 0.55 -3.91
N GLU A 42 -9.49 -0.72 -3.84
CA GLU A 42 -9.04 -1.57 -2.76
C GLU A 42 -8.39 -2.83 -3.31
N GLY A 43 -7.52 -3.43 -2.52
CA GLY A 43 -6.83 -4.61 -2.96
C GLY A 43 -6.24 -5.41 -1.79
N GLU A 44 -5.50 -6.45 -2.13
CA GLU A 44 -4.92 -7.33 -1.14
C GLU A 44 -3.41 -7.40 -1.33
N PHE A 45 -2.67 -7.43 -0.23
CA PHE A 45 -1.22 -7.37 -0.26
C PHE A 45 -0.68 -8.77 -0.54
N ARG A 46 -0.02 -8.97 -1.66
CA ARG A 46 0.50 -10.27 -2.01
C ARG A 46 1.87 -10.48 -1.36
N GLN A 47 2.76 -9.53 -1.59
CA GLN A 47 4.13 -9.61 -1.13
C GLN A 47 4.84 -8.30 -1.42
N SER A 48 5.99 -8.09 -0.80
CA SER A 48 6.73 -6.87 -0.99
C SER A 48 8.19 -7.17 -1.25
N ASN A 49 8.92 -6.20 -1.76
CA ASN A 49 10.35 -6.36 -1.93
C ASN A 49 11.01 -6.02 -0.60
N ASN A 50 11.86 -6.93 -0.16
CA ASN A 50 12.40 -6.90 1.20
C ASN A 50 13.51 -5.90 1.39
N GLY A 51 13.72 -5.02 0.40
CA GLY A 51 14.75 -4.00 0.55
C GLY A 51 14.48 -2.76 -0.30
N VAL A 52 13.69 -2.92 -1.36
CA VAL A 52 13.40 -1.81 -2.24
C VAL A 52 11.89 -1.51 -2.27
N PRO A 53 11.53 -0.28 -2.69
CA PRO A 53 10.14 0.23 -2.67
C PRO A 53 9.09 -0.71 -3.32
N PRO A 54 9.32 -1.24 -4.56
CA PRO A 54 8.33 -2.05 -5.28
C PRO A 54 7.61 -3.07 -4.40
N VAL A 55 6.28 -2.99 -4.39
CA VAL A 55 5.45 -3.89 -3.60
C VAL A 55 4.34 -4.50 -4.47
N GLN A 56 4.11 -5.80 -4.31
CA GLN A 56 3.18 -6.51 -5.17
C GLN A 56 1.82 -6.61 -4.51
N VAL A 57 0.85 -5.85 -5.01
CA VAL A 57 -0.48 -5.83 -4.47
C VAL A 57 -1.50 -6.22 -5.52
N PHE A 58 -2.45 -7.06 -5.15
CA PHE A 58 -3.52 -7.43 -6.06
C PHE A 58 -4.71 -6.51 -5.83
N TRP A 59 -5.07 -5.76 -6.83
CA TRP A 59 -6.15 -4.81 -6.69
C TRP A 59 -7.48 -5.45 -7.08
N GLU A 60 -8.32 -5.66 -6.06
CA GLU A 60 -9.53 -6.43 -6.21
C GLU A 60 -10.57 -5.66 -6.99
N SER A 61 -10.58 -4.34 -6.80
CA SER A 61 -11.52 -3.47 -7.47
C SER A 61 -11.31 -3.52 -8.99
N THR A 62 -10.07 -3.70 -9.40
CA THR A 62 -9.73 -3.74 -10.82
C THR A 62 -9.64 -5.19 -11.31
N GLY A 63 -8.92 -6.01 -10.57
CA GLY A 63 -8.77 -7.42 -10.89
C GLY A 63 -7.40 -7.73 -11.44
N ARG A 64 -6.44 -6.83 -11.18
CA ARG A 64 -5.10 -6.99 -11.70
C ARG A 64 -4.07 -6.79 -10.59
N THR A 65 -2.94 -7.47 -10.70
CA THR A 65 -1.82 -7.24 -9.82
C THR A 65 -1.01 -6.05 -10.31
N TYR A 66 -0.51 -5.26 -9.38
CA TYR A 66 0.28 -4.09 -9.71
C TYR A 66 1.31 -3.84 -8.62
N TRP A 67 2.46 -3.32 -9.01
CA TRP A 67 3.49 -2.99 -8.05
C TRP A 67 3.34 -1.54 -7.65
N VAL A 68 3.00 -1.32 -6.41
CA VAL A 68 2.65 -0.01 -5.88
C VAL A 68 3.83 0.57 -5.11
N HIS A 69 3.53 1.49 -4.19
CA HIS A 69 4.56 2.27 -3.53
C HIS A 69 4.19 2.35 -2.05
N TRP A 70 5.14 2.16 -1.15
CA TRP A 70 4.85 2.21 0.30
C TRP A 70 4.05 3.44 0.70
N HIS A 71 4.50 4.61 0.28
CA HIS A 71 3.82 5.87 0.66
C HIS A 71 2.45 6.00 0.01
N MET A 72 2.16 5.10 -0.94
CA MET A 72 0.90 5.15 -1.69
C MET A 72 -0.15 4.22 -1.08
N LEU A 73 0.26 3.36 -0.15
CA LEU A 73 -0.65 2.34 0.37
C LEU A 73 -1.15 2.71 1.76
N GLU A 74 -2.48 2.58 1.96
CA GLU A 74 -3.06 2.71 3.29
C GLU A 74 -3.53 1.36 3.77
N ILE A 75 -3.42 1.13 5.06
CA ILE A 75 -3.81 -0.12 5.67
C ILE A 75 -5.10 0.07 6.46
N LEU A 76 -6.13 -0.69 6.10
CA LEU A 76 -7.39 -0.59 6.82
C LEU A 76 -7.38 -1.53 8.04
N GLY A 77 -6.49 -2.51 8.02
CA GLY A 77 -6.39 -3.43 9.15
C GLY A 77 -7.50 -4.44 9.12
N PHE A 78 -7.36 -5.44 8.24
CA PHE A 78 -8.36 -6.48 8.02
C PHE A 78 -9.67 -5.91 7.47
N GLU A 79 -10.59 -5.54 8.40
CA GLU A 79 -11.93 -5.04 8.04
C GLU A 79 -12.56 -5.89 6.93
N GLU A 80 -12.71 -7.18 7.22
CA GLU A 80 -13.21 -8.14 6.26
C GLU A 80 -13.39 -9.48 6.97
N MET A 4 -0.44 15.24 5.92
CA MET A 4 -0.95 13.96 5.45
C MET A 4 -0.55 12.90 6.48
N ARG A 5 -1.00 11.68 6.26
CA ARG A 5 -0.60 10.60 7.16
C ARG A 5 0.90 10.31 7.01
N SER A 6 1.41 10.54 5.81
CA SER A 6 2.83 10.34 5.51
C SER A 6 3.70 11.53 5.96
N GLU A 7 3.16 12.41 6.78
CA GLU A 7 3.88 13.62 7.23
C GLU A 7 4.94 13.33 8.30
N PHE A 8 5.30 12.06 8.48
CA PHE A 8 6.32 11.67 9.46
C PHE A 8 7.64 12.39 9.19
N ALA A 9 8.64 12.11 10.01
CA ALA A 9 9.92 12.85 10.04
C ALA A 9 10.50 13.10 8.64
N SER A 10 10.51 12.07 7.82
CA SER A 10 10.97 12.20 6.44
C SER A 10 9.90 11.67 5.48
N GLY A 11 8.71 11.42 6.03
CA GLY A 11 7.60 10.89 5.26
C GLY A 11 7.74 9.40 5.01
N ASN A 12 8.92 9.00 4.53
CA ASN A 12 9.21 7.59 4.27
C ASN A 12 9.08 6.75 5.55
N THR A 13 9.22 7.38 6.72
CA THR A 13 9.00 6.72 7.99
C THR A 13 7.61 6.08 8.05
N TYR A 14 6.67 6.69 7.35
CA TYR A 14 5.31 6.15 7.25
C TYR A 14 5.35 4.78 6.59
N ALA A 15 6.16 4.68 5.54
CA ALA A 15 6.31 3.44 4.80
C ALA A 15 6.90 2.35 5.68
N LEU A 16 7.73 2.75 6.64
CA LEU A 16 8.30 1.81 7.58
C LEU A 16 7.25 1.37 8.58
N TYR A 17 6.49 2.34 9.08
CA TYR A 17 5.42 2.09 10.04
C TYR A 17 4.41 1.09 9.47
N VAL A 18 3.90 1.40 8.28
CA VAL A 18 2.89 0.55 7.66
C VAL A 18 3.44 -0.84 7.33
N ARG A 19 4.66 -0.93 6.78
CA ARG A 19 5.20 -2.22 6.38
C ARG A 19 5.52 -3.08 7.58
N ASP A 20 5.71 -2.44 8.72
CA ASP A 20 5.99 -3.14 9.98
C ASP A 20 4.78 -3.95 10.43
N THR A 21 3.61 -3.33 10.34
CA THR A 21 2.38 -3.94 10.83
C THR A 21 1.63 -4.68 9.71
N LEU A 22 1.81 -4.22 8.49
CA LEU A 22 1.06 -4.75 7.34
C LEU A 22 1.64 -6.09 6.89
N GLN A 23 1.01 -7.16 7.34
CA GLN A 23 1.42 -8.50 6.95
C GLN A 23 0.64 -8.97 5.75
N PRO A 24 1.22 -9.90 4.96
CA PRO A 24 0.51 -10.56 3.85
C PRO A 24 -0.85 -11.08 4.27
N GLY A 25 -1.90 -10.59 3.60
CA GLY A 25 -3.24 -10.97 3.98
C GLY A 25 -4.03 -9.78 4.50
N MET A 26 -3.32 -8.70 4.77
CA MET A 26 -3.98 -7.44 5.13
C MET A 26 -4.30 -6.61 3.90
N ARG A 27 -5.57 -6.28 3.75
CA ARG A 27 -6.02 -5.47 2.61
C ARG A 27 -5.70 -4.00 2.80
N VAL A 28 -5.46 -3.33 1.67
CA VAL A 28 -5.08 -1.93 1.64
C VAL A 28 -6.07 -1.09 0.82
N ARG A 29 -6.03 0.21 1.04
CA ARG A 29 -6.85 1.15 0.28
C ARG A 29 -5.97 2.19 -0.40
N MET A 30 -6.25 2.49 -1.66
CA MET A 30 -5.49 3.48 -2.41
C MET A 30 -6.08 4.86 -2.22
N LEU A 31 -5.25 5.81 -1.79
CA LEU A 31 -5.72 7.16 -1.49
C LEU A 31 -5.16 8.18 -2.47
N ASP A 32 -4.32 7.76 -3.39
CA ASP A 32 -3.68 8.68 -4.32
C ASP A 32 -3.96 8.26 -5.76
N ASP A 33 -3.74 9.15 -6.70
CA ASP A 33 -3.89 8.83 -8.12
C ASP A 33 -2.57 8.30 -8.66
N TYR A 34 -2.59 7.07 -9.13
CA TYR A 34 -1.38 6.40 -9.57
C TYR A 34 -1.58 5.85 -10.99
N GLU A 35 -0.52 5.23 -11.50
CA GLU A 35 -0.52 4.73 -12.85
C GLU A 35 -1.45 3.53 -12.99
N GLU A 36 -2.70 3.84 -13.35
CA GLU A 36 -3.76 2.86 -13.65
C GLU A 36 -4.63 2.64 -12.41
N ILE A 37 -4.05 2.85 -11.24
CA ILE A 37 -4.76 2.72 -9.98
C ILE A 37 -5.21 4.10 -9.50
N SER A 38 -6.36 4.18 -8.88
CA SER A 38 -6.91 5.47 -8.48
C SER A 38 -7.38 5.42 -7.03
N ALA A 39 -7.81 6.56 -6.52
CA ALA A 39 -8.24 6.66 -5.16
C ALA A 39 -9.55 5.89 -4.95
N GLY A 40 -9.58 5.08 -3.89
CA GLY A 40 -10.76 4.33 -3.57
C GLY A 40 -10.61 2.86 -3.88
N ASP A 41 -9.65 2.50 -4.71
CA ASP A 41 -9.39 1.09 -5.04
C ASP A 41 -8.95 0.32 -3.80
N GLU A 42 -9.49 -0.89 -3.65
CA GLU A 42 -9.11 -1.77 -2.55
C GLU A 42 -8.21 -2.87 -3.07
N GLY A 43 -7.21 -3.26 -2.29
CA GLY A 43 -6.31 -4.30 -2.76
C GLY A 43 -5.87 -5.21 -1.64
N GLU A 44 -5.37 -6.36 -2.01
CA GLU A 44 -4.84 -7.34 -1.06
C GLU A 44 -3.33 -7.28 -1.07
N PHE A 45 -2.72 -7.30 0.11
CA PHE A 45 -1.27 -7.21 0.22
C PHE A 45 -0.65 -8.60 0.15
N ARG A 46 0.09 -8.85 -0.90
CA ARG A 46 0.70 -10.15 -1.12
C ARG A 46 2.00 -10.33 -0.36
N GLN A 47 2.94 -9.42 -0.60
CA GLN A 47 4.29 -9.54 -0.07
C GLN A 47 5.14 -8.34 -0.48
N SER A 48 6.34 -8.27 0.06
CA SER A 48 7.26 -7.20 -0.23
C SER A 48 8.59 -7.80 -0.70
N ASN A 49 9.29 -7.12 -1.58
CA ASN A 49 10.53 -7.64 -2.13
C ASN A 49 11.25 -6.60 -2.97
N ASN A 50 12.41 -6.97 -3.51
CA ASN A 50 13.21 -6.10 -4.38
C ASN A 50 13.91 -5.00 -3.61
N GLY A 51 13.44 -4.69 -2.41
CA GLY A 51 14.16 -3.77 -1.54
C GLY A 51 13.57 -2.38 -1.54
N VAL A 52 13.58 -1.72 -2.69
CA VAL A 52 13.12 -0.34 -2.80
C VAL A 52 11.62 -0.18 -2.52
N PRO A 53 11.18 1.09 -2.30
CA PRO A 53 9.79 1.43 -1.92
C PRO A 53 8.64 0.66 -2.59
N PRO A 54 8.69 0.35 -3.91
CA PRO A 54 7.62 -0.42 -4.57
C PRO A 54 7.15 -1.65 -3.78
N VAL A 55 5.84 -1.88 -3.85
CA VAL A 55 5.19 -2.93 -3.07
C VAL A 55 4.26 -3.72 -3.99
N GLN A 56 4.20 -5.02 -3.82
CA GLN A 56 3.39 -5.86 -4.69
C GLN A 56 2.00 -6.03 -4.11
N VAL A 57 1.02 -5.39 -4.72
CA VAL A 57 -0.34 -5.39 -4.22
C VAL A 57 -1.29 -5.88 -5.28
N PHE A 58 -2.23 -6.74 -4.89
CA PHE A 58 -3.25 -7.20 -5.79
C PHE A 58 -4.50 -6.33 -5.69
N TRP A 59 -4.87 -5.69 -6.77
CA TRP A 59 -6.02 -4.80 -6.76
C TRP A 59 -7.25 -5.54 -7.25
N GLU A 60 -8.22 -5.73 -6.37
CA GLU A 60 -9.37 -6.59 -6.64
C GLU A 60 -10.33 -5.93 -7.64
N SER A 61 -10.34 -4.61 -7.62
CA SER A 61 -11.20 -3.83 -8.51
C SER A 61 -10.84 -4.05 -9.99
N THR A 62 -9.56 -4.24 -10.26
CA THR A 62 -9.11 -4.50 -11.61
C THR A 62 -8.75 -5.99 -11.81
N GLY A 63 -8.39 -6.64 -10.73
CA GLY A 63 -8.00 -8.04 -10.78
C GLY A 63 -6.54 -8.20 -11.16
N ARG A 64 -5.79 -7.13 -11.03
CA ARG A 64 -4.40 -7.11 -11.43
C ARG A 64 -3.50 -6.84 -10.23
N THR A 65 -2.35 -7.50 -10.23
CA THR A 65 -1.30 -7.19 -9.29
C THR A 65 -0.47 -6.01 -9.84
N TYR A 66 -0.03 -5.13 -8.96
CA TYR A 66 0.72 -3.96 -9.37
C TYR A 66 1.63 -3.46 -8.26
N TRP A 67 2.76 -2.91 -8.63
CA TRP A 67 3.71 -2.39 -7.65
C TRP A 67 3.43 -0.93 -7.37
N VAL A 68 3.04 -0.63 -6.15
CA VAL A 68 2.68 0.74 -5.75
C VAL A 68 3.67 1.19 -4.67
N HIS A 69 3.52 2.40 -4.17
CA HIS A 69 4.37 2.87 -3.07
C HIS A 69 3.59 2.98 -1.76
N TRP A 70 4.22 2.54 -0.66
CA TRP A 70 3.60 2.52 0.67
C TRP A 70 2.97 3.85 1.05
N HIS A 71 3.63 4.95 0.71
CA HIS A 71 3.26 6.27 1.24
C HIS A 71 1.92 6.78 0.71
N MET A 72 1.32 6.04 -0.22
CA MET A 72 0.06 6.49 -0.83
C MET A 72 -1.06 5.47 -0.59
N LEU A 73 -0.80 4.52 0.29
CA LEU A 73 -1.77 3.48 0.62
C LEU A 73 -2.17 3.58 2.08
N GLU A 74 -3.43 3.26 2.35
CA GLU A 74 -3.92 3.16 3.71
C GLU A 74 -4.03 1.68 4.09
N ILE A 75 -3.66 1.36 5.31
CA ILE A 75 -3.65 -0.03 5.75
C ILE A 75 -4.91 -0.31 6.57
N LEU A 76 -5.59 -1.38 6.22
CA LEU A 76 -6.82 -1.77 6.90
C LEU A 76 -6.56 -2.84 7.96
N GLY A 77 -5.35 -3.39 7.96
CA GLY A 77 -5.02 -4.45 8.89
C GLY A 77 -5.79 -5.72 8.62
N PHE A 78 -6.04 -6.51 9.64
CA PHE A 78 -6.85 -7.71 9.48
C PHE A 78 -7.53 -8.08 10.79
N GLU A 79 -6.73 -8.25 11.82
CA GLU A 79 -7.20 -8.62 13.15
C GLU A 79 -7.67 -7.37 13.86
N GLU A 80 -7.17 -6.24 13.42
CA GLU A 80 -7.45 -4.94 14.01
C GLU A 80 -8.85 -4.44 13.60
N MET A 4 1.11 14.45 -0.24
CA MET A 4 0.55 13.13 0.03
C MET A 4 0.64 12.82 1.52
N ARG A 5 0.18 11.63 1.88
CA ARG A 5 0.18 11.18 3.29
C ARG A 5 1.59 11.20 3.87
N SER A 6 2.58 11.06 3.00
CA SER A 6 3.99 11.01 3.38
C SER A 6 4.55 12.32 3.98
N GLU A 7 3.66 13.22 4.42
CA GLU A 7 4.08 14.50 5.01
C GLU A 7 4.78 14.32 6.38
N PHE A 8 5.21 13.10 6.70
CA PHE A 8 5.87 12.81 7.96
C PHE A 8 7.33 13.32 7.95
N ALA A 9 8.02 13.13 9.06
CA ALA A 9 9.35 13.71 9.28
C ALA A 9 10.32 13.38 8.17
N SER A 10 10.37 12.11 7.79
CA SER A 10 11.24 11.68 6.70
C SER A 10 10.41 11.36 5.47
N GLY A 11 9.10 11.50 5.59
CA GLY A 11 8.20 11.18 4.50
C GLY A 11 8.00 9.69 4.33
N ASN A 12 9.10 9.00 4.05
CA ASN A 12 9.12 7.56 3.89
C ASN A 12 8.64 6.84 5.15
N THR A 13 8.74 7.51 6.30
CA THR A 13 8.37 6.93 7.59
C THR A 13 6.97 6.31 7.59
N TYR A 14 6.06 6.90 6.82
CA TYR A 14 4.70 6.38 6.72
C TYR A 14 4.74 4.98 6.13
N ALA A 15 5.55 4.83 5.09
CA ALA A 15 5.75 3.56 4.43
C ALA A 15 6.46 2.58 5.33
N LEU A 16 7.22 3.10 6.27
CA LEU A 16 7.96 2.27 7.22
C LEU A 16 7.01 1.72 8.27
N TYR A 17 6.21 2.61 8.84
CA TYR A 17 5.25 2.26 9.85
C TYR A 17 4.28 1.19 9.35
N VAL A 18 3.62 1.49 8.23
CA VAL A 18 2.65 0.57 7.65
C VAL A 18 3.29 -0.77 7.30
N ARG A 19 4.54 -0.73 6.85
CA ARG A 19 5.27 -1.93 6.46
C ARG A 19 5.27 -3.02 7.55
N ASP A 20 5.43 -2.61 8.81
CA ASP A 20 5.46 -3.56 9.92
C ASP A 20 4.13 -4.29 10.06
N THR A 21 3.05 -3.55 9.93
CA THR A 21 1.72 -4.11 10.09
C THR A 21 1.30 -4.85 8.83
N LEU A 22 1.87 -4.46 7.70
CA LEU A 22 1.47 -4.98 6.42
C LEU A 22 2.10 -6.36 6.18
N GLN A 23 1.40 -7.39 6.61
CA GLN A 23 1.79 -8.76 6.32
C GLN A 23 1.05 -9.26 5.09
N PRO A 24 1.58 -10.28 4.42
CA PRO A 24 0.87 -10.92 3.30
C PRO A 24 -0.53 -11.35 3.70
N GLY A 25 -1.52 -10.74 3.07
CA GLY A 25 -2.90 -11.02 3.41
C GLY A 25 -3.62 -9.77 3.89
N MET A 26 -2.85 -8.76 4.26
CA MET A 26 -3.42 -7.48 4.67
C MET A 26 -4.00 -6.73 3.49
N ARG A 27 -5.21 -6.21 3.67
CA ARG A 27 -5.82 -5.37 2.67
C ARG A 27 -5.35 -3.94 2.79
N VAL A 28 -5.27 -3.26 1.65
CA VAL A 28 -4.78 -1.89 1.62
C VAL A 28 -5.76 -0.95 0.96
N ARG A 29 -5.65 0.31 1.31
CA ARG A 29 -6.47 1.37 0.72
C ARG A 29 -5.59 2.33 -0.06
N MET A 30 -5.88 2.50 -1.34
CA MET A 30 -5.10 3.40 -2.17
C MET A 30 -5.45 4.85 -1.82
N LEU A 31 -4.46 5.61 -1.39
CA LEU A 31 -4.71 6.97 -0.91
C LEU A 31 -4.51 8.00 -2.00
N ASP A 32 -3.79 7.64 -3.05
CA ASP A 32 -3.47 8.59 -4.11
C ASP A 32 -3.73 7.97 -5.47
N ASP A 33 -3.98 8.81 -6.47
CA ASP A 33 -4.26 8.33 -7.81
C ASP A 33 -2.95 8.10 -8.57
N TYR A 34 -2.79 6.92 -9.13
CA TYR A 34 -1.52 6.56 -9.75
C TYR A 34 -1.76 5.60 -10.92
N GLU A 35 -1.74 6.17 -12.12
CA GLU A 35 -1.97 5.43 -13.37
C GLU A 35 -3.21 4.54 -13.29
N GLU A 36 -2.99 3.23 -13.21
CA GLU A 36 -4.08 2.28 -13.22
C GLU A 36 -4.98 2.40 -12.00
N ILE A 37 -4.41 2.75 -10.88
CA ILE A 37 -5.13 2.74 -9.62
C ILE A 37 -5.58 4.16 -9.24
N SER A 38 -6.68 4.24 -8.52
CA SER A 38 -7.23 5.52 -8.11
C SER A 38 -7.37 5.59 -6.60
N ALA A 39 -7.61 6.78 -6.07
CA ALA A 39 -7.79 6.98 -4.65
C ALA A 39 -9.10 6.32 -4.21
N GLY A 40 -9.03 5.49 -3.19
CA GLY A 40 -10.20 4.80 -2.71
C GLY A 40 -10.22 3.33 -3.09
N ASP A 41 -9.44 2.96 -4.10
CA ASP A 41 -9.40 1.58 -4.55
C ASP A 41 -8.84 0.67 -3.45
N GLU A 42 -9.40 -0.51 -3.35
CA GLU A 42 -8.97 -1.48 -2.34
C GLU A 42 -8.14 -2.60 -2.98
N GLY A 43 -7.19 -3.10 -2.22
CA GLY A 43 -6.35 -4.18 -2.67
C GLY A 43 -5.85 -5.03 -1.53
N GLU A 44 -5.06 -6.03 -1.84
CA GLU A 44 -4.48 -6.88 -0.82
C GLU A 44 -2.97 -7.03 -1.06
N PHE A 45 -2.22 -7.16 0.02
CA PHE A 45 -0.77 -7.25 -0.07
C PHE A 45 -0.37 -8.73 -0.16
N ARG A 46 0.37 -9.08 -1.21
CA ARG A 46 0.76 -10.46 -1.41
C ARG A 46 2.24 -10.69 -1.02
N GLN A 47 3.09 -9.76 -1.44
CA GLN A 47 4.52 -9.84 -1.12
C GLN A 47 5.26 -8.64 -1.68
N SER A 48 6.53 -8.47 -1.27
CA SER A 48 7.31 -7.29 -1.65
C SER A 48 8.79 -7.51 -1.36
N ASN A 49 9.57 -6.45 -1.53
CA ASN A 49 10.99 -6.52 -1.22
C ASN A 49 11.21 -5.92 0.16
N ASN A 50 12.46 -5.71 0.59
CA ASN A 50 12.76 -5.27 1.94
C ASN A 50 12.11 -3.93 2.28
N GLY A 51 12.04 -3.00 1.34
CA GLY A 51 11.52 -1.67 1.65
C GLY A 51 11.64 -0.69 0.49
N VAL A 52 12.38 -1.09 -0.53
CA VAL A 52 12.47 -0.35 -1.78
C VAL A 52 11.04 -0.18 -2.35
N PRO A 53 10.74 1.03 -2.89
CA PRO A 53 9.43 1.43 -3.42
C PRO A 53 8.52 0.29 -3.98
N PRO A 54 8.99 -0.58 -4.90
CA PRO A 54 8.09 -1.55 -5.56
C PRO A 54 7.45 -2.55 -4.59
N VAL A 55 6.15 -2.44 -4.46
CA VAL A 55 5.36 -3.35 -3.64
C VAL A 55 4.24 -3.95 -4.49
N GLN A 56 4.04 -5.24 -4.39
CA GLN A 56 3.05 -5.91 -5.24
C GLN A 56 1.74 -6.10 -4.50
N VAL A 57 0.74 -5.40 -4.96
CA VAL A 57 -0.57 -5.42 -4.35
C VAL A 57 -1.59 -5.94 -5.34
N PHE A 58 -2.41 -6.87 -4.89
CA PHE A 58 -3.49 -7.37 -5.70
C PHE A 58 -4.69 -6.45 -5.57
N TRP A 59 -4.91 -5.64 -6.57
CA TRP A 59 -5.99 -4.69 -6.54
C TRP A 59 -7.25 -5.37 -7.02
N GLU A 60 -8.23 -5.47 -6.14
CA GLU A 60 -9.44 -6.20 -6.44
C GLU A 60 -10.38 -5.34 -7.29
N SER A 61 -10.04 -4.06 -7.36
CA SER A 61 -10.75 -3.13 -8.21
C SER A 61 -10.51 -3.48 -9.68
N THR A 62 -9.26 -3.77 -10.02
CA THR A 62 -8.90 -4.14 -11.37
C THR A 62 -8.85 -5.65 -11.56
N GLY A 63 -8.70 -6.37 -10.44
CA GLY A 63 -8.64 -7.82 -10.48
C GLY A 63 -7.30 -8.34 -10.90
N ARG A 64 -6.24 -7.59 -10.59
CA ARG A 64 -4.89 -7.95 -11.02
C ARG A 64 -3.85 -7.41 -10.07
N THR A 65 -2.63 -7.91 -10.18
CA THR A 65 -1.55 -7.43 -9.35
C THR A 65 -0.89 -6.21 -9.97
N TYR A 66 -0.35 -5.34 -9.12
CA TYR A 66 0.30 -4.13 -9.57
C TYR A 66 1.37 -3.70 -8.57
N TRP A 67 2.46 -3.13 -9.05
CA TRP A 67 3.52 -2.64 -8.19
C TRP A 67 3.34 -1.17 -7.93
N VAL A 68 3.10 -0.84 -6.69
CA VAL A 68 2.85 0.54 -6.28
C VAL A 68 3.99 0.98 -5.38
N HIS A 69 3.92 2.20 -4.89
CA HIS A 69 4.88 2.68 -3.89
C HIS A 69 4.28 2.55 -2.49
N TRP A 70 5.06 2.00 -1.56
CA TRP A 70 4.62 1.81 -0.18
C TRP A 70 3.89 3.02 0.40
N HIS A 71 4.50 4.18 0.27
CA HIS A 71 4.06 5.38 1.01
C HIS A 71 2.74 5.95 0.53
N MET A 72 2.10 5.35 -0.48
CA MET A 72 0.88 5.95 -1.04
C MET A 72 -0.39 5.11 -0.77
N LEU A 73 -0.29 4.10 0.08
CA LEU A 73 -1.48 3.35 0.49
C LEU A 73 -1.57 3.21 2.01
N GLU A 74 -2.79 2.94 2.48
CA GLU A 74 -3.04 2.79 3.90
C GLU A 74 -3.39 1.34 4.22
N ILE A 75 -3.19 0.96 5.47
CA ILE A 75 -3.48 -0.39 5.90
C ILE A 75 -4.94 -0.53 6.29
N LEU A 76 -5.63 -1.47 5.63
CA LEU A 76 -6.99 -1.83 6.01
C LEU A 76 -7.00 -3.10 6.85
N GLY A 77 -5.84 -3.79 6.81
CA GLY A 77 -5.67 -5.00 7.59
C GLY A 77 -6.65 -6.09 7.19
N PHE A 78 -7.12 -6.83 8.17
CA PHE A 78 -8.14 -7.83 7.94
C PHE A 78 -9.44 -7.41 8.62
N GLU A 79 -9.51 -6.14 8.96
CA GLU A 79 -10.75 -5.56 9.49
C GLU A 79 -11.80 -5.48 8.39
N GLU A 80 -11.33 -5.34 7.16
CA GLU A 80 -12.20 -5.31 6.00
C GLU A 80 -12.40 -6.72 5.45
#